data_5AVM
#
_entry.id   5AVM
#
_cell.length_a   142.328
_cell.length_b   142.630
_cell.length_c   218.616
_cell.angle_alpha   90.00
_cell.angle_beta   90.00
_cell.angle_gamma   90.00
#
_symmetry.space_group_name_H-M   'P 21 21 2'
#
loop_
_entity.id
_entity.type
_entity.pdbx_description
1 polymer 'Phosphoribosylformylglycinamidine cyclo-ligase'
2 non-polymer 'SULFATE ION'
3 water water
#
_entity_poly.entity_id   1
_entity_poly.type   'polypeptide(L)'
_entity_poly.pdbx_seq_one_letter_code
;MRYEEAGVHIEAKAEALRRAREAIAATYTPEVLRGMGAFGGLYAASRLKALEEPVLVATTDGVGTKTLLALEAGDVSGLG
FDLVNHSVNDLLAQGAEPLFFLDYLAASHLDEGVLAALLASLAEACRAHGIPLLGGETAEMPGVYREGAWDIAGTLVGVV
ERSRILGPERVREGDALLALPSSGPHTNGYSLIRKVVAGQDLSAPVPELGESLKEALLRPHRAYLKEFRLLWEAGVELHA
AAHITGGGLPENLPRALPPGLGAEVRRGSWPIPPVFPYLQRLGGIPEEEMYRVFNMGLGMVLVLPQEAAEEALKLVEGFL
VGRVVPGEGVRLV
;
_entity_poly.pdbx_strand_id   A,B,C,D,E,F,G,H
#
# COMPACT_ATOMS: atom_id res chain seq x y z
N GLU A 53 31.53 28.31 18.19
CA GLU A 53 31.80 26.89 17.77
C GLU A 53 31.30 26.57 16.36
N PRO A 54 32.21 26.29 15.42
CA PRO A 54 31.86 25.96 14.04
C PRO A 54 31.09 24.65 13.97
N VAL A 55 30.12 24.57 13.06
CA VAL A 55 29.33 23.36 12.93
C VAL A 55 29.89 22.45 11.83
N LEU A 56 30.86 22.98 11.08
CA LEU A 56 31.50 22.27 9.97
C LEU A 56 32.93 21.85 10.28
N VAL A 57 33.45 20.93 9.49
CA VAL A 57 34.80 20.47 9.65
C VAL A 57 35.62 20.84 8.42
N ALA A 58 36.92 21.02 8.59
CA ALA A 58 37.77 21.41 7.49
C ALA A 58 39.20 20.96 7.71
N THR A 59 39.96 20.89 6.62
CA THR A 59 41.33 20.48 6.74
C THR A 59 42.11 21.04 5.56
N THR A 60 43.33 21.47 5.82
CA THR A 60 44.20 21.96 4.77
C THR A 60 45.18 20.80 4.61
N ASP A 61 45.70 20.63 3.40
CA ASP A 61 46.65 19.56 3.13
C ASP A 61 47.57 20.00 2.01
N GLY A 62 48.64 19.23 1.81
CA GLY A 62 49.59 19.52 0.76
C GLY A 62 49.96 18.20 0.12
N VAL A 63 50.52 18.25 -1.10
CA VAL A 63 50.91 17.04 -1.82
C VAL A 63 52.28 16.50 -1.45
N GLY A 64 53.17 17.40 -1.01
CA GLY A 64 54.51 16.97 -0.65
C GLY A 64 55.42 17.00 -1.86
N THR A 65 56.63 16.46 -1.73
CA THR A 65 57.60 16.47 -2.84
C THR A 65 57.24 15.55 -3.99
N LYS A 66 56.12 14.84 -3.89
CA LYS A 66 55.68 13.97 -4.97
C LYS A 66 55.56 14.90 -6.18
N THR A 67 55.24 16.15 -5.87
CA THR A 67 55.09 17.20 -6.88
C THR A 67 56.36 17.32 -7.71
N LEU A 68 57.50 17.27 -7.02
CA LEU A 68 58.79 17.38 -7.70
C LEU A 68 59.08 16.20 -8.64
N LEU A 69 58.69 15.01 -8.24
CA LEU A 69 58.88 13.80 -9.05
C LEU A 69 58.00 13.90 -10.28
N ALA A 70 56.75 14.31 -10.08
CA ALA A 70 55.79 14.45 -11.18
C ALA A 70 56.28 15.48 -12.19
N LEU A 71 56.80 16.60 -11.69
CA LEU A 71 57.33 17.65 -12.55
C LEU A 71 58.52 17.11 -13.34
N GLU A 72 59.44 16.49 -12.62
CA GLU A 72 60.64 15.91 -13.21
C GLU A 72 60.31 14.84 -14.24
N ALA A 73 59.32 14.00 -13.93
CA ALA A 73 58.92 12.92 -14.84
C ALA A 73 58.03 13.43 -15.95
N GLY A 74 57.71 14.72 -15.91
CA GLY A 74 56.88 15.30 -16.95
C GLY A 74 55.42 14.92 -16.90
N ASP A 75 54.87 14.76 -15.70
CA ASP A 75 53.48 14.40 -15.58
C ASP A 75 52.86 14.85 -14.26
N VAL A 76 51.96 15.83 -14.36
CA VAL A 76 51.26 16.36 -13.20
C VAL A 76 49.78 16.09 -13.44
N SER A 77 49.51 15.14 -14.31
CA SER A 77 48.15 14.73 -14.66
C SER A 77 47.30 14.33 -13.46
N GLY A 78 47.94 13.67 -12.50
CA GLY A 78 47.20 13.20 -11.34
C GLY A 78 47.48 13.89 -10.02
N LEU A 79 48.15 15.04 -10.03
CA LEU A 79 48.42 15.71 -8.77
C LEU A 79 47.17 16.27 -8.12
N GLY A 80 46.14 16.55 -8.92
CA GLY A 80 44.90 17.06 -8.39
C GLY A 80 44.22 15.96 -7.61
N PHE A 81 44.27 14.75 -8.15
CA PHE A 81 43.67 13.58 -7.50
C PHE A 81 44.43 13.31 -6.21
N ASP A 82 45.74 13.45 -6.26
CA ASP A 82 46.57 13.26 -5.07
C ASP A 82 46.14 14.23 -3.97
N LEU A 83 46.06 15.52 -4.30
CA LEU A 83 45.68 16.54 -3.33
C LEU A 83 44.27 16.35 -2.76
N VAL A 84 43.26 16.41 -3.64
CA VAL A 84 41.87 16.24 -3.22
C VAL A 84 41.66 14.94 -2.45
N ASN A 85 42.14 13.83 -2.99
CA ASN A 85 41.97 12.52 -2.35
C ASN A 85 42.57 12.45 -0.94
N HIS A 86 43.74 13.05 -0.75
CA HIS A 86 44.38 13.06 0.56
C HIS A 86 43.49 13.82 1.55
N SER A 87 42.93 14.93 1.10
CA SER A 87 42.06 15.76 1.92
C SER A 87 40.77 15.05 2.27
N VAL A 88 40.18 14.38 1.28
CA VAL A 88 38.94 13.67 1.51
C VAL A 88 39.11 12.57 2.54
N ASN A 89 40.20 11.82 2.46
CA ASN A 89 40.43 10.73 3.42
C ASN A 89 40.64 11.24 4.83
N ASP A 90 41.27 12.41 4.97
CA ASP A 90 41.51 12.99 6.28
C ASP A 90 40.19 13.31 6.96
N LEU A 91 39.21 13.77 6.21
CA LEU A 91 37.90 14.10 6.77
C LEU A 91 37.02 12.89 7.01
N LEU A 92 37.14 11.87 6.15
CA LEU A 92 36.34 10.65 6.29
C LEU A 92 36.69 9.93 7.58
N ALA A 93 37.96 10.03 7.97
CA ALA A 93 38.45 9.40 9.18
C ALA A 93 37.76 9.98 10.41
N GLN A 94 37.19 11.17 10.27
CA GLN A 94 36.47 11.85 11.35
C GLN A 94 34.97 11.66 11.17
N GLY A 95 34.59 11.05 10.05
CA GLY A 95 33.20 10.80 9.72
C GLY A 95 32.55 11.92 8.93
N ALA A 96 33.37 12.80 8.35
CA ALA A 96 32.84 13.93 7.60
C ALA A 96 32.60 13.72 6.11
N GLU A 97 31.43 14.17 5.66
CA GLU A 97 31.06 14.09 4.25
C GLU A 97 31.65 15.36 3.62
N PRO A 98 32.39 15.22 2.51
CA PRO A 98 32.99 16.37 1.82
C PRO A 98 31.97 17.32 1.24
N LEU A 99 32.23 18.62 1.37
CA LEU A 99 31.32 19.65 0.84
C LEU A 99 31.93 20.42 -0.35
N PHE A 100 33.06 21.10 -0.13
CA PHE A 100 33.70 21.83 -1.22
C PHE A 100 35.21 21.97 -1.05
N PHE A 101 35.90 22.21 -2.17
CA PHE A 101 37.36 22.32 -2.17
C PHE A 101 37.90 23.62 -2.75
N LEU A 102 39.06 24.04 -2.26
CA LEU A 102 39.74 25.25 -2.72
C LEU A 102 41.20 24.90 -2.84
N ASP A 103 41.83 25.36 -3.92
CA ASP A 103 43.23 25.06 -4.11
C ASP A 103 44.13 26.29 -4.08
N TYR A 104 45.37 26.06 -3.67
CA TYR A 104 46.38 27.09 -3.59
C TYR A 104 47.64 26.50 -4.25
N LEU A 105 48.09 27.13 -5.33
CA LEU A 105 49.28 26.67 -6.04
C LEU A 105 50.31 27.80 -6.07
N ALA A 106 51.55 27.50 -5.73
CA ALA A 106 52.62 28.50 -5.74
C ALA A 106 53.83 27.94 -6.48
N ALA A 107 54.66 28.82 -7.02
CA ALA A 107 55.82 28.37 -7.77
C ALA A 107 56.84 29.46 -8.01
N SER A 108 58.05 29.05 -8.39
CA SER A 108 59.12 29.99 -8.71
C SER A 108 58.58 30.75 -9.91
N HIS A 109 57.93 30.01 -10.81
CA HIS A 109 57.34 30.56 -12.00
C HIS A 109 56.16 29.68 -12.41
N LEU A 110 55.02 30.31 -12.67
CA LEU A 110 53.80 29.59 -13.04
C LEU A 110 53.73 29.19 -14.50
N ASP A 111 54.50 28.16 -14.87
CA ASP A 111 54.54 27.64 -16.23
C ASP A 111 53.12 27.45 -16.74
N GLU A 112 52.72 28.23 -17.74
CA GLU A 112 51.38 28.16 -18.32
C GLU A 112 50.94 26.72 -18.62
N GLY A 113 51.89 25.87 -18.98
CA GLY A 113 51.57 24.48 -19.26
C GLY A 113 51.15 23.72 -18.02
N VAL A 114 52.04 23.68 -17.03
CA VAL A 114 51.80 23.00 -15.76
C VAL A 114 50.55 23.52 -15.05
N LEU A 115 50.40 24.84 -15.04
CA LEU A 115 49.26 25.47 -14.38
C LEU A 115 47.92 24.97 -14.91
N ALA A 116 47.83 24.77 -16.23
CA ALA A 116 46.58 24.29 -16.80
C ALA A 116 46.39 22.80 -16.50
N ALA A 117 47.50 22.07 -16.38
CA ALA A 117 47.45 20.63 -16.09
C ALA A 117 46.90 20.44 -14.67
N LEU A 118 47.51 21.13 -13.72
CA LEU A 118 47.10 21.06 -12.32
C LEU A 118 45.64 21.48 -12.11
N LEU A 119 45.26 22.55 -12.80
CA LEU A 119 43.92 23.10 -12.70
C LEU A 119 42.89 22.12 -13.23
N ALA A 120 43.21 21.48 -14.36
CA ALA A 120 42.31 20.52 -14.96
C ALA A 120 42.22 19.29 -14.07
N SER A 121 43.38 18.88 -13.58
CA SER A 121 43.49 17.73 -12.69
C SER A 121 42.62 17.93 -11.47
N LEU A 122 42.84 19.02 -10.74
CA LEU A 122 42.07 19.33 -9.54
C LEU A 122 40.57 19.29 -9.80
N ALA A 123 40.15 19.84 -10.93
CA ALA A 123 38.73 19.89 -11.30
C ALA A 123 38.16 18.48 -11.50
N GLU A 124 38.87 17.62 -12.22
CA GLU A 124 38.41 16.26 -12.44
C GLU A 124 38.32 15.54 -11.11
N ALA A 125 39.34 15.72 -10.28
CA ALA A 125 39.39 15.10 -8.96
C ALA A 125 38.13 15.46 -8.18
N CYS A 126 37.79 16.75 -8.15
CA CYS A 126 36.62 17.25 -7.44
C CYS A 126 35.34 16.75 -8.06
N ARG A 127 35.31 16.73 -9.39
CA ARG A 127 34.15 16.24 -10.13
C ARG A 127 33.87 14.78 -9.79
N ALA A 128 34.94 13.99 -9.69
CA ALA A 128 34.82 12.57 -9.38
C ALA A 128 34.10 12.30 -8.05
N HIS A 129 34.30 13.19 -7.07
CA HIS A 129 33.67 13.03 -5.78
C HIS A 129 32.37 13.81 -5.67
N GLY A 130 32.00 14.49 -6.75
CA GLY A 130 30.78 15.26 -6.76
C GLY A 130 30.81 16.50 -5.89
N ILE A 131 32.00 17.05 -5.67
CA ILE A 131 32.08 18.27 -4.86
C ILE A 131 32.57 19.44 -5.69
N PRO A 132 32.17 20.65 -5.32
CA PRO A 132 32.57 21.86 -6.04
C PRO A 132 34.01 22.33 -5.77
N LEU A 133 34.71 22.72 -6.82
CA LEU A 133 36.05 23.28 -6.62
C LEU A 133 35.65 24.77 -6.55
N LEU A 134 35.26 25.19 -5.35
CA LEU A 134 34.80 26.54 -5.11
C LEU A 134 35.76 27.64 -5.58
N GLY A 135 36.77 27.93 -4.77
CA GLY A 135 37.71 28.97 -5.14
C GLY A 135 39.11 28.43 -5.33
N GLY A 136 40.06 29.35 -5.50
CA GLY A 136 41.44 28.95 -5.70
C GLY A 136 42.32 30.18 -5.71
N GLU A 137 43.63 29.98 -5.58
CA GLU A 137 44.55 31.09 -5.58
C GLU A 137 45.82 30.59 -6.22
N THR A 138 46.58 31.51 -6.79
CA THR A 138 47.82 31.14 -7.44
C THR A 138 48.89 32.13 -7.06
N ALA A 139 50.10 31.62 -6.85
CA ALA A 139 51.22 32.47 -6.47
C ALA A 139 52.48 32.18 -7.27
N GLU A 140 53.19 33.26 -7.61
CA GLU A 140 54.45 33.17 -8.33
C GLU A 140 55.45 33.93 -7.49
N MET A 141 56.36 33.19 -6.85
CA MET A 141 57.36 33.80 -5.99
C MET A 141 58.74 33.19 -6.16
N PRO A 142 59.46 33.57 -7.24
CA PRO A 142 60.81 33.06 -7.53
C PRO A 142 61.79 33.33 -6.39
N GLY A 143 61.39 34.20 -5.46
CA GLY A 143 62.23 34.51 -4.33
C GLY A 143 61.98 33.53 -3.19
N VAL A 144 60.85 32.82 -3.29
CA VAL A 144 60.46 31.86 -2.26
C VAL A 144 60.73 30.41 -2.66
N TYR A 145 60.48 30.11 -3.94
CA TYR A 145 60.67 28.77 -4.47
C TYR A 145 61.95 28.59 -5.26
N ARG A 146 62.53 27.40 -5.14
CA ARG A 146 63.73 27.07 -5.88
C ARG A 146 63.23 26.94 -7.30
N GLU A 147 64.08 27.25 -8.27
CA GLU A 147 63.67 27.17 -9.67
C GLU A 147 63.01 25.85 -10.02
N GLY A 148 61.86 25.94 -10.68
CA GLY A 148 61.13 24.74 -11.07
C GLY A 148 60.27 24.15 -9.94
N ALA A 149 60.53 24.60 -8.72
CA ALA A 149 59.79 24.09 -7.57
C ALA A 149 58.36 24.63 -7.52
N TRP A 150 57.44 23.74 -7.13
CA TRP A 150 56.02 24.06 -7.00
C TRP A 150 55.55 23.46 -5.69
N ASP A 151 54.36 23.87 -5.26
CA ASP A 151 53.74 23.32 -4.07
C ASP A 151 52.25 23.34 -4.30
N ILE A 152 51.65 22.15 -4.22
CA ILE A 152 50.22 21.99 -4.43
C ILE A 152 49.54 21.89 -3.07
N ALA A 153 48.77 22.90 -2.71
CA ALA A 153 48.07 22.88 -1.44
C ALA A 153 46.58 23.18 -1.67
N GLY A 154 45.77 22.88 -0.66
CA GLY A 154 44.34 23.12 -0.78
C GLY A 154 43.62 22.90 0.53
N THR A 155 42.34 23.24 0.53
CA THR A 155 41.49 23.12 1.72
C THR A 155 40.18 22.46 1.35
N LEU A 156 39.81 21.42 2.10
CA LEU A 156 38.55 20.73 1.87
C LEU A 156 37.68 20.98 3.10
N VAL A 157 36.42 21.31 2.87
CA VAL A 157 35.49 21.55 3.95
C VAL A 157 34.50 20.39 3.94
N GLY A 158 34.07 19.97 5.13
CA GLY A 158 33.13 18.88 5.23
C GLY A 158 32.24 19.06 6.43
N VAL A 159 31.33 18.10 6.65
CA VAL A 159 30.41 18.16 7.77
C VAL A 159 30.15 16.77 8.35
N VAL A 160 30.04 16.68 9.67
CA VAL A 160 29.80 15.41 10.35
C VAL A 160 28.37 15.29 10.87
N GLU A 161 27.69 14.21 10.49
CA GLU A 161 26.33 13.95 10.91
C GLU A 161 26.37 12.90 11.99
N ARG A 162 25.43 12.98 12.93
CA ARG A 162 25.38 12.05 14.06
C ARG A 162 25.55 10.57 13.71
N SER A 163 24.92 10.13 12.63
CA SER A 163 24.99 8.73 12.25
C SER A 163 26.37 8.29 11.76
N ARG A 164 27.27 9.26 11.54
CA ARG A 164 28.59 8.93 11.02
C ARG A 164 29.79 9.33 11.87
N ILE A 165 29.64 9.41 13.19
CA ILE A 165 30.79 9.80 14.01
C ILE A 165 31.88 8.71 14.15
N LEU A 166 33.12 9.18 14.30
CA LEU A 166 34.28 8.31 14.45
C LEU A 166 35.25 8.98 15.41
N GLY A 167 35.77 8.21 16.36
CA GLY A 167 36.70 8.77 17.32
C GLY A 167 37.33 7.72 18.21
N PRO A 168 38.43 8.07 18.89
CA PRO A 168 39.12 7.14 19.78
C PRO A 168 38.26 6.59 20.91
N GLU A 169 37.28 7.38 21.34
CA GLU A 169 36.42 6.95 22.46
C GLU A 169 35.42 5.85 22.14
N ARG A 170 35.12 5.65 20.86
CA ARG A 170 34.17 4.63 20.44
C ARG A 170 34.85 3.26 20.28
N VAL A 171 36.18 3.28 20.19
CA VAL A 171 36.95 2.06 20.00
C VAL A 171 36.98 1.19 21.26
N ARG A 172 36.71 -0.09 21.05
CA ARG A 172 36.70 -1.07 22.12
C ARG A 172 37.77 -2.13 21.90
N GLU A 173 38.33 -2.61 23.00
CA GLU A 173 39.34 -3.65 22.96
C GLU A 173 38.67 -4.86 22.29
N GLY A 174 39.34 -5.48 21.33
CA GLY A 174 38.74 -6.62 20.68
C GLY A 174 38.20 -6.28 19.31
N ASP A 175 38.11 -4.98 19.00
CA ASP A 175 37.63 -4.55 17.70
C ASP A 175 38.57 -5.08 16.63
N ALA A 176 38.04 -5.26 15.43
CA ALA A 176 38.83 -5.73 14.31
C ALA A 176 39.38 -4.51 13.57
N LEU A 177 40.52 -4.69 12.91
CA LEU A 177 41.10 -3.60 12.14
C LEU A 177 40.89 -3.96 10.67
N LEU A 178 40.12 -3.14 9.96
CA LEU A 178 39.85 -3.38 8.54
C LEU A 178 40.62 -2.39 7.70
N ALA A 179 41.54 -2.90 6.89
CA ALA A 179 42.35 -2.04 6.05
C ALA A 179 41.79 -1.92 4.64
N LEU A 180 41.77 -0.70 4.12
CA LEU A 180 41.34 -0.46 2.76
C LEU A 180 42.67 -0.29 2.02
N PRO A 181 42.84 -1.00 0.89
CA PRO A 181 44.06 -0.97 0.07
C PRO A 181 44.48 0.35 -0.58
N SER A 182 45.77 0.67 -0.47
CA SER A 182 46.32 1.89 -1.06
C SER A 182 46.71 1.57 -2.50
N SER A 183 46.97 2.60 -3.28
CA SER A 183 47.34 2.46 -4.68
C SER A 183 48.85 2.55 -4.87
N GLY A 184 49.57 2.75 -3.78
CA GLY A 184 51.01 2.90 -3.86
C GLY A 184 51.44 3.78 -2.70
N PRO A 185 52.58 4.49 -2.81
CA PRO A 185 53.03 5.35 -1.71
C PRO A 185 52.07 6.49 -1.39
N HIS A 186 51.17 6.78 -2.32
CA HIS A 186 50.19 7.85 -2.14
C HIS A 186 50.86 9.24 -2.15
N THR A 187 50.85 9.91 -1.01
CA THR A 187 51.44 11.26 -0.92
C THR A 187 52.42 11.45 0.24
N ASN A 188 53.11 10.39 0.64
CA ASN A 188 54.07 10.46 1.74
C ASN A 188 55.25 9.55 1.46
N GLY A 189 56.45 10.01 1.79
CA GLY A 189 57.64 9.21 1.57
C GLY A 189 58.36 9.47 0.25
N TYR A 190 57.94 10.51 -0.47
CA TYR A 190 58.58 10.82 -1.74
C TYR A 190 59.94 11.46 -1.57
N SER A 191 60.23 11.92 -0.36
CA SER A 191 61.52 12.51 -0.08
C SER A 191 62.50 11.33 -0.22
N LEU A 192 62.17 10.23 0.46
CA LEU A 192 62.98 9.02 0.39
C LEU A 192 62.91 8.42 -1.01
N ILE A 193 61.70 8.33 -1.54
CA ILE A 193 61.50 7.76 -2.87
C ILE A 193 62.47 8.38 -3.86
N ARG A 194 62.29 9.68 -4.13
CA ARG A 194 63.13 10.40 -5.09
C ARG A 194 64.64 10.22 -4.94
N LYS A 195 65.13 10.01 -3.72
CA LYS A 195 66.55 9.81 -3.52
C LYS A 195 66.95 8.39 -3.86
N VAL A 196 66.00 7.47 -3.71
CA VAL A 196 66.23 6.07 -4.00
C VAL A 196 66.18 5.78 -5.50
N VAL A 197 65.35 6.50 -6.24
CA VAL A 197 65.24 6.30 -7.68
C VAL A 197 66.12 7.28 -8.48
N ALA A 198 66.83 8.16 -7.79
CA ALA A 198 67.69 9.11 -8.46
C ALA A 198 68.62 8.38 -9.43
N GLY A 199 68.72 8.90 -10.65
CA GLY A 199 69.58 8.29 -11.65
C GLY A 199 68.84 7.26 -12.47
N GLN A 200 67.69 6.81 -11.95
CA GLN A 200 66.89 5.81 -12.66
C GLN A 200 66.11 6.38 -13.84
N ASP A 201 65.65 5.47 -14.69
CA ASP A 201 64.85 5.82 -15.86
C ASP A 201 63.42 5.67 -15.42
N LEU A 202 62.76 6.77 -15.10
CA LEU A 202 61.37 6.72 -14.64
C LEU A 202 60.43 6.16 -15.69
N SER A 203 60.94 5.92 -16.89
CA SER A 203 60.11 5.39 -17.97
C SER A 203 60.48 3.98 -18.38
N ALA A 204 61.51 3.44 -17.75
CA ALA A 204 61.97 2.09 -18.05
C ALA A 204 61.08 1.06 -17.37
N PRO A 205 60.18 0.43 -18.13
CA PRO A 205 59.30 -0.56 -17.53
C PRO A 205 60.05 -1.59 -16.69
N VAL A 206 59.50 -1.87 -15.51
CA VAL A 206 60.10 -2.84 -14.60
C VAL A 206 59.28 -4.13 -14.71
N PRO A 207 59.93 -5.28 -14.53
CA PRO A 207 59.21 -6.56 -14.62
C PRO A 207 58.19 -6.79 -13.50
N GLU A 208 58.64 -6.67 -12.26
CA GLU A 208 57.80 -6.87 -11.09
C GLU A 208 56.59 -5.95 -11.06
N LEU A 209 56.84 -4.65 -11.15
CA LEU A 209 55.78 -3.65 -11.12
C LEU A 209 54.81 -3.74 -12.29
N GLY A 210 55.26 -4.31 -13.41
CA GLY A 210 54.39 -4.42 -14.58
C GLY A 210 54.21 -3.08 -15.29
N GLU A 211 55.09 -2.14 -14.97
CA GLU A 211 55.05 -0.80 -15.53
C GLU A 211 56.35 -0.12 -15.12
N SER A 212 56.47 1.18 -15.36
CA SER A 212 57.68 1.92 -15.01
C SER A 212 57.61 2.46 -13.59
N LEU A 213 58.65 3.17 -13.17
CA LEU A 213 58.67 3.78 -11.85
C LEU A 213 57.65 4.93 -11.84
N LYS A 214 57.59 5.65 -12.95
CA LYS A 214 56.68 6.79 -13.09
C LYS A 214 55.22 6.41 -12.93
N GLU A 215 54.85 5.24 -13.45
CA GLU A 215 53.47 4.78 -13.37
C GLU A 215 53.19 4.18 -12.01
N ALA A 216 54.18 3.51 -11.44
CA ALA A 216 54.03 2.90 -10.13
C ALA A 216 54.10 3.97 -9.04
N LEU A 217 54.98 4.95 -9.24
CA LEU A 217 55.15 6.00 -8.25
C LEU A 217 54.18 7.18 -8.39
N LEU A 218 53.71 7.47 -9.60
CA LEU A 218 52.81 8.59 -9.79
C LEU A 218 51.33 8.28 -9.70
N ARG A 219 50.98 7.01 -9.49
CA ARG A 219 49.57 6.66 -9.37
C ARG A 219 49.02 7.49 -8.23
N PRO A 220 47.93 8.25 -8.47
CA PRO A 220 47.31 9.10 -7.46
C PRO A 220 46.93 8.43 -6.15
N HIS A 221 46.93 9.25 -5.09
CA HIS A 221 46.52 8.86 -3.75
C HIS A 221 45.07 8.39 -3.94
N ARG A 222 44.72 7.23 -3.40
CA ARG A 222 43.37 6.70 -3.56
C ARG A 222 42.42 7.25 -2.51
N ALA A 223 41.24 7.70 -2.94
CA ALA A 223 40.24 8.23 -2.00
C ALA A 223 39.26 7.11 -1.70
N TYR A 224 38.82 7.03 -0.45
CA TYR A 224 37.88 5.98 -0.05
C TYR A 224 36.49 6.51 0.24
N LEU A 225 36.02 7.45 -0.59
CA LEU A 225 34.70 8.03 -0.40
C LEU A 225 33.64 7.01 -0.74
N LYS A 226 33.78 6.36 -1.90
CA LYS A 226 32.81 5.37 -2.32
C LYS A 226 32.64 4.26 -1.28
N GLU A 227 33.72 3.89 -0.61
CA GLU A 227 33.69 2.84 0.41
C GLU A 227 32.87 3.31 1.63
N PHE A 228 33.22 4.48 2.18
CA PHE A 228 32.50 5.00 3.33
C PHE A 228 31.04 5.21 3.01
N ARG A 229 30.73 5.65 1.79
CA ARG A 229 29.34 5.85 1.45
C ARG A 229 28.61 4.50 1.52
N LEU A 230 29.18 3.47 0.90
CA LEU A 230 28.57 2.14 0.93
C LEU A 230 28.36 1.67 2.36
N LEU A 231 29.37 1.86 3.18
CA LEU A 231 29.31 1.47 4.58
C LEU A 231 28.27 2.31 5.33
N TRP A 232 28.29 3.63 5.13
CA TRP A 232 27.33 4.50 5.80
C TRP A 232 25.92 4.10 5.37
N GLU A 233 25.71 4.03 4.06
CA GLU A 233 24.41 3.68 3.50
C GLU A 233 23.86 2.34 4.01
N ALA A 234 24.75 1.42 4.35
CA ALA A 234 24.36 0.09 4.84
C ALA A 234 24.28 0.07 6.37
N GLY A 235 24.59 1.21 6.98
CA GLY A 235 24.53 1.33 8.42
C GLY A 235 25.53 0.50 9.21
N VAL A 236 26.65 0.15 8.59
CA VAL A 236 27.67 -0.65 9.27
C VAL A 236 28.26 0.12 10.45
N GLU A 237 28.43 -0.55 11.59
CA GLU A 237 28.97 0.07 12.78
C GLU A 237 30.46 0.27 12.64
N LEU A 238 30.91 1.51 12.81
CA LEU A 238 32.33 1.84 12.72
C LEU A 238 32.66 2.67 13.95
N HIS A 239 33.80 2.41 14.56
CA HIS A 239 34.18 3.13 15.76
C HIS A 239 35.17 4.27 15.49
N ALA A 240 36.19 3.97 14.67
CA ALA A 240 37.21 4.96 14.35
C ALA A 240 37.85 4.59 13.02
N ALA A 241 38.72 5.48 12.54
CA ALA A 241 39.41 5.26 11.29
C ALA A 241 40.74 6.02 11.31
N ALA A 242 41.74 5.48 10.62
CA ALA A 242 43.04 6.13 10.56
C ALA A 242 43.46 6.23 9.12
N HIS A 243 43.79 7.43 8.67
CA HIS A 243 44.24 7.62 7.31
C HIS A 243 45.76 7.43 7.39
N ILE A 244 46.30 6.49 6.64
CA ILE A 244 47.73 6.20 6.72
C ILE A 244 48.59 7.11 5.85
N THR A 245 49.10 8.17 6.47
CA THR A 245 49.91 9.16 5.79
C THR A 245 51.31 9.29 6.41
N GLY A 246 51.79 10.50 6.64
CA GLY A 246 53.10 10.68 7.21
C GLY A 246 53.34 9.83 8.44
N GLY A 247 54.41 9.04 8.45
CA GLY A 247 54.72 8.20 9.58
C GLY A 247 54.11 6.80 9.50
N GLY A 248 53.42 6.54 8.39
CA GLY A 248 52.80 5.24 8.19
C GLY A 248 51.90 4.76 9.30
N LEU A 249 51.82 3.43 9.43
CA LEU A 249 51.01 2.74 10.43
C LEU A 249 51.30 3.03 11.91
N PRO A 250 52.57 2.93 12.33
CA PRO A 250 52.98 3.18 13.72
C PRO A 250 52.60 4.53 14.30
N GLU A 251 52.40 5.50 13.42
CA GLU A 251 52.06 6.85 13.84
C GLU A 251 50.59 7.19 13.67
N ASN A 252 50.00 6.75 12.56
CA ASN A 252 48.61 7.07 12.27
C ASN A 252 47.55 6.19 12.89
N LEU A 253 47.80 4.89 13.00
CA LEU A 253 46.79 4.04 13.60
C LEU A 253 46.57 4.35 15.09
N PRO A 254 47.63 4.72 15.84
CA PRO A 254 47.49 5.03 17.27
C PRO A 254 46.62 6.27 17.52
N ARG A 255 46.56 7.17 16.54
CA ARG A 255 45.79 8.40 16.68
C ARG A 255 44.29 8.14 16.74
N ALA A 256 43.88 6.91 16.42
CA ALA A 256 42.47 6.53 16.44
C ALA A 256 42.20 5.49 17.53
N LEU A 257 43.13 5.34 18.47
CA LEU A 257 42.96 4.37 19.54
C LEU A 257 42.93 5.05 20.90
N PRO A 258 41.95 4.69 21.73
CA PRO A 258 41.82 5.27 23.07
C PRO A 258 42.97 4.89 23.99
N PRO A 259 43.18 5.67 25.07
CA PRO A 259 44.23 5.46 26.07
C PRO A 259 44.25 4.04 26.63
N GLY A 260 45.38 3.37 26.51
CA GLY A 260 45.48 2.02 27.02
C GLY A 260 45.11 0.95 26.01
N LEU A 261 45.09 1.31 24.74
CA LEU A 261 44.78 0.34 23.69
C LEU A 261 45.74 0.48 22.52
N GLY A 262 46.29 -0.66 22.09
CA GLY A 262 47.21 -0.68 20.97
C GLY A 262 46.63 -1.55 19.88
N ALA A 263 47.44 -1.85 18.88
CA ALA A 263 46.98 -2.68 17.77
C ALA A 263 48.06 -3.66 17.27
N GLU A 264 47.62 -4.85 16.90
CA GLU A 264 48.52 -5.88 16.39
C GLU A 264 48.05 -6.19 14.96
N VAL A 265 48.96 -6.06 14.01
CA VAL A 265 48.64 -6.31 12.60
C VAL A 265 49.36 -7.56 12.05
N ARG A 266 48.63 -8.35 11.26
CA ARG A 266 49.17 -9.58 10.68
C ARG A 266 49.91 -9.36 9.37
N ARG A 267 51.21 -9.65 9.38
CA ARG A 267 52.05 -9.53 8.19
C ARG A 267 51.47 -10.46 7.14
N GLY A 268 51.43 -9.99 5.89
CA GLY A 268 50.89 -10.81 4.82
C GLY A 268 49.37 -10.87 4.82
N SER A 269 48.75 -10.13 5.73
CA SER A 269 47.30 -10.11 5.83
C SER A 269 46.62 -9.24 4.78
N TRP A 270 47.40 -8.37 4.14
CA TRP A 270 46.90 -7.48 3.10
C TRP A 270 47.95 -7.34 1.99
N PRO A 271 47.50 -7.05 0.75
CA PRO A 271 48.41 -6.90 -0.39
C PRO A 271 49.33 -5.67 -0.30
N ILE A 272 50.62 -5.87 -0.55
CA ILE A 272 51.59 -4.78 -0.51
C ILE A 272 51.98 -4.43 -1.95
N PRO A 273 51.60 -3.22 -2.42
CA PRO A 273 51.90 -2.75 -3.78
C PRO A 273 53.34 -3.06 -4.22
N PRO A 274 53.50 -3.62 -5.43
CA PRO A 274 54.76 -4.02 -6.07
C PRO A 274 55.93 -3.05 -5.97
N VAL A 275 55.64 -1.75 -6.05
CA VAL A 275 56.71 -0.76 -5.99
C VAL A 275 57.34 -0.66 -4.61
N PHE A 276 56.58 -0.95 -3.56
CA PHE A 276 57.09 -0.87 -2.19
C PHE A 276 58.29 -1.76 -1.92
N PRO A 277 58.15 -3.08 -2.14
CA PRO A 277 59.32 -3.94 -1.89
C PRO A 277 60.41 -3.68 -2.92
N TYR A 278 60.00 -3.38 -4.16
CA TYR A 278 60.95 -3.11 -5.23
C TYR A 278 61.95 -2.04 -4.83
N LEU A 279 61.43 -0.90 -4.36
CA LEU A 279 62.29 0.21 -3.96
C LEU A 279 62.99 -0.02 -2.62
N GLN A 280 62.47 -0.93 -1.81
CA GLN A 280 63.10 -1.24 -0.53
C GLN A 280 64.45 -1.90 -0.81
N ARG A 281 64.50 -2.61 -1.92
CA ARG A 281 65.70 -3.31 -2.36
C ARG A 281 66.58 -2.31 -3.10
N LEU A 282 65.97 -1.58 -4.02
CA LEU A 282 66.67 -0.58 -4.83
C LEU A 282 67.53 0.31 -3.93
N GLY A 283 67.06 0.54 -2.71
CA GLY A 283 67.82 1.38 -1.79
C GLY A 283 68.16 0.70 -0.48
N GLY A 284 68.02 -0.62 -0.44
CA GLY A 284 68.32 -1.36 0.77
C GLY A 284 67.78 -0.73 2.04
N ILE A 285 66.47 -0.47 2.05
CA ILE A 285 65.83 0.12 3.22
C ILE A 285 65.35 -0.98 4.17
N PRO A 286 65.60 -0.80 5.47
CA PRO A 286 65.20 -1.76 6.50
C PRO A 286 63.68 -1.80 6.58
N GLU A 287 63.13 -2.94 6.98
CA GLU A 287 61.67 -3.06 7.10
C GLU A 287 61.13 -2.00 8.06
N GLU A 288 61.76 -1.90 9.22
CA GLU A 288 61.37 -0.94 10.24
C GLU A 288 61.17 0.42 9.61
N GLU A 289 62.11 0.80 8.74
CA GLU A 289 62.05 2.11 8.09
C GLU A 289 60.91 2.20 7.07
N MET A 290 60.67 1.12 6.35
CA MET A 290 59.59 1.12 5.37
C MET A 290 58.28 1.46 6.05
N TYR A 291 57.94 0.70 7.10
CA TYR A 291 56.70 0.92 7.84
C TYR A 291 56.64 2.25 8.59
N ARG A 292 57.79 2.89 8.78
CA ARG A 292 57.85 4.16 9.48
C ARG A 292 57.60 5.30 8.51
N VAL A 293 57.93 5.07 7.24
CA VAL A 293 57.78 6.09 6.21
C VAL A 293 56.62 5.87 5.25
N PHE A 294 56.44 4.64 4.77
CA PHE A 294 55.38 4.31 3.80
C PHE A 294 54.16 3.59 4.38
N ASN A 295 53.03 3.67 3.67
CA ASN A 295 51.81 3.03 4.14
C ASN A 295 51.82 1.52 3.94
N MET A 296 52.66 1.05 3.01
CA MET A 296 52.82 -0.38 2.72
C MET A 296 51.58 -1.11 2.22
N GLY A 297 50.63 -0.37 1.65
CA GLY A 297 49.43 -1.01 1.16
C GLY A 297 48.25 -0.68 2.05
N LEU A 298 48.52 -0.17 3.24
CA LEU A 298 47.46 0.19 4.18
C LEU A 298 46.98 1.61 3.86
N GLY A 299 46.07 1.72 2.90
CA GLY A 299 45.56 3.02 2.52
C GLY A 299 44.84 3.68 3.68
N MET A 300 43.90 2.95 4.27
CA MET A 300 43.16 3.47 5.40
C MET A 300 42.74 2.29 6.29
N VAL A 301 42.84 2.48 7.61
CA VAL A 301 42.48 1.41 8.53
C VAL A 301 41.27 1.75 9.40
N LEU A 302 40.23 0.91 9.33
CA LEU A 302 39.02 1.08 10.10
C LEU A 302 39.03 0.18 11.33
N VAL A 303 38.54 0.70 12.44
CA VAL A 303 38.46 -0.05 13.68
C VAL A 303 36.96 -0.22 13.90
N LEU A 304 36.48 -1.45 13.75
CA LEU A 304 35.06 -1.74 13.91
C LEU A 304 34.83 -3.10 14.55
N PRO A 305 33.65 -3.31 15.15
CA PRO A 305 33.34 -4.59 15.79
C PRO A 305 33.63 -5.75 14.86
N GLN A 306 34.03 -6.87 15.44
CA GLN A 306 34.37 -8.07 14.67
C GLN A 306 33.25 -8.48 13.70
N GLU A 307 32.00 -8.28 14.09
CA GLU A 307 30.86 -8.63 13.25
C GLU A 307 30.63 -7.64 12.11
N ALA A 308 30.75 -6.35 12.42
CA ALA A 308 30.57 -5.27 11.46
C ALA A 308 31.67 -5.34 10.41
N ALA A 309 32.84 -5.84 10.82
CA ALA A 309 33.98 -5.98 9.91
C ALA A 309 33.69 -7.07 8.89
N GLU A 310 32.99 -8.12 9.32
CA GLU A 310 32.64 -9.24 8.45
C GLU A 310 31.59 -8.85 7.41
N GLU A 311 30.67 -7.97 7.76
CA GLU A 311 29.67 -7.54 6.79
C GLU A 311 30.26 -6.47 5.88
N ALA A 312 31.27 -5.76 6.38
CA ALA A 312 31.93 -4.70 5.60
C ALA A 312 32.68 -5.27 4.40
N LEU A 313 33.27 -6.45 4.56
CA LEU A 313 34.02 -7.07 3.49
C LEU A 313 33.13 -7.55 2.37
N LYS A 314 31.82 -7.56 2.64
CA LYS A 314 30.85 -7.98 1.64
C LYS A 314 30.38 -6.76 0.85
N LEU A 315 30.71 -5.58 1.34
CA LEU A 315 30.32 -4.32 0.69
C LEU A 315 31.45 -3.58 -0.03
N VAL A 316 32.64 -3.64 0.52
CA VAL A 316 33.78 -2.95 -0.06
C VAL A 316 34.98 -3.87 -0.27
N GLU A 317 36.06 -3.34 -0.84
CA GLU A 317 37.27 -4.11 -1.06
C GLU A 317 38.20 -3.81 0.11
N GLY A 318 38.39 -4.77 1.00
CA GLY A 318 39.26 -4.55 2.13
C GLY A 318 39.77 -5.86 2.70
N PHE A 319 40.56 -5.76 3.78
CA PHE A 319 41.13 -6.94 4.40
C PHE A 319 41.14 -6.81 5.91
N LEU A 320 40.97 -7.95 6.60
CA LEU A 320 40.99 -8.00 8.05
C LEU A 320 42.47 -8.18 8.38
N VAL A 321 43.10 -7.11 8.83
CA VAL A 321 44.53 -7.13 9.10
C VAL A 321 44.96 -7.26 10.57
N GLY A 322 44.02 -7.30 11.50
CA GLY A 322 44.40 -7.39 12.89
C GLY A 322 43.28 -7.11 13.88
N ARG A 323 43.66 -6.82 15.12
CA ARG A 323 42.69 -6.57 16.18
C ARG A 323 43.24 -5.60 17.22
N VAL A 324 42.35 -4.90 17.93
CA VAL A 324 42.76 -3.95 18.96
C VAL A 324 43.05 -4.70 20.25
N VAL A 325 44.17 -4.35 20.88
CA VAL A 325 44.59 -5.04 22.10
C VAL A 325 44.96 -4.09 23.23
N PRO A 326 45.06 -4.63 24.46
CA PRO A 326 45.43 -3.79 25.62
C PRO A 326 46.89 -3.44 25.44
N GLY A 327 47.21 -2.15 25.55
CA GLY A 327 48.59 -1.73 25.39
C GLY A 327 48.68 -0.40 24.68
N GLU A 328 49.75 -0.19 23.93
CA GLU A 328 49.92 1.06 23.20
C GLU A 328 50.69 0.82 21.92
N GLY A 329 50.50 1.70 20.95
CA GLY A 329 51.19 1.58 19.68
C GLY A 329 50.75 0.41 18.83
N VAL A 330 51.37 0.29 17.66
CA VAL A 330 51.09 -0.78 16.72
C VAL A 330 52.32 -1.68 16.57
N ARG A 331 52.12 -2.98 16.69
CA ARG A 331 53.21 -3.94 16.58
C ARG A 331 52.90 -4.97 15.51
N LEU A 332 53.86 -5.19 14.61
CA LEU A 332 53.70 -6.16 13.55
C LEU A 332 53.90 -7.55 14.11
N VAL A 333 52.88 -8.39 13.94
CA VAL A 333 52.93 -9.76 14.44
C VAL A 333 52.78 -10.77 13.32
N LEU B 51 17.00 37.03 4.00
CA LEU B 51 16.52 36.27 5.19
C LEU B 51 16.26 34.79 4.85
N GLU B 52 17.06 33.90 5.44
CA GLU B 52 16.93 32.46 5.23
C GLU B 52 17.40 31.90 3.87
N GLU B 53 18.54 32.40 3.38
CA GLU B 53 19.13 31.92 2.14
C GLU B 53 20.65 31.97 2.28
N PRO B 54 21.20 31.28 3.30
CA PRO B 54 22.64 31.26 3.54
C PRO B 54 23.41 30.47 2.50
N VAL B 55 24.51 31.05 2.02
CA VAL B 55 25.35 30.41 1.01
C VAL B 55 26.77 30.34 1.54
N LEU B 56 27.35 29.15 1.55
CA LEU B 56 28.71 29.00 2.00
C LEU B 56 29.65 29.51 0.91
N VAL B 57 30.58 30.36 1.33
CA VAL B 57 31.57 30.91 0.42
C VAL B 57 32.93 30.75 1.09
N ALA B 58 33.99 30.98 0.33
CA ALA B 58 35.33 30.86 0.89
C ALA B 58 36.34 31.42 -0.09
N THR B 59 37.55 31.61 0.42
CA THR B 59 38.64 32.13 -0.37
C THR B 59 39.90 31.54 0.24
N THR B 60 40.95 31.40 -0.56
CA THR B 60 42.22 30.91 -0.07
C THR B 60 43.26 31.92 -0.55
N ASP B 61 44.21 32.28 0.31
CA ASP B 61 45.21 33.30 -0.03
C ASP B 61 46.57 32.97 0.55
N GLY B 62 47.56 33.78 0.19
CA GLY B 62 48.90 33.61 0.70
C GLY B 62 49.42 34.98 1.09
N VAL B 63 50.34 35.04 2.05
CA VAL B 63 50.89 36.32 2.46
C VAL B 63 51.66 36.91 1.28
N GLY B 64 52.48 36.09 0.65
CA GLY B 64 53.26 36.54 -0.49
C GLY B 64 54.71 36.81 -0.13
N THR B 65 55.46 37.42 -1.04
CA THR B 65 56.87 37.72 -0.82
C THR B 65 57.07 38.65 0.37
N LYS B 66 56.01 39.32 0.81
CA LYS B 66 56.12 40.21 1.97
C LYS B 66 56.77 39.43 3.09
N THR B 67 56.55 38.11 3.09
CA THR B 67 57.09 37.21 4.08
C THR B 67 58.60 37.27 4.17
N LEU B 68 59.26 37.34 3.01
CA LEU B 68 60.72 37.42 2.99
C LEU B 68 61.18 38.74 3.59
N LEU B 69 60.45 39.82 3.29
CA LEU B 69 60.78 41.13 3.82
C LEU B 69 60.71 41.12 5.35
N ALA B 70 59.68 40.46 5.88
CA ALA B 70 59.46 40.38 7.33
C ALA B 70 60.54 39.57 8.05
N LEU B 71 60.91 38.42 7.49
CA LEU B 71 61.93 37.60 8.11
C LEU B 71 63.22 38.40 8.18
N GLU B 72 63.63 38.96 7.05
CA GLU B 72 64.84 39.76 6.96
C GLU B 72 64.88 40.83 8.06
N ALA B 73 63.79 41.57 8.18
CA ALA B 73 63.70 42.63 9.19
C ALA B 73 63.54 42.03 10.59
N GLY B 74 63.48 40.70 10.66
CA GLY B 74 63.34 40.02 11.93
C GLY B 74 62.08 40.35 12.73
N ASP B 75 60.93 40.31 12.07
CA ASP B 75 59.67 40.61 12.75
C ASP B 75 58.47 40.11 11.95
N VAL B 76 58.03 38.89 12.24
CA VAL B 76 56.88 38.29 11.56
C VAL B 76 55.58 38.50 12.36
N SER B 77 55.69 39.26 13.44
CA SER B 77 54.57 39.56 14.33
C SER B 77 53.30 40.01 13.63
N GLY B 78 53.45 40.59 12.45
CA GLY B 78 52.30 41.08 11.73
C GLY B 78 51.79 40.19 10.62
N LEU B 79 52.62 39.24 10.19
CA LEU B 79 52.24 38.34 9.11
C LEU B 79 50.90 37.62 9.37
N GLY B 80 50.56 37.42 10.63
CA GLY B 80 49.31 36.76 10.96
C GLY B 80 48.14 37.63 10.56
N PHE B 81 48.27 38.94 10.71
CA PHE B 81 47.19 39.83 10.34
C PHE B 81 47.16 40.03 8.83
N ASP B 82 48.34 40.04 8.20
CA ASP B 82 48.41 40.21 6.76
C ASP B 82 47.59 39.14 6.04
N LEU B 83 47.72 37.90 6.48
CA LEU B 83 46.97 36.80 5.87
C LEU B 83 45.48 36.81 6.19
N VAL B 84 45.17 36.86 7.47
CA VAL B 84 43.78 36.87 7.93
C VAL B 84 43.00 38.06 7.37
N ASN B 85 43.58 39.25 7.48
CA ASN B 85 42.92 40.46 6.98
C ASN B 85 42.74 40.45 5.47
N HIS B 86 43.70 39.87 4.75
CA HIS B 86 43.62 39.77 3.30
C HIS B 86 42.51 38.78 2.97
N SER B 87 42.40 37.73 3.80
CA SER B 87 41.40 36.69 3.63
C SER B 87 40.00 37.25 3.93
N VAL B 88 39.91 38.07 4.97
CA VAL B 88 38.64 38.68 5.35
C VAL B 88 38.11 39.58 4.24
N ASN B 89 39.00 40.36 3.62
CA ASN B 89 38.60 41.28 2.56
C ASN B 89 38.15 40.60 1.28
N ASP B 90 38.82 39.53 0.88
CA ASP B 90 38.42 38.82 -0.34
C ASP B 90 37.01 38.28 -0.20
N LEU B 91 36.60 38.05 1.05
CA LEU B 91 35.27 37.54 1.35
C LEU B 91 34.28 38.71 1.41
N LEU B 92 34.70 39.82 2.02
CA LEU B 92 33.83 40.99 2.12
C LEU B 92 33.46 41.51 0.74
N ALA B 93 34.30 41.23 -0.24
CA ALA B 93 34.04 41.64 -1.62
C ALA B 93 32.87 40.85 -2.19
N GLN B 94 32.66 39.65 -1.66
CA GLN B 94 31.55 38.79 -2.09
C GLN B 94 30.25 39.17 -1.37
N GLY B 95 30.40 39.80 -0.20
CA GLY B 95 29.26 40.21 0.59
C GLY B 95 29.10 39.32 1.82
N ALA B 96 30.12 38.53 2.12
CA ALA B 96 30.04 37.61 3.23
C ALA B 96 30.78 37.97 4.51
N GLU B 97 30.40 37.28 5.60
CA GLU B 97 31.00 37.44 6.92
C GLU B 97 31.80 36.17 7.19
N PRO B 98 32.92 36.29 7.92
CA PRO B 98 33.75 35.11 8.22
C PRO B 98 33.15 34.12 9.20
N LEU B 99 33.39 32.82 8.95
CA LEU B 99 32.90 31.74 9.82
C LEU B 99 34.06 31.05 10.56
N PHE B 100 35.20 30.91 9.89
CA PHE B 100 36.37 30.29 10.50
C PHE B 100 37.58 30.28 9.54
N PHE B 101 38.78 30.21 10.11
CA PHE B 101 40.02 30.22 9.34
C PHE B 101 40.91 29.01 9.68
N LEU B 102 41.76 28.61 8.74
CA LEU B 102 42.72 27.54 8.96
C LEU B 102 43.86 27.78 7.98
N ASP B 103 45.08 27.40 8.34
CA ASP B 103 46.24 27.68 7.50
C ASP B 103 47.22 26.56 7.17
N TYR B 104 48.04 26.80 6.15
CA TYR B 104 49.05 25.85 5.68
C TYR B 104 50.41 26.53 5.58
N LEU B 105 51.26 26.38 6.59
CA LEU B 105 52.59 27.00 6.58
C LEU B 105 53.66 26.04 6.04
N ALA B 106 54.46 26.52 5.09
CA ALA B 106 55.52 25.69 4.49
C ALA B 106 56.83 26.45 4.40
N ALA B 107 57.93 25.80 4.78
CA ALA B 107 59.22 26.46 4.77
C ALA B 107 60.36 25.50 4.47
N SER B 108 61.53 26.07 4.16
CA SER B 108 62.72 25.28 3.90
C SER B 108 62.98 24.55 5.21
N HIS B 109 62.86 25.29 6.31
CA HIS B 109 63.03 24.71 7.62
C HIS B 109 62.15 25.43 8.64
N LEU B 110 61.20 24.68 9.19
CA LEU B 110 60.26 25.20 10.17
C LEU B 110 60.95 25.63 11.46
N ASP B 111 61.63 26.77 11.41
CA ASP B 111 62.34 27.30 12.58
C ASP B 111 61.40 27.38 13.77
N GLU B 112 61.76 26.72 14.87
CA GLU B 112 60.90 26.76 16.07
C GLU B 112 60.59 28.20 16.44
N GLY B 113 61.61 29.06 16.36
CA GLY B 113 61.40 30.45 16.68
C GLY B 113 60.30 31.07 15.85
N VAL B 114 60.58 31.32 14.57
CA VAL B 114 59.62 31.95 13.67
C VAL B 114 58.31 31.17 13.46
N LEU B 115 58.31 29.88 13.75
CA LEU B 115 57.08 29.09 13.60
C LEU B 115 56.11 29.49 14.70
N ALA B 116 56.64 29.60 15.92
CA ALA B 116 55.84 29.98 17.07
C ALA B 116 55.33 31.40 16.95
N ALA B 117 56.18 32.29 16.46
CA ALA B 117 55.82 33.70 16.29
C ALA B 117 54.74 33.88 15.24
N LEU B 118 54.70 32.97 14.27
CA LEU B 118 53.69 33.02 13.22
C LEU B 118 52.38 32.48 13.80
N LEU B 119 52.42 31.28 14.37
CA LEU B 119 51.23 30.70 14.98
C LEU B 119 50.67 31.71 15.97
N ALA B 120 51.57 32.37 16.69
CA ALA B 120 51.17 33.35 17.68
C ALA B 120 50.39 34.49 17.01
N SER B 121 50.92 34.95 15.88
CA SER B 121 50.32 36.05 15.11
C SER B 121 48.94 35.73 14.53
N LEU B 122 48.82 34.55 13.90
CA LEU B 122 47.55 34.15 13.30
C LEU B 122 46.46 34.01 14.35
N ALA B 123 46.81 33.52 15.53
CA ALA B 123 45.84 33.35 16.60
C ALA B 123 45.34 34.72 17.08
N GLU B 124 46.23 35.71 17.07
CA GLU B 124 45.89 37.07 17.49
C GLU B 124 45.00 37.77 16.46
N ALA B 125 45.27 37.51 15.18
CA ALA B 125 44.52 38.12 14.08
C ALA B 125 43.09 37.59 14.00
N CYS B 126 42.94 36.29 14.22
CA CYS B 126 41.62 35.68 14.17
C CYS B 126 40.78 36.11 15.36
N ARG B 127 41.30 35.93 16.57
CA ARG B 127 40.53 36.30 17.73
C ARG B 127 40.26 37.80 17.78
N ALA B 128 41.04 38.56 17.01
CA ALA B 128 40.86 40.02 16.94
C ALA B 128 39.56 40.32 16.19
N HIS B 129 39.16 39.38 15.34
CA HIS B 129 37.94 39.51 14.55
C HIS B 129 36.85 38.58 15.03
N GLY B 130 37.12 37.84 16.11
CA GLY B 130 36.15 36.90 16.63
C GLY B 130 35.92 35.72 15.69
N ILE B 131 36.92 35.44 14.88
CA ILE B 131 36.84 34.35 13.92
C ILE B 131 37.48 33.10 14.50
N PRO B 132 36.72 31.99 14.57
CA PRO B 132 37.24 30.72 15.11
C PRO B 132 38.44 30.26 14.28
N LEU B 133 39.51 29.85 14.94
CA LEU B 133 40.69 29.36 14.23
C LEU B 133 40.74 27.83 14.30
N LEU B 134 40.80 27.20 13.13
CA LEU B 134 40.86 25.74 13.04
C LEU B 134 42.29 25.19 12.97
N GLY B 135 42.45 23.90 13.20
CA GLY B 135 43.78 23.32 13.12
C GLY B 135 44.34 23.43 11.72
N GLY B 136 45.43 24.16 11.57
CA GLY B 136 46.06 24.31 10.27
C GLY B 136 47.19 23.31 10.13
N GLU B 137 47.78 23.23 8.93
CA GLU B 137 48.87 22.29 8.71
C GLU B 137 50.24 22.96 8.58
N THR B 138 51.24 22.12 8.37
CA THR B 138 52.62 22.56 8.26
C THR B 138 53.36 21.63 7.29
N ALA B 139 54.32 22.16 6.56
CA ALA B 139 55.09 21.38 5.61
C ALA B 139 56.53 21.86 5.58
N GLU B 140 57.46 20.91 5.63
CA GLU B 140 58.88 21.21 5.60
C GLU B 140 59.47 20.52 4.37
N MET B 141 59.83 21.33 3.36
CA MET B 141 60.39 20.79 2.13
C MET B 141 61.58 21.62 1.64
N PRO B 142 62.77 21.30 2.16
CA PRO B 142 63.99 22.01 1.77
C PRO B 142 64.32 21.76 0.31
N GLY B 143 63.60 20.84 -0.31
CA GLY B 143 63.82 20.53 -1.71
C GLY B 143 62.96 21.39 -2.61
N VAL B 144 62.03 22.12 -2.00
CA VAL B 144 61.11 23.00 -2.74
C VAL B 144 61.37 24.49 -2.48
N TYR B 145 61.72 24.82 -1.23
CA TYR B 145 61.95 26.19 -0.81
C TYR B 145 63.39 26.67 -0.78
N ARG B 146 63.57 27.97 -1.06
CA ARG B 146 64.88 28.61 -1.02
C ARG B 146 65.25 28.59 0.46
N GLU B 147 66.55 28.57 0.75
CA GLU B 147 67.01 28.55 2.13
C GLU B 147 66.37 29.64 2.95
N GLY B 148 65.89 29.28 4.15
CA GLY B 148 65.28 30.25 5.04
C GLY B 148 63.92 30.80 4.62
N ALA B 149 63.43 30.39 3.46
CA ALA B 149 62.15 30.87 2.95
C ALA B 149 60.93 30.17 3.56
N TRP B 150 59.81 30.88 3.55
CA TRP B 150 58.53 30.41 4.09
C TRP B 150 57.40 30.84 3.16
N ASP B 151 56.29 30.12 3.22
CA ASP B 151 55.11 30.44 2.43
C ASP B 151 53.96 30.35 3.41
N ILE B 152 53.28 31.46 3.62
CA ILE B 152 52.17 31.52 4.55
C ILE B 152 50.87 31.65 3.76
N ALA B 153 50.09 30.58 3.76
CA ALA B 153 48.81 30.56 3.06
C ALA B 153 47.72 30.15 4.02
N GLY B 154 46.47 30.31 3.60
CA GLY B 154 45.36 29.96 4.47
C GLY B 154 44.04 29.96 3.74
N THR B 155 42.97 29.71 4.47
CA THR B 155 41.63 29.69 3.88
C THR B 155 40.61 30.22 4.87
N LEU B 156 39.71 31.10 4.39
CA LEU B 156 38.68 31.66 5.23
C LEU B 156 37.31 31.28 4.67
N VAL B 157 36.48 30.65 5.50
CA VAL B 157 35.14 30.24 5.11
C VAL B 157 34.17 31.26 5.68
N GLY B 158 33.11 31.56 4.96
CA GLY B 158 32.16 32.54 5.43
C GLY B 158 30.75 32.20 5.00
N VAL B 159 29.86 33.17 5.13
CA VAL B 159 28.47 32.94 4.76
C VAL B 159 27.85 34.23 4.28
N VAL B 160 26.91 34.13 3.35
CA VAL B 160 26.23 35.31 2.80
C VAL B 160 24.83 34.91 2.31
N GLU B 161 23.87 35.82 2.42
CA GLU B 161 22.51 35.53 1.95
C GLU B 161 22.58 35.68 0.44
N ARG B 162 22.11 34.67 -0.28
CA ARG B 162 22.15 34.64 -1.74
C ARG B 162 21.80 35.94 -2.44
N SER B 163 20.66 36.52 -2.10
CA SER B 163 20.26 37.75 -2.78
C SER B 163 21.07 38.98 -2.35
N ARG B 164 21.96 38.81 -1.37
CA ARG B 164 22.78 39.94 -0.92
C ARG B 164 24.23 39.78 -1.31
N ILE B 165 24.49 38.89 -2.26
CA ILE B 165 25.84 38.65 -2.76
C ILE B 165 26.22 39.81 -3.67
N LEU B 166 27.38 40.39 -3.42
CA LEU B 166 27.90 41.49 -4.23
C LEU B 166 28.46 40.91 -5.54
N GLY B 167 28.33 41.67 -6.62
CA GLY B 167 28.84 41.20 -7.89
C GLY B 167 28.51 42.13 -9.04
N PRO B 168 29.23 42.02 -10.16
CA PRO B 168 29.04 42.86 -11.35
C PRO B 168 27.61 42.95 -11.89
N GLU B 169 26.86 41.86 -11.80
CA GLU B 169 25.48 41.87 -12.31
C GLU B 169 24.55 42.83 -11.58
N ARG B 170 24.96 43.32 -10.41
CA ARG B 170 24.14 44.26 -9.63
C ARG B 170 24.58 45.68 -9.94
N VAL B 171 25.77 45.80 -10.51
CA VAL B 171 26.33 47.10 -10.86
C VAL B 171 25.57 47.73 -12.05
N ARG B 172 25.20 48.99 -11.88
CA ARG B 172 24.50 49.73 -12.91
C ARG B 172 25.36 50.92 -13.30
N GLU B 173 25.08 51.54 -14.45
CA GLU B 173 25.86 52.69 -14.87
C GLU B 173 25.48 53.90 -14.04
N GLY B 174 26.48 54.57 -13.48
CA GLY B 174 26.22 55.74 -12.67
C GLY B 174 26.58 55.55 -11.21
N ASP B 175 26.98 54.34 -10.84
CA ASP B 175 27.36 54.09 -9.46
C ASP B 175 28.57 54.92 -9.07
N ALA B 176 28.71 55.15 -7.78
CA ALA B 176 29.83 55.89 -7.24
C ALA B 176 30.91 54.88 -6.83
N LEU B 177 32.17 55.29 -6.95
CA LEU B 177 33.27 54.44 -6.56
C LEU B 177 33.76 54.95 -5.21
N LEU B 178 33.51 54.19 -4.16
CA LEU B 178 33.92 54.57 -2.81
C LEU B 178 35.10 53.68 -2.39
N ALA B 179 36.24 54.31 -2.15
CA ALA B 179 37.41 53.57 -1.76
C ALA B 179 37.64 53.67 -0.26
N LEU B 180 38.05 52.56 0.33
CA LEU B 180 38.36 52.50 1.74
C LEU B 180 39.89 52.51 1.73
N PRO B 181 40.52 53.37 2.56
CA PRO B 181 41.97 53.54 2.66
C PRO B 181 42.81 52.34 3.06
N SER B 182 43.85 52.07 2.27
CA SER B 182 44.77 50.98 2.54
C SER B 182 45.74 51.47 3.61
N SER B 183 46.41 50.54 4.28
CA SER B 183 47.34 50.87 5.35
C SER B 183 48.78 50.88 4.86
N GLY B 184 48.95 50.76 3.55
CA GLY B 184 50.29 50.74 3.01
C GLY B 184 50.28 49.76 1.85
N PRO B 185 51.40 49.09 1.59
CA PRO B 185 51.42 48.14 0.47
C PRO B 185 50.52 46.92 0.68
N HIS B 186 50.10 46.70 1.93
CA HIS B 186 49.26 45.56 2.24
C HIS B 186 50.03 44.28 1.96
N THR B 187 49.53 43.43 1.07
CA THR B 187 50.23 42.18 0.78
C THR B 187 50.44 41.82 -0.69
N ASN B 188 50.73 42.82 -1.51
CA ASN B 188 50.99 42.58 -2.91
C ASN B 188 52.04 43.56 -3.39
N GLY B 189 52.95 43.09 -4.25
CA GLY B 189 53.99 43.94 -4.80
C GLY B 189 55.26 44.01 -3.96
N TYR B 190 55.38 43.13 -2.98
CA TYR B 190 56.56 43.16 -2.15
C TYR B 190 57.80 42.61 -2.82
N SER B 191 57.67 42.14 -4.06
CA SER B 191 58.83 41.64 -4.78
C SER B 191 59.52 42.88 -5.38
N LEU B 192 58.70 43.80 -5.86
CA LEU B 192 59.21 45.04 -6.43
C LEU B 192 59.84 45.79 -5.27
N ILE B 193 59.11 45.82 -4.15
CA ILE B 193 59.57 46.49 -2.92
C ILE B 193 60.92 46.00 -2.42
N ARG B 194 61.09 44.68 -2.27
CA ARG B 194 62.34 44.14 -1.77
C ARG B 194 63.52 44.51 -2.67
N LYS B 195 63.24 44.69 -3.95
CA LYS B 195 64.28 45.08 -4.90
C LYS B 195 64.61 46.55 -4.73
N VAL B 196 63.57 47.38 -4.66
CA VAL B 196 63.74 48.82 -4.49
C VAL B 196 64.44 49.21 -3.19
N VAL B 197 64.08 48.57 -2.09
CA VAL B 197 64.69 48.88 -0.80
C VAL B 197 65.94 48.04 -0.50
N ALA B 198 66.29 47.15 -1.42
CA ALA B 198 67.44 46.27 -1.25
C ALA B 198 68.71 47.05 -0.93
N GLY B 199 69.14 46.99 0.32
CA GLY B 199 70.35 47.68 0.73
C GLY B 199 70.15 48.93 1.58
N GLN B 200 68.91 49.27 1.89
CA GLN B 200 68.60 50.44 2.71
C GLN B 200 68.56 50.02 4.17
N ASP B 201 68.54 51.01 5.07
CA ASP B 201 68.46 50.74 6.50
C ASP B 201 66.99 50.76 6.86
N LEU B 202 66.34 49.62 6.66
CA LEU B 202 64.91 49.48 6.92
C LEU B 202 64.53 49.99 8.30
N SER B 203 65.46 49.92 9.24
CA SER B 203 65.21 50.37 10.60
C SER B 203 65.47 51.86 10.83
N ALA B 204 65.97 52.54 9.80
CA ALA B 204 66.27 53.97 9.90
C ALA B 204 65.06 54.83 9.56
N PRO B 205 64.82 55.89 10.35
CA PRO B 205 63.69 56.81 10.15
C PRO B 205 63.74 57.50 8.79
N VAL B 206 62.58 57.74 8.21
CA VAL B 206 62.50 58.41 6.91
C VAL B 206 61.76 59.74 7.10
N PRO B 207 62.25 60.81 6.46
CA PRO B 207 61.58 62.10 6.61
C PRO B 207 60.11 62.06 6.22
N GLU B 208 59.87 62.03 4.92
CA GLU B 208 58.51 62.01 4.36
C GLU B 208 57.54 60.92 4.80
N LEU B 209 57.99 59.97 5.62
CA LEU B 209 57.11 58.88 6.07
C LEU B 209 56.54 59.09 7.46
N GLY B 210 57.35 59.62 8.38
CA GLY B 210 56.90 59.81 9.75
C GLY B 210 57.25 58.58 10.56
N GLU B 211 57.96 57.66 9.91
CA GLU B 211 58.39 56.41 10.51
C GLU B 211 59.44 55.83 9.58
N SER B 212 59.92 54.63 9.90
CA SER B 212 60.95 53.97 9.07
C SER B 212 60.35 53.08 7.97
N LEU B 213 61.24 52.50 7.17
CA LEU B 213 60.78 51.60 6.11
C LEU B 213 60.15 50.36 6.75
N LYS B 214 60.83 49.80 7.74
CA LYS B 214 60.34 48.61 8.44
C LYS B 214 58.88 48.82 8.86
N GLU B 215 58.66 49.89 9.62
CA GLU B 215 57.33 50.23 10.12
C GLU B 215 56.28 50.49 9.04
N ALA B 216 56.67 51.22 8.01
CA ALA B 216 55.75 51.56 6.93
C ALA B 216 55.50 50.43 5.94
N LEU B 217 56.48 49.54 5.77
CA LEU B 217 56.36 48.43 4.83
C LEU B 217 55.78 47.15 5.43
N LEU B 218 55.88 47.03 6.75
CA LEU B 218 55.38 45.86 7.46
C LEU B 218 54.03 46.08 8.14
N ARG B 219 53.48 47.29 8.04
CA ARG B 219 52.17 47.57 8.62
C ARG B 219 51.23 46.55 8.01
N PRO B 220 50.54 45.77 8.84
CA PRO B 220 49.60 44.74 8.39
C PRO B 220 48.54 45.16 7.36
N HIS B 221 48.12 44.19 6.55
CA HIS B 221 47.08 44.37 5.55
C HIS B 221 45.86 44.80 6.37
N ARG B 222 45.16 45.84 5.96
CA ARG B 222 44.00 46.34 6.68
C ARG B 222 42.68 45.61 6.37
N ALA B 223 41.96 45.21 7.42
CA ALA B 223 40.68 44.53 7.28
C ALA B 223 39.55 45.55 7.31
N TYR B 224 38.53 45.34 6.48
CA TYR B 224 37.39 46.25 6.42
C TYR B 224 36.09 45.63 6.93
N LEU B 225 36.23 44.64 7.82
CA LEU B 225 35.06 43.97 8.37
C LEU B 225 34.22 44.95 9.19
N LYS B 226 34.89 45.70 10.07
CA LYS B 226 34.22 46.68 10.92
C LYS B 226 33.43 47.65 10.03
N GLU B 227 34.06 48.11 8.95
CA GLU B 227 33.41 49.03 8.02
C GLU B 227 32.10 48.43 7.51
N PHE B 228 32.23 47.38 6.72
CA PHE B 228 31.08 46.67 6.13
C PHE B 228 29.94 46.46 7.11
N ARG B 229 30.26 46.00 8.32
CA ARG B 229 29.22 45.77 9.30
C ARG B 229 28.45 47.05 9.59
N LEU B 230 29.15 48.17 9.62
CA LEU B 230 28.52 49.45 9.87
C LEU B 230 27.53 49.78 8.76
N LEU B 231 27.89 49.40 7.53
CA LEU B 231 27.03 49.65 6.40
C LEU B 231 25.89 48.63 6.33
N TRP B 232 26.18 47.40 6.74
CA TRP B 232 25.14 46.38 6.73
C TRP B 232 24.08 46.72 7.77
N GLU B 233 24.52 47.04 8.98
CA GLU B 233 23.60 47.36 10.05
C GLU B 233 22.77 48.59 9.72
N ALA B 234 23.27 49.39 8.79
CA ALA B 234 22.59 50.62 8.37
C ALA B 234 21.78 50.43 7.08
N GLY B 235 21.80 49.22 6.53
CA GLY B 235 21.05 48.94 5.31
C GLY B 235 21.48 49.67 4.07
N VAL B 236 22.77 50.00 3.98
CA VAL B 236 23.32 50.71 2.83
C VAL B 236 23.39 49.81 1.60
N GLU B 237 22.80 50.28 0.49
CA GLU B 237 22.80 49.51 -0.76
C GLU B 237 24.18 49.44 -1.41
N LEU B 238 24.74 48.24 -1.46
CA LEU B 238 26.05 48.01 -2.08
C LEU B 238 25.81 47.12 -3.28
N HIS B 239 26.47 47.43 -4.40
CA HIS B 239 26.31 46.62 -5.62
C HIS B 239 27.43 45.63 -5.81
N ALA B 240 28.66 46.14 -5.83
CA ALA B 240 29.83 45.29 -5.99
C ALA B 240 30.96 45.85 -5.12
N ALA B 241 32.10 45.19 -5.14
CA ALA B 241 33.24 45.63 -4.36
C ALA B 241 34.47 44.93 -4.88
N ALA B 242 35.60 45.61 -4.77
CA ALA B 242 36.84 45.04 -5.24
C ALA B 242 37.91 45.21 -4.19
N HIS B 243 38.61 44.12 -3.90
CA HIS B 243 39.71 44.16 -2.96
C HIS B 243 40.87 44.39 -3.91
N ILE B 244 41.64 45.46 -3.69
CA ILE B 244 42.77 45.78 -4.55
C ILE B 244 44.05 45.08 -4.10
N THR B 245 44.26 43.91 -4.68
CA THR B 245 45.39 43.06 -4.38
C THR B 245 46.29 42.95 -5.60
N GLY B 246 46.87 41.78 -5.82
CA GLY B 246 47.76 41.58 -6.95
C GLY B 246 47.18 42.14 -8.23
N GLY B 247 47.96 42.93 -8.96
CA GLY B 247 47.47 43.50 -10.21
C GLY B 247 47.03 44.95 -10.06
N GLY B 248 46.80 45.38 -8.83
CA GLY B 248 46.37 46.74 -8.57
C GLY B 248 44.94 47.05 -8.97
N LEU B 249 44.60 48.34 -8.90
CA LEU B 249 43.29 48.83 -9.25
C LEU B 249 42.87 48.36 -10.64
N PRO B 250 43.76 48.47 -11.65
CA PRO B 250 43.48 48.06 -13.03
C PRO B 250 42.96 46.65 -13.24
N GLU B 251 43.57 45.69 -12.56
CA GLU B 251 43.15 44.30 -12.71
C GLU B 251 41.91 43.97 -11.90
N ASN B 252 41.95 44.32 -10.62
CA ASN B 252 40.87 44.02 -9.69
C ASN B 252 39.54 44.74 -9.82
N LEU B 253 39.53 46.01 -10.20
CA LEU B 253 38.25 46.70 -10.32
C LEU B 253 37.37 46.16 -11.44
N PRO B 254 37.91 46.03 -12.66
CA PRO B 254 37.10 45.51 -13.77
C PRO B 254 36.35 44.20 -13.49
N ARG B 255 36.80 43.45 -12.49
CA ARG B 255 36.19 42.18 -12.11
C ARG B 255 34.80 42.38 -11.50
N ALA B 256 34.66 43.44 -10.73
CA ALA B 256 33.41 43.78 -10.06
C ALA B 256 32.47 44.55 -10.98
N LEU B 257 32.87 44.70 -12.24
CA LEU B 257 32.05 45.42 -13.22
C LEU B 257 31.58 44.56 -14.38
N PRO B 258 30.29 44.65 -14.71
CA PRO B 258 29.68 43.89 -15.80
C PRO B 258 30.16 44.37 -17.14
N PRO B 259 29.90 43.60 -18.21
CA PRO B 259 30.31 43.97 -19.56
C PRO B 259 29.70 45.30 -20.00
N GLY B 260 30.48 46.11 -20.71
CA GLY B 260 30.00 47.39 -21.18
C GLY B 260 30.03 48.50 -20.15
N LEU B 261 30.82 48.28 -19.10
CA LEU B 261 30.94 49.27 -18.04
C LEU B 261 32.38 49.34 -17.52
N GLY B 262 32.97 50.53 -17.61
CA GLY B 262 34.32 50.75 -17.15
C GLY B 262 34.25 51.74 -16.01
N ALA B 263 35.37 52.01 -15.37
CA ALA B 263 35.39 52.95 -14.24
C ALA B 263 36.17 54.22 -14.56
N GLU B 264 35.84 55.29 -13.83
CA GLU B 264 36.49 56.59 -13.98
C GLU B 264 37.01 57.02 -12.62
N VAL B 265 38.33 56.99 -12.45
CA VAL B 265 38.93 57.37 -11.17
C VAL B 265 39.63 58.73 -11.21
N ARG B 266 39.10 59.70 -10.47
CA ARG B 266 39.70 61.03 -10.41
C ARG B 266 40.97 61.01 -9.56
N ARG B 267 42.12 61.36 -10.17
CA ARG B 267 43.39 61.36 -9.45
C ARG B 267 43.36 62.37 -8.32
N GLY B 268 43.88 61.99 -7.16
CA GLY B 268 43.90 62.89 -6.02
C GLY B 268 42.61 62.97 -5.22
N SER B 269 41.67 62.07 -5.48
CA SER B 269 40.40 62.06 -4.77
C SER B 269 40.50 61.23 -3.50
N TRP B 270 41.68 60.68 -3.26
CA TRP B 270 41.92 59.85 -2.09
C TRP B 270 43.38 59.98 -1.63
N PRO B 271 43.63 59.78 -0.33
CA PRO B 271 44.95 59.85 0.29
C PRO B 271 45.85 58.67 -0.11
N ILE B 272 47.04 58.97 -0.61
CA ILE B 272 47.97 57.93 -1.01
C ILE B 272 49.05 57.78 0.06
N PRO B 273 49.19 56.58 0.65
CA PRO B 273 50.24 56.42 1.67
C PRO B 273 51.53 57.02 1.13
N PRO B 274 52.32 57.66 2.00
CA PRO B 274 53.59 58.28 1.59
C PRO B 274 54.68 57.30 1.16
N VAL B 275 54.57 56.06 1.62
CA VAL B 275 55.55 55.03 1.30
C VAL B 275 55.57 54.69 -0.18
N PHE B 276 54.46 54.92 -0.88
CA PHE B 276 54.39 54.61 -2.31
C PHE B 276 55.26 55.51 -3.21
N PRO B 277 54.97 56.82 -3.26
CA PRO B 277 55.78 57.69 -4.11
C PRO B 277 57.25 57.65 -3.72
N TYR B 278 57.51 57.28 -2.47
CA TYR B 278 58.87 57.16 -1.96
C TYR B 278 59.54 55.98 -2.66
N LEU B 279 58.87 54.83 -2.63
CA LEU B 279 59.40 53.64 -3.27
C LEU B 279 59.58 53.98 -4.75
N GLN B 280 58.53 54.53 -5.34
CA GLN B 280 58.53 54.94 -6.73
C GLN B 280 59.78 55.74 -7.08
N ARG B 281 60.03 56.79 -6.31
CA ARG B 281 61.20 57.64 -6.54
C ARG B 281 62.52 56.88 -6.36
N LEU B 282 62.63 56.13 -5.27
CA LEU B 282 63.83 55.36 -4.96
C LEU B 282 64.11 54.32 -6.04
N GLY B 283 63.07 53.63 -6.46
CA GLY B 283 63.21 52.62 -7.49
C GLY B 283 62.99 53.19 -8.87
N GLY B 284 62.73 54.50 -8.93
CA GLY B 284 62.49 55.15 -10.21
C GLY B 284 61.44 54.37 -10.96
N ILE B 285 60.36 54.07 -10.25
CA ILE B 285 59.25 53.28 -10.81
C ILE B 285 58.21 54.19 -11.46
N PRO B 286 57.92 53.93 -12.75
CA PRO B 286 56.92 54.69 -13.52
C PRO B 286 55.53 54.61 -12.90
N GLU B 287 54.71 55.64 -13.12
CA GLU B 287 53.35 55.66 -12.58
C GLU B 287 52.50 54.52 -13.13
N GLU B 288 52.57 54.31 -14.45
CA GLU B 288 51.80 53.25 -15.12
C GLU B 288 52.06 51.89 -14.47
N GLU B 289 53.26 51.75 -13.92
CA GLU B 289 53.67 50.52 -13.25
C GLU B 289 53.30 50.54 -11.77
N MET B 290 53.24 51.73 -11.18
CA MET B 290 52.87 51.85 -9.77
C MET B 290 51.44 51.37 -9.52
N TYR B 291 50.54 51.73 -10.42
CA TYR B 291 49.13 51.35 -10.30
C TYR B 291 48.87 49.92 -10.75
N ARG B 292 49.88 49.31 -11.35
CA ARG B 292 49.78 47.95 -11.86
C ARG B 292 50.32 46.97 -10.81
N VAL B 293 51.12 47.49 -9.88
CA VAL B 293 51.71 46.66 -8.85
C VAL B 293 51.18 46.96 -7.45
N PHE B 294 50.97 48.25 -7.13
CA PHE B 294 50.51 48.65 -5.80
C PHE B 294 49.08 49.15 -5.75
N ASN B 295 48.50 49.12 -4.56
CA ASN B 295 47.12 49.57 -4.39
C ASN B 295 46.97 51.09 -4.38
N MET B 296 48.10 51.79 -4.33
CA MET B 296 48.12 53.26 -4.34
C MET B 296 47.19 53.89 -3.32
N GLY B 297 46.92 53.19 -2.21
CA GLY B 297 46.06 53.71 -1.19
C GLY B 297 44.62 53.22 -1.31
N LEU B 298 44.33 52.48 -2.37
CA LEU B 298 42.99 51.94 -2.59
C LEU B 298 42.93 50.54 -1.99
N GLY B 299 42.52 50.45 -0.73
CA GLY B 299 42.43 49.15 -0.07
C GLY B 299 41.27 48.34 -0.60
N MET B 300 40.15 49.01 -0.87
CA MET B 300 38.96 48.38 -1.42
C MET B 300 38.14 49.43 -2.13
N VAL B 301 37.53 49.05 -3.25
CA VAL B 301 36.69 49.98 -3.99
C VAL B 301 35.26 49.45 -3.95
N LEU B 302 34.32 50.32 -3.61
CA LEU B 302 32.91 49.97 -3.55
C LEU B 302 32.13 50.58 -4.69
N VAL B 303 31.27 49.78 -5.31
CA VAL B 303 30.44 50.25 -6.41
C VAL B 303 29.01 50.21 -5.87
N LEU B 304 28.39 51.38 -5.79
CA LEU B 304 27.04 51.50 -5.25
C LEU B 304 26.35 52.77 -5.74
N PRO B 305 25.01 52.86 -5.60
CA PRO B 305 24.27 54.05 -6.03
C PRO B 305 24.88 55.31 -5.41
N GLN B 306 24.74 56.45 -6.08
CA GLN B 306 25.31 57.69 -5.57
C GLN B 306 24.87 58.05 -4.15
N GLU B 307 23.58 57.89 -3.86
CA GLU B 307 23.07 58.23 -2.52
C GLU B 307 23.64 57.34 -1.42
N ALA B 308 23.93 56.10 -1.75
CA ALA B 308 24.46 55.14 -0.78
C ALA B 308 25.85 55.55 -0.29
N ALA B 309 26.68 56.01 -1.22
CA ALA B 309 28.02 56.46 -0.86
C ALA B 309 27.90 57.54 0.23
N GLU B 310 27.02 58.49 0.00
CA GLU B 310 26.77 59.59 0.93
C GLU B 310 26.46 59.07 2.33
N GLU B 311 25.46 58.20 2.43
CA GLU B 311 25.05 57.62 3.71
C GLU B 311 26.21 56.84 4.34
N ALA B 312 27.07 56.30 3.47
CA ALA B 312 28.21 55.52 3.91
C ALA B 312 29.34 56.39 4.47
N LEU B 313 29.71 57.44 3.75
CA LEU B 313 30.77 58.32 4.20
C LEU B 313 30.49 58.94 5.57
N LYS B 314 29.25 58.80 6.04
CA LYS B 314 28.85 59.34 7.33
C LYS B 314 29.05 58.27 8.40
N LEU B 315 29.21 57.02 7.94
CA LEU B 315 29.39 55.88 8.82
C LEU B 315 30.81 55.34 8.74
N VAL B 316 31.45 55.52 7.58
CA VAL B 316 32.79 55.01 7.41
C VAL B 316 33.78 55.99 6.78
N GLU B 317 35.06 55.73 7.03
CA GLU B 317 36.17 56.52 6.53
C GLU B 317 36.39 56.14 5.06
N GLY B 318 35.80 56.90 4.14
CA GLY B 318 35.94 56.59 2.73
C GLY B 318 36.17 57.81 1.86
N PHE B 319 36.24 57.59 0.56
CA PHE B 319 36.47 58.67 -0.38
C PHE B 319 35.77 58.42 -1.72
N LEU B 320 34.90 59.35 -2.13
CA LEU B 320 34.24 59.20 -3.43
C LEU B 320 35.38 59.45 -4.42
N VAL B 321 35.66 58.47 -5.27
CA VAL B 321 36.77 58.60 -6.19
C VAL B 321 36.47 58.34 -7.65
N GLY B 322 35.19 58.24 -7.99
CA GLY B 322 34.88 57.98 -9.38
C GLY B 322 33.45 57.63 -9.71
N ARG B 323 33.27 57.01 -10.87
CA ARG B 323 31.95 56.65 -11.33
C ARG B 323 32.07 55.54 -12.38
N VAL B 324 31.00 54.76 -12.54
CA VAL B 324 30.94 53.67 -13.51
C VAL B 324 30.38 54.21 -14.81
N VAL B 325 31.26 54.35 -15.80
CA VAL B 325 30.85 54.88 -17.09
C VAL B 325 30.95 53.85 -18.20
N PRO B 326 30.30 54.12 -19.34
CA PRO B 326 30.31 53.22 -20.50
C PRO B 326 31.71 52.87 -20.99
N GLY B 327 31.82 51.71 -21.63
CA GLY B 327 33.10 51.26 -22.14
C GLY B 327 33.58 50.11 -21.28
N GLU B 328 34.83 50.19 -20.83
CA GLU B 328 35.40 49.15 -19.99
C GLU B 328 36.81 49.51 -19.57
N GLY B 329 37.32 48.80 -18.57
CA GLY B 329 38.65 49.07 -18.09
C GLY B 329 38.58 50.24 -17.14
N VAL B 330 39.65 50.52 -16.42
CA VAL B 330 39.65 51.64 -15.49
C VAL B 330 40.61 52.73 -15.93
N ARG B 331 40.05 53.84 -16.41
CA ARG B 331 40.86 54.98 -16.86
C ARG B 331 41.02 55.95 -15.70
N LEU B 332 42.24 56.44 -15.50
CA LEU B 332 42.51 57.38 -14.41
C LEU B 332 42.38 58.80 -14.95
N VAL B 333 41.37 59.52 -14.44
CA VAL B 333 41.10 60.89 -14.86
C VAL B 333 41.27 61.88 -13.71
N GLU C 53 21.86 33.08 13.46
CA GLU C 53 22.37 33.03 12.05
C GLU C 53 22.70 31.61 11.60
N PRO C 54 21.77 30.96 10.85
CA PRO C 54 21.93 29.60 10.34
C PRO C 54 22.71 29.54 9.01
N VAL C 55 23.67 28.63 8.92
CA VAL C 55 24.47 28.48 7.69
C VAL C 55 23.98 27.29 6.87
N LEU C 56 22.97 26.60 7.39
CA LEU C 56 22.38 25.45 6.69
C LEU C 56 20.94 25.78 6.32
N VAL C 57 20.36 24.97 5.46
CA VAL C 57 18.97 25.19 5.07
C VAL C 57 18.13 24.00 5.54
N ALA C 58 16.80 24.13 5.46
CA ALA C 58 15.93 23.05 5.91
C ALA C 58 14.50 23.22 5.41
N THR C 59 13.82 22.10 5.26
CA THR C 59 12.44 22.14 4.80
C THR C 59 11.64 21.03 5.46
N THR C 60 10.36 21.30 5.73
CA THR C 60 9.46 20.30 6.32
C THR C 60 8.41 20.05 5.24
N ASP C 61 8.03 18.79 5.04
CA ASP C 61 7.03 18.43 4.04
C ASP C 61 6.13 17.29 4.49
N GLY C 62 5.03 17.11 3.78
CA GLY C 62 4.08 16.05 4.09
C GLY C 62 3.67 15.42 2.78
N VAL C 63 3.35 14.12 2.79
CA VAL C 63 2.96 13.43 1.57
C VAL C 63 1.60 13.85 1.04
N GLY C 64 0.68 14.20 1.93
CA GLY C 64 -0.64 14.60 1.49
C GLY C 64 -1.61 13.44 1.52
N THR C 65 -2.78 13.61 0.94
CA THR C 65 -3.79 12.56 0.95
C THR C 65 -3.45 11.41 0.03
N LYS C 66 -2.28 11.48 -0.62
CA LYS C 66 -1.86 10.38 -1.47
C LYS C 66 -1.74 9.24 -0.49
N THR C 67 -1.35 9.61 0.74
CA THR C 67 -1.22 8.67 1.84
C THR C 67 -2.53 7.89 1.99
N LEU C 68 -3.66 8.59 1.95
CA LEU C 68 -4.94 7.92 2.10
C LEU C 68 -5.23 6.91 0.97
N LEU C 69 -4.76 7.20 -0.24
CA LEU C 69 -4.98 6.32 -1.38
C LEU C 69 -4.07 5.09 -1.30
N ALA C 70 -2.84 5.31 -0.87
CA ALA C 70 -1.88 4.22 -0.73
C ALA C 70 -2.37 3.22 0.33
N LEU C 71 -2.91 3.75 1.42
CA LEU C 71 -3.42 2.92 2.51
C LEU C 71 -4.59 2.11 2.00
N GLU C 72 -5.48 2.78 1.28
CA GLU C 72 -6.66 2.15 0.71
C GLU C 72 -6.27 1.04 -0.26
N ALA C 73 -5.29 1.31 -1.12
CA ALA C 73 -4.82 0.33 -2.11
C ALA C 73 -3.96 -0.79 -1.53
N GLY C 74 -3.69 -0.73 -0.23
CA GLY C 74 -2.88 -1.76 0.40
C GLY C 74 -1.41 -1.73 0.04
N ASP C 75 -0.86 -0.55 -0.25
CA ASP C 75 0.54 -0.44 -0.61
C ASP C 75 1.13 0.94 -0.28
N VAL C 76 1.79 1.03 0.87
CA VAL C 76 2.41 2.27 1.32
C VAL C 76 3.93 2.19 1.15
N SER C 77 4.39 1.22 0.37
CA SER C 77 5.83 1.03 0.16
C SER C 77 6.52 2.17 -0.59
N GLY C 78 5.73 2.96 -1.31
CA GLY C 78 6.30 4.06 -2.05
C GLY C 78 6.21 5.39 -1.35
N LEU C 79 5.37 5.48 -0.32
CA LEU C 79 5.18 6.74 0.42
C LEU C 79 6.48 7.27 1.02
N GLY C 80 7.43 6.38 1.27
CA GLY C 80 8.70 6.81 1.82
C GLY C 80 9.47 7.59 0.77
N PHE C 81 9.37 7.15 -0.48
CA PHE C 81 10.04 7.82 -1.57
C PHE C 81 9.33 9.13 -1.90
N ASP C 82 8.02 9.14 -1.77
CA ASP C 82 7.24 10.35 -2.01
C ASP C 82 7.74 11.51 -1.13
N LEU C 83 7.72 11.30 0.18
CA LEU C 83 8.15 12.29 1.17
C LEU C 83 9.58 12.80 0.98
N VAL C 84 10.54 11.89 0.99
CA VAL C 84 11.95 12.25 0.83
C VAL C 84 12.27 12.91 -0.50
N ASN C 85 11.70 12.41 -1.60
CA ASN C 85 11.98 12.98 -2.92
C ASN C 85 11.37 14.37 -3.07
N HIS C 86 10.21 14.57 -2.47
CA HIS C 86 9.53 15.86 -2.51
C HIS C 86 10.36 16.90 -1.77
N SER C 87 10.91 16.49 -0.63
CA SER C 87 11.73 17.36 0.21
C SER C 87 13.09 17.65 -0.43
N VAL C 88 13.66 16.63 -1.04
CA VAL C 88 14.94 16.77 -1.73
C VAL C 88 14.76 17.81 -2.85
N ASN C 89 13.75 17.61 -3.70
CA ASN C 89 13.50 18.55 -4.80
C ASN C 89 13.29 19.98 -4.29
N ASP C 90 12.56 20.14 -3.18
CA ASP C 90 12.32 21.47 -2.65
C ASP C 90 13.64 22.20 -2.38
N LEU C 91 14.59 21.53 -1.73
CA LEU C 91 15.86 22.18 -1.46
C LEU C 91 16.74 22.33 -2.70
N LEU C 92 16.51 21.50 -3.71
CA LEU C 92 17.27 21.58 -4.96
C LEU C 92 16.89 22.85 -5.73
N ALA C 93 15.66 23.30 -5.53
CA ALA C 93 15.15 24.50 -6.19
C ALA C 93 15.88 25.72 -5.64
N GLN C 94 16.68 25.51 -4.61
CA GLN C 94 17.44 26.57 -3.97
C GLN C 94 18.94 26.38 -4.23
N GLY C 95 19.31 25.17 -4.63
CA GLY C 95 20.70 24.87 -4.91
C GLY C 95 21.32 24.13 -3.73
N ALA C 96 20.46 23.66 -2.83
CA ALA C 96 20.89 22.95 -1.64
C ALA C 96 20.97 21.45 -1.84
N GLU C 97 22.13 20.89 -1.53
CA GLU C 97 22.31 19.45 -1.63
C GLU C 97 21.82 18.87 -0.31
N PRO C 98 21.18 17.68 -0.33
CA PRO C 98 20.67 17.06 0.88
C PRO C 98 21.74 16.61 1.86
N LEU C 99 21.46 16.73 3.17
CA LEU C 99 22.41 16.29 4.17
C LEU C 99 21.83 15.14 4.99
N PHE C 100 20.67 15.36 5.61
CA PHE C 100 20.02 14.33 6.40
C PHE C 100 18.54 14.57 6.55
N PHE C 101 17.80 13.51 6.89
CA PHE C 101 16.34 13.56 7.01
C PHE C 101 15.82 13.02 8.35
N LEU C 102 14.65 13.53 8.78
CA LEU C 102 13.98 13.08 10.01
C LEU C 102 12.51 12.93 9.70
N ASP C 103 11.95 11.77 9.99
CA ASP C 103 10.55 11.52 9.72
C ASP C 103 9.65 11.60 10.94
N TYR C 104 8.41 12.03 10.71
CA TYR C 104 7.45 12.13 11.77
C TYR C 104 6.20 11.42 11.25
N LEU C 105 5.84 10.32 11.91
CA LEU C 105 4.68 9.55 11.51
C LEU C 105 3.65 9.60 12.64
N ALA C 106 2.42 9.99 12.28
CA ALA C 106 1.32 10.11 13.24
C ALA C 106 0.07 9.45 12.66
N ALA C 107 -0.68 8.74 13.50
CA ALA C 107 -1.87 8.04 13.05
C ALA C 107 -2.87 7.86 14.17
N SER C 108 -4.11 7.51 13.80
CA SER C 108 -5.15 7.26 14.80
C SER C 108 -4.63 6.08 15.61
N HIS C 109 -4.07 5.11 14.88
CA HIS C 109 -3.49 3.93 15.50
C HIS C 109 -2.29 3.48 14.65
N LEU C 110 -1.12 3.41 15.26
CA LEU C 110 0.10 3.00 14.58
C LEU C 110 0.13 1.49 14.31
N ASP C 111 -0.73 1.02 13.41
CA ASP C 111 -0.76 -0.38 13.05
C ASP C 111 0.68 -0.81 12.80
N GLU C 112 1.12 -1.87 13.48
CA GLU C 112 2.51 -2.33 13.34
C GLU C 112 2.97 -2.71 11.94
N GLY C 113 2.08 -3.23 11.09
CA GLY C 113 2.45 -3.63 9.73
C GLY C 113 2.74 -2.46 8.79
N VAL C 114 1.87 -1.46 8.78
CA VAL C 114 2.05 -0.27 7.96
C VAL C 114 3.24 0.53 8.53
N LEU C 115 3.37 0.53 9.85
CA LEU C 115 4.46 1.24 10.51
C LEU C 115 5.84 0.72 10.11
N ALA C 116 5.98 -0.60 9.99
CA ALA C 116 7.26 -1.17 9.63
C ALA C 116 7.51 -0.99 8.14
N ALA C 117 6.43 -1.01 7.35
CA ALA C 117 6.52 -0.83 5.91
C ALA C 117 6.94 0.61 5.63
N LEU C 118 6.29 1.55 6.31
CA LEU C 118 6.60 2.97 6.14
C LEU C 118 8.06 3.32 6.45
N LEU C 119 8.57 2.79 7.56
CA LEU C 119 9.93 3.07 7.95
C LEU C 119 10.97 2.38 7.07
N ALA C 120 10.60 1.29 6.41
CA ALA C 120 11.52 0.59 5.52
C ALA C 120 11.67 1.46 4.28
N SER C 121 10.54 1.96 3.82
CA SER C 121 10.45 2.82 2.64
C SER C 121 11.25 4.12 2.84
N LEU C 122 11.14 4.72 4.02
CA LEU C 122 11.86 5.95 4.35
C LEU C 122 13.35 5.69 4.27
N ALA C 123 13.81 4.62 4.90
CA ALA C 123 15.22 4.29 4.90
C ALA C 123 15.74 4.05 3.48
N GLU C 124 14.97 3.29 2.70
CA GLU C 124 15.35 2.99 1.32
C GLU C 124 15.42 4.26 0.49
N ALA C 125 14.49 5.17 0.74
CA ALA C 125 14.44 6.44 0.02
C ALA C 125 15.67 7.30 0.34
N CYS C 126 16.08 7.30 1.61
CA CYS C 126 17.24 8.08 2.02
C CYS C 126 18.51 7.41 1.54
N ARG C 127 18.59 6.10 1.73
CA ARG C 127 19.76 5.35 1.30
C ARG C 127 20.05 5.63 -0.18
N ALA C 128 19.00 5.77 -0.98
CA ALA C 128 19.12 6.05 -2.42
C ALA C 128 19.77 7.40 -2.72
N HIS C 129 19.61 8.37 -1.83
CA HIS C 129 20.20 9.68 -2.05
C HIS C 129 21.51 9.79 -1.28
N GLY C 130 21.95 8.70 -0.68
CA GLY C 130 23.19 8.72 0.08
C GLY C 130 23.08 9.56 1.34
N ILE C 131 21.88 9.73 1.85
CA ILE C 131 21.72 10.50 3.07
C ILE C 131 21.06 9.65 4.13
N PRO C 132 21.47 9.85 5.40
CA PRO C 132 20.88 9.08 6.49
C PRO C 132 19.45 9.44 6.85
N LEU C 133 18.83 8.56 7.63
CA LEU C 133 17.49 8.81 8.13
C LEU C 133 17.85 9.01 9.60
N LEU C 134 18.59 10.10 9.83
CA LEU C 134 19.11 10.48 11.13
C LEU C 134 18.28 10.10 12.35
N GLY C 135 16.98 10.33 12.26
CA GLY C 135 16.10 10.00 13.37
C GLY C 135 14.67 10.30 12.99
N GLY C 136 13.76 10.18 13.95
CA GLY C 136 12.37 10.45 13.67
C GLY C 136 11.47 10.35 14.86
N GLU C 137 10.16 10.47 14.64
CA GLU C 137 9.21 10.41 15.73
C GLU C 137 7.95 9.69 15.30
N THR C 138 7.12 9.33 16.27
CA THR C 138 5.87 8.65 15.99
C THR C 138 4.86 9.23 16.96
N ALA C 139 3.58 9.00 16.68
CA ALA C 139 2.52 9.50 17.54
C ALA C 139 1.20 8.85 17.18
N GLU C 140 0.52 8.35 18.20
CA GLU C 140 -0.77 7.69 18.03
C GLU C 140 -1.78 8.57 18.76
N MET C 141 -2.67 9.20 17.99
CA MET C 141 -3.66 10.09 18.58
C MET C 141 -5.01 9.86 17.91
N PRO C 142 -5.84 8.95 18.48
CA PRO C 142 -7.16 8.66 17.89
C PRO C 142 -8.12 9.84 17.99
N GLY C 143 -7.85 10.75 18.92
CA GLY C 143 -8.70 11.92 19.08
C GLY C 143 -8.33 13.02 18.10
N VAL C 144 -7.20 12.83 17.42
CA VAL C 144 -6.72 13.81 16.44
C VAL C 144 -7.00 13.35 15.01
N TYR C 145 -6.62 12.12 14.71
CA TYR C 145 -6.78 11.53 13.39
C TYR C 145 -8.03 10.68 13.26
N ARG C 146 -8.63 10.72 12.07
CA ARG C 146 -9.81 9.93 11.79
C ARG C 146 -9.31 8.50 11.72
N GLU C 147 -10.26 7.56 11.80
CA GLU C 147 -9.94 6.14 11.77
C GLU C 147 -9.20 5.78 10.47
N GLY C 148 -8.12 5.00 10.61
CA GLY C 148 -7.35 4.57 9.46
C GLY C 148 -6.55 5.65 8.75
N ALA C 149 -6.59 6.87 9.30
CA ALA C 149 -5.84 7.96 8.69
C ALA C 149 -4.46 8.06 9.31
N TRP C 150 -3.51 8.53 8.50
CA TRP C 150 -2.13 8.72 8.91
C TRP C 150 -1.65 9.97 8.19
N ASP C 151 -0.63 10.61 8.74
CA ASP C 151 -0.02 11.71 8.04
C ASP C 151 1.45 11.39 8.07
N ILE C 152 2.09 11.48 6.91
CA ILE C 152 3.50 11.21 6.80
C ILE C 152 4.24 12.49 6.47
N ALA C 153 5.06 12.96 7.40
CA ALA C 153 5.82 14.19 7.20
C ALA C 153 7.28 14.03 7.64
N GLY C 154 8.08 15.06 7.37
CA GLY C 154 9.47 15.00 7.73
C GLY C 154 10.17 16.31 7.48
N THR C 155 11.49 16.32 7.71
CA THR C 155 12.31 17.50 7.54
C THR C 155 13.63 17.15 6.87
N LEU C 156 14.02 17.95 5.87
CA LEU C 156 15.28 17.73 5.17
C LEU C 156 16.20 18.89 5.48
N VAL C 157 17.44 18.59 5.84
CA VAL C 157 18.41 19.62 6.13
C VAL C 157 19.46 19.55 5.03
N GLY C 158 19.81 20.71 4.46
CA GLY C 158 20.79 20.77 3.40
C GLY C 158 21.72 21.97 3.54
N VAL C 159 22.57 22.15 2.55
CA VAL C 159 23.53 23.25 2.53
C VAL C 159 23.74 23.74 1.10
N VAL C 160 23.91 25.04 0.95
CA VAL C 160 24.11 25.66 -0.36
C VAL C 160 25.54 26.22 -0.49
N GLU C 161 26.26 25.78 -1.52
CA GLU C 161 27.63 26.28 -1.78
C GLU C 161 27.52 27.37 -2.84
N ARG C 162 28.41 28.35 -2.79
CA ARG C 162 28.40 29.46 -3.75
C ARG C 162 28.26 28.99 -5.20
N SER C 163 28.92 27.88 -5.52
CA SER C 163 28.92 27.32 -6.87
C SER C 163 27.57 26.72 -7.29
N ARG C 164 26.57 26.78 -6.43
CA ARG C 164 25.27 26.20 -6.75
C ARG C 164 24.08 27.06 -6.39
N ILE C 165 24.26 28.37 -6.33
CA ILE C 165 23.14 29.24 -5.98
C ILE C 165 22.07 29.31 -7.09
N LEU C 166 20.81 29.42 -6.68
CA LEU C 166 19.68 29.51 -7.59
C LEU C 166 18.68 30.48 -6.99
N GLY C 167 18.19 31.42 -7.79
CA GLY C 167 17.23 32.38 -7.28
C GLY C 167 16.65 33.26 -8.37
N PRO C 168 15.44 33.82 -8.17
CA PRO C 168 14.82 34.68 -9.17
C PRO C 168 15.65 35.88 -9.63
N GLU C 169 16.52 36.41 -8.77
CA GLU C 169 17.31 37.57 -9.17
C GLU C 169 18.36 37.21 -10.22
N ARG C 170 18.69 35.92 -10.34
CA ARG C 170 19.68 35.44 -11.32
C ARG C 170 19.05 35.26 -12.70
N VAL C 171 17.73 35.39 -12.77
CA VAL C 171 17.00 35.23 -14.01
C VAL C 171 17.07 36.44 -14.95
N ARG C 172 17.25 36.16 -16.24
CA ARG C 172 17.34 37.18 -17.27
C ARG C 172 16.28 36.91 -18.34
N GLU C 173 15.59 37.96 -18.79
CA GLU C 173 14.59 37.76 -19.83
C GLU C 173 15.32 37.09 -20.97
N GLY C 174 14.65 36.16 -21.64
CA GLY C 174 15.28 35.47 -22.74
C GLY C 174 15.77 34.10 -22.28
N ASP C 175 15.83 33.90 -20.97
CA ASP C 175 16.27 32.62 -20.44
C ASP C 175 15.33 31.52 -20.95
N ALA C 176 15.89 30.33 -21.13
CA ALA C 176 15.11 29.21 -21.59
C ALA C 176 14.43 28.55 -20.39
N LEU C 177 13.40 27.76 -20.67
CA LEU C 177 12.69 27.03 -19.63
C LEU C 177 12.89 25.55 -19.97
N LEU C 178 13.54 24.82 -19.08
CA LEU C 178 13.81 23.40 -19.29
C LEU C 178 13.17 22.54 -18.21
N ALA C 179 12.27 21.66 -18.62
CA ALA C 179 11.56 20.80 -17.69
C ALA C 179 12.16 19.41 -17.49
N LEU C 180 12.10 18.92 -16.25
CA LEU C 180 12.56 17.58 -15.91
C LEU C 180 11.22 16.83 -15.74
N PRO C 181 11.02 15.73 -16.51
CA PRO C 181 9.78 14.95 -16.46
C PRO C 181 9.39 14.39 -15.10
N SER C 182 8.09 14.43 -14.80
CA SER C 182 7.58 13.87 -13.55
C SER C 182 7.26 12.40 -13.82
N SER C 183 7.01 11.63 -12.76
CA SER C 183 6.70 10.22 -12.90
C SER C 183 5.21 10.03 -12.77
N GLY C 184 4.48 11.14 -12.75
CA GLY C 184 3.03 11.07 -12.59
C GLY C 184 2.53 12.21 -11.70
N PRO C 185 1.44 12.02 -10.94
CA PRO C 185 0.92 13.09 -10.07
C PRO C 185 1.85 13.49 -8.94
N HIS C 186 2.86 12.67 -8.68
CA HIS C 186 3.81 12.95 -7.61
C HIS C 186 3.10 13.00 -6.25
N THR C 187 3.07 14.16 -5.60
CA THR C 187 2.42 14.24 -4.30
C THR C 187 1.48 15.41 -4.03
N ASN C 188 0.84 15.92 -5.09
CA ASN C 188 -0.11 17.04 -4.97
C ASN C 188 -1.32 16.78 -5.87
N GLY C 189 -2.50 17.19 -5.43
CA GLY C 189 -3.70 17.00 -6.22
C GLY C 189 -4.38 15.65 -6.04
N TYR C 190 -4.07 14.97 -4.94
CA TYR C 190 -4.66 13.67 -4.67
C TYR C 190 -6.05 13.72 -4.04
N SER C 191 -6.43 14.89 -3.55
CA SER C 191 -7.75 15.05 -2.95
C SER C 191 -8.77 15.04 -4.09
N LEU C 192 -8.32 15.43 -5.28
CA LEU C 192 -9.15 15.46 -6.49
C LEU C 192 -9.10 14.07 -7.14
N ILE C 193 -7.93 13.44 -7.09
CA ILE C 193 -7.76 12.12 -7.67
C ILE C 193 -8.62 11.11 -6.92
N ARG C 194 -8.70 11.28 -5.60
CA ARG C 194 -9.51 10.37 -4.79
C ARG C 194 -11.00 10.47 -5.07
N LYS C 195 -11.49 11.67 -5.36
CA LYS C 195 -12.91 11.86 -5.69
C LYS C 195 -13.18 11.31 -7.09
N VAL C 196 -12.28 11.62 -8.01
CA VAL C 196 -12.39 11.17 -9.39
C VAL C 196 -12.40 9.64 -9.56
N VAL C 197 -11.39 8.96 -9.04
CA VAL C 197 -11.33 7.50 -9.18
C VAL C 197 -12.07 6.75 -8.07
N ALA C 198 -12.99 7.42 -7.39
CA ALA C 198 -13.77 6.81 -6.32
C ALA C 198 -14.72 5.79 -6.91
N GLY C 199 -14.66 4.56 -6.43
CA GLY C 199 -15.55 3.54 -6.96
C GLY C 199 -14.95 2.73 -8.10
N GLN C 200 -13.70 3.02 -8.43
CA GLN C 200 -12.98 2.34 -9.51
C GLN C 200 -12.09 1.22 -8.97
N ASP C 201 -11.92 0.16 -9.76
CA ASP C 201 -11.05 -0.95 -9.36
C ASP C 201 -9.65 -0.45 -9.68
N LEU C 202 -8.93 -0.03 -8.64
CA LEU C 202 -7.58 0.50 -8.84
C LEU C 202 -6.64 -0.61 -9.26
N SER C 203 -7.09 -1.85 -9.16
CA SER C 203 -6.28 -3.01 -9.50
C SER C 203 -6.42 -3.46 -10.94
N ALA C 204 -7.55 -3.15 -11.56
CA ALA C 204 -7.81 -3.54 -12.93
C ALA C 204 -6.87 -2.79 -13.89
N PRO C 205 -6.44 -3.46 -14.97
CA PRO C 205 -5.54 -2.85 -15.95
C PRO C 205 -6.27 -1.87 -16.89
N VAL C 206 -5.66 -0.73 -17.12
CA VAL C 206 -6.22 0.27 -18.01
C VAL C 206 -5.38 0.19 -19.29
N PRO C 207 -6.05 0.13 -20.45
CA PRO C 207 -5.35 0.05 -21.73
C PRO C 207 -4.39 1.19 -22.07
N GLU C 208 -4.88 2.43 -22.02
CA GLU C 208 -4.05 3.59 -22.36
C GLU C 208 -2.94 3.92 -21.37
N LEU C 209 -2.86 3.15 -20.29
CA LEU C 209 -1.83 3.37 -19.28
C LEU C 209 -0.71 2.34 -19.32
N GLY C 210 -1.01 1.16 -19.86
CA GLY C 210 -0.01 0.11 -19.89
C GLY C 210 0.11 -0.45 -18.49
N GLU C 211 -0.79 0.01 -17.62
CA GLU C 211 -0.80 -0.42 -16.23
C GLU C 211 -2.11 0.03 -15.55
N SER C 212 -2.27 -0.32 -14.28
CA SER C 212 -3.47 0.04 -13.53
C SER C 212 -3.37 1.41 -12.88
N LEU C 213 -4.53 1.94 -12.46
CA LEU C 213 -4.57 3.23 -11.79
C LEU C 213 -3.64 3.18 -10.58
N LYS C 214 -3.64 2.04 -9.87
CA LYS C 214 -2.81 1.86 -8.67
C LYS C 214 -1.34 2.04 -8.98
N GLU C 215 -0.89 1.44 -10.08
CA GLU C 215 0.50 1.53 -10.49
C GLU C 215 0.81 2.94 -10.99
N ALA C 216 -0.16 3.54 -11.67
CA ALA C 216 0.00 4.88 -12.22
C ALA C 216 -0.09 5.97 -11.16
N LEU C 217 -1.03 5.79 -10.24
CA LEU C 217 -1.27 6.75 -9.17
C LEU C 217 -0.35 6.65 -7.95
N LEU C 218 0.18 5.47 -7.66
CA LEU C 218 1.05 5.33 -6.50
C LEU C 218 2.52 5.40 -6.84
N ARG C 219 2.83 5.58 -8.12
CA ARG C 219 4.24 5.69 -8.52
C ARG C 219 4.81 6.83 -7.66
N PRO C 220 6.01 6.62 -7.08
CA PRO C 220 6.59 7.66 -6.24
C PRO C 220 7.04 8.95 -6.93
N HIS C 221 6.95 10.02 -6.17
CA HIS C 221 7.36 11.35 -6.57
C HIS C 221 8.83 11.18 -7.02
N ARG C 222 9.18 11.78 -8.16
CA ARG C 222 10.54 11.65 -8.67
C ARG C 222 11.47 12.74 -8.12
N ALA C 223 12.66 12.33 -7.71
CA ALA C 223 13.66 13.27 -7.20
C ALA C 223 14.59 13.56 -8.37
N TYR C 224 15.13 14.77 -8.42
CA TYR C 224 16.01 15.16 -9.51
C TYR C 224 17.42 15.43 -9.05
N LEU C 225 17.81 14.78 -7.94
CA LEU C 225 19.13 14.95 -7.40
C LEU C 225 20.15 14.41 -8.38
N LYS C 226 19.79 13.31 -9.07
CA LYS C 226 20.67 12.70 -10.06
C LYS C 226 21.00 13.72 -11.15
N GLU C 227 19.97 14.41 -11.63
CA GLU C 227 20.10 15.43 -12.66
C GLU C 227 20.90 16.65 -12.19
N PHE C 228 20.52 17.24 -11.07
CA PHE C 228 21.26 18.40 -10.58
C PHE C 228 22.75 18.10 -10.40
N ARG C 229 23.09 16.95 -9.81
CA ARG C 229 24.50 16.59 -9.62
C ARG C 229 25.22 16.63 -10.97
N LEU C 230 24.59 16.07 -12.00
CA LEU C 230 25.18 16.06 -13.33
C LEU C 230 25.38 17.47 -13.89
N LEU C 231 24.47 18.38 -13.56
CA LEU C 231 24.56 19.76 -14.02
C LEU C 231 25.62 20.54 -13.26
N TRP C 232 25.66 20.34 -11.95
CA TRP C 232 26.64 21.02 -11.13
C TRP C 232 28.03 20.55 -11.51
N GLU C 233 28.19 19.23 -11.61
CA GLU C 233 29.48 18.63 -11.97
C GLU C 233 29.95 19.00 -13.36
N ALA C 234 29.01 19.35 -14.24
CA ALA C 234 29.33 19.75 -15.59
C ALA C 234 29.48 21.27 -15.61
N GLY C 235 29.08 21.89 -14.50
CA GLY C 235 29.18 23.34 -14.39
C GLY C 235 28.21 24.10 -15.27
N VAL C 236 27.07 23.50 -15.56
CA VAL C 236 26.09 24.16 -16.40
C VAL C 236 25.48 25.34 -15.63
N GLU C 237 25.37 26.49 -16.30
CA GLU C 237 24.82 27.69 -15.69
C GLU C 237 23.33 27.57 -15.51
N LEU C 238 22.89 27.68 -14.26
CA LEU C 238 21.48 27.59 -13.91
C LEU C 238 21.13 28.85 -13.14
N HIS C 239 20.04 29.51 -13.50
CA HIS C 239 19.65 30.72 -12.82
C HIS C 239 18.69 30.46 -11.66
N ALA C 240 17.59 29.78 -11.96
CA ALA C 240 16.58 29.45 -10.96
C ALA C 240 15.98 28.06 -11.22
N ALA C 241 15.14 27.61 -10.29
CA ALA C 241 14.48 26.32 -10.43
C ALA C 241 13.16 26.41 -9.68
N ALA C 242 12.18 25.66 -10.15
CA ALA C 242 10.87 25.65 -9.53
C ALA C 242 10.37 24.22 -9.46
N HIS C 243 10.09 23.76 -8.26
CA HIS C 243 9.59 22.42 -8.05
C HIS C 243 8.07 22.55 -8.19
N ILE C 244 7.52 22.00 -9.25
CA ILE C 244 6.10 22.10 -9.49
C ILE C 244 5.31 21.20 -8.53
N THR C 245 4.85 21.80 -7.43
CA THR C 245 4.08 21.08 -6.43
C THR C 245 2.67 21.64 -6.35
N GLY C 246 2.19 21.88 -5.14
CA GLY C 246 0.85 22.42 -4.97
C GLY C 246 0.66 23.66 -5.81
N GLY C 247 -0.48 23.74 -6.51
CA GLY C 247 -0.75 24.90 -7.34
C GLY C 247 -0.31 24.73 -8.78
N GLY C 248 0.42 23.64 -9.06
CA GLY C 248 0.89 23.37 -10.41
C GLY C 248 1.85 24.40 -10.99
N LEU C 249 1.88 24.48 -12.31
CA LEU C 249 2.74 25.41 -13.03
C LEU C 249 2.44 26.90 -12.78
N PRO C 250 1.16 27.31 -12.83
CA PRO C 250 0.78 28.71 -12.61
C PRO C 250 1.18 29.27 -11.24
N GLU C 251 1.22 28.39 -10.24
CA GLU C 251 1.56 28.79 -8.88
C GLU C 251 3.05 28.85 -8.57
N ASN C 252 3.77 27.76 -8.86
CA ASN C 252 5.18 27.66 -8.55
C ASN C 252 6.21 28.21 -9.52
N LEU C 253 5.96 28.16 -10.82
CA LEU C 253 6.95 28.68 -11.75
C LEU C 253 7.23 30.18 -11.52
N PRO C 254 6.17 30.99 -11.29
CA PRO C 254 6.37 32.43 -11.05
C PRO C 254 7.25 32.77 -9.84
N ARG C 255 7.32 31.87 -8.85
CA ARG C 255 8.13 32.12 -7.67
C ARG C 255 9.62 32.05 -7.98
N ALA C 256 9.96 31.61 -9.18
CA ALA C 256 11.36 31.51 -9.57
C ALA C 256 11.76 32.67 -10.48
N LEU C 257 10.79 33.54 -10.76
CA LEU C 257 11.02 34.71 -11.63
C LEU C 257 10.98 36.04 -10.89
N PRO C 258 11.89 36.96 -11.23
CA PRO C 258 11.94 38.27 -10.58
C PRO C 258 10.83 39.15 -11.13
N PRO C 259 10.54 40.28 -10.45
CA PRO C 259 9.47 41.19 -10.90
C PRO C 259 9.65 41.69 -12.33
N GLY C 260 8.53 41.91 -13.02
CA GLY C 260 8.60 42.40 -14.38
C GLY C 260 8.65 41.30 -15.44
N LEU C 261 9.07 40.10 -15.03
CA LEU C 261 9.18 38.97 -15.94
C LEU C 261 8.11 37.93 -15.69
N GLY C 262 7.80 37.18 -16.74
CA GLY C 262 6.81 36.13 -16.66
C GLY C 262 7.33 34.95 -17.45
N ALA C 263 6.43 34.11 -17.94
CA ALA C 263 6.85 32.94 -18.70
C ALA C 263 5.82 32.48 -19.73
N GLU C 264 6.33 31.98 -20.85
CA GLU C 264 5.50 31.45 -21.92
C GLU C 264 5.93 30.01 -22.18
N VAL C 265 4.97 29.11 -22.03
CA VAL C 265 5.21 27.69 -22.22
C VAL C 265 4.41 27.13 -23.40
N ARG C 266 5.12 26.63 -24.41
CA ARG C 266 4.51 26.06 -25.60
C ARG C 266 4.04 24.64 -25.30
N ARG C 267 2.73 24.40 -25.39
CA ARG C 267 2.15 23.08 -25.12
C ARG C 267 2.62 22.06 -26.15
N GLY C 268 2.83 20.83 -25.69
CA GLY C 268 3.27 19.77 -26.57
C GLY C 268 4.78 19.57 -26.60
N SER C 269 5.51 20.45 -25.93
CA SER C 269 6.97 20.37 -25.90
C SER C 269 7.54 19.36 -24.91
N TRP C 270 6.67 18.70 -24.15
CA TRP C 270 7.11 17.70 -23.16
C TRP C 270 6.09 16.55 -23.05
N PRO C 271 6.51 15.39 -22.50
CA PRO C 271 5.60 14.25 -22.35
C PRO C 271 4.67 14.39 -21.16
N ILE C 272 3.38 14.18 -21.36
CA ILE C 272 2.43 14.26 -20.26
C ILE C 272 2.00 12.84 -19.88
N PRO C 273 2.32 12.40 -18.64
CA PRO C 273 1.91 11.04 -18.25
C PRO C 273 0.42 10.84 -18.60
N PRO C 274 0.11 9.78 -19.38
CA PRO C 274 -1.25 9.46 -19.83
C PRO C 274 -2.29 9.34 -18.72
N VAL C 275 -1.83 9.15 -17.48
CA VAL C 275 -2.76 9.03 -16.37
C VAL C 275 -3.47 10.37 -16.13
N PHE C 276 -2.84 11.47 -16.54
CA PHE C 276 -3.42 12.80 -16.37
C PHE C 276 -4.64 13.01 -17.27
N PRO C 277 -4.49 12.85 -18.60
CA PRO C 277 -5.67 13.06 -19.43
C PRO C 277 -6.74 12.02 -19.12
N TYR C 278 -6.31 10.82 -18.71
CA TYR C 278 -7.24 9.75 -18.39
C TYR C 278 -8.15 10.16 -17.24
N LEU C 279 -7.58 10.81 -16.23
CA LEU C 279 -8.32 11.27 -15.06
C LEU C 279 -9.19 12.46 -15.44
N GLN C 280 -8.71 13.25 -16.39
CA GLN C 280 -9.46 14.44 -16.85
C GLN C 280 -10.74 14.01 -17.57
N ARG C 281 -10.66 12.88 -18.26
CA ARG C 281 -11.78 12.33 -19.00
C ARG C 281 -12.69 11.51 -18.09
N LEU C 282 -12.10 10.96 -17.02
CA LEU C 282 -12.86 10.16 -16.07
C LEU C 282 -13.68 11.06 -15.16
N GLY C 283 -13.07 12.14 -14.69
CA GLY C 283 -13.77 13.06 -13.81
C GLY C 283 -14.32 14.28 -14.54
N GLY C 284 -14.21 14.30 -15.87
CA GLY C 284 -14.68 15.41 -16.65
C GLY C 284 -14.07 16.71 -16.18
N ILE C 285 -12.77 16.67 -15.90
CA ILE C 285 -12.04 17.83 -15.41
C ILE C 285 -11.65 18.85 -16.48
N PRO C 286 -12.00 20.13 -16.28
CA PRO C 286 -11.67 21.22 -17.23
C PRO C 286 -10.17 21.53 -17.28
N GLU C 287 -9.65 21.66 -18.50
CA GLU C 287 -8.23 21.94 -18.72
C GLU C 287 -7.58 22.88 -17.71
N GLU C 288 -8.19 24.05 -17.51
CA GLU C 288 -7.67 25.04 -16.58
C GLU C 288 -7.45 24.47 -15.19
N GLU C 289 -8.39 23.66 -14.73
CA GLU C 289 -8.28 23.05 -13.42
C GLU C 289 -7.09 22.10 -13.40
N MET C 290 -6.94 21.34 -14.48
CA MET C 290 -5.85 20.38 -14.60
C MET C 290 -4.48 21.02 -14.34
N TYR C 291 -4.29 22.24 -14.84
CA TYR C 291 -3.02 22.93 -14.66
C TYR C 291 -2.87 23.65 -13.31
N ARG C 292 -3.98 23.86 -12.62
CA ARG C 292 -3.93 24.50 -11.31
C ARG C 292 -3.70 23.45 -10.24
N VAL C 293 -4.00 22.20 -10.57
CA VAL C 293 -3.84 21.10 -9.60
C VAL C 293 -2.66 20.13 -9.82
N PHE C 294 -2.51 19.62 -11.04
CA PHE C 294 -1.45 18.65 -11.32
C PHE C 294 -0.23 19.23 -11.99
N ASN C 295 0.89 18.50 -11.93
CA ASN C 295 2.12 18.96 -12.54
C ASN C 295 2.13 18.72 -14.05
N MET C 296 1.18 17.93 -14.53
CA MET C 296 1.03 17.60 -15.96
C MET C 296 2.29 17.14 -16.68
N GLY C 297 3.19 16.45 -15.98
CA GLY C 297 4.41 15.97 -16.60
C GLY C 297 5.61 16.84 -16.30
N LEU C 298 5.36 18.03 -15.78
CA LEU C 298 6.42 18.99 -15.43
C LEU C 298 6.79 18.81 -13.94
N GLY C 299 7.80 17.98 -13.68
CA GLY C 299 8.21 17.75 -12.30
C GLY C 299 8.99 18.88 -11.69
N MET C 300 9.90 19.45 -12.47
CA MET C 300 10.74 20.57 -12.03
C MET C 300 11.05 21.43 -13.26
N VAL C 301 11.00 22.75 -13.10
CA VAL C 301 11.33 23.64 -14.21
C VAL C 301 12.56 24.48 -13.90
N LEU C 302 13.59 24.31 -14.70
CA LEU C 302 14.83 25.06 -14.53
C LEU C 302 14.85 26.26 -15.47
N VAL C 303 15.45 27.35 -15.02
CA VAL C 303 15.55 28.58 -15.82
C VAL C 303 17.05 28.87 -16.01
N LEU C 304 17.51 28.73 -17.24
CA LEU C 304 18.92 28.93 -17.57
C LEU C 304 19.05 29.52 -18.96
N PRO C 305 20.25 30.03 -19.32
CA PRO C 305 20.44 30.61 -20.65
C PRO C 305 20.07 29.61 -21.74
N GLN C 306 19.68 30.11 -22.91
CA GLN C 306 19.34 29.23 -24.02
C GLN C 306 20.53 28.31 -24.34
N GLU C 307 21.72 28.89 -24.32
CA GLU C 307 22.95 28.17 -24.60
C GLU C 307 23.18 27.07 -23.57
N ALA C 308 23.05 27.43 -22.30
CA ALA C 308 23.24 26.50 -21.19
C ALA C 308 22.20 25.38 -21.24
N ALA C 309 21.00 25.71 -21.69
CA ALA C 309 19.89 24.76 -21.80
C ALA C 309 20.16 23.65 -22.82
N GLU C 310 20.81 23.99 -23.93
CA GLU C 310 21.13 23.00 -24.94
C GLU C 310 22.20 22.02 -24.47
N GLU C 311 23.10 22.48 -23.61
CA GLU C 311 24.15 21.62 -23.08
C GLU C 311 23.57 20.65 -22.06
N ALA C 312 22.59 21.13 -21.30
CA ALA C 312 21.93 20.31 -20.29
C ALA C 312 21.26 19.12 -20.95
N LEU C 313 20.48 19.39 -22.00
CA LEU C 313 19.78 18.33 -22.72
C LEU C 313 20.71 17.23 -23.19
N LYS C 314 21.99 17.54 -23.32
CA LYS C 314 22.98 16.55 -23.75
C LYS C 314 23.46 15.76 -22.54
N LEU C 315 23.07 16.22 -21.35
CA LEU C 315 23.49 15.59 -20.10
C LEU C 315 22.35 14.90 -19.35
N VAL C 316 21.18 15.52 -19.35
CA VAL C 316 20.03 15.00 -18.62
C VAL C 316 18.78 14.84 -19.47
N GLU C 317 17.90 13.92 -19.07
CA GLU C 317 16.65 13.74 -19.79
C GLU C 317 15.80 14.92 -19.42
N GLY C 318 15.62 15.82 -20.37
CA GLY C 318 14.84 17.01 -20.12
C GLY C 318 14.16 17.48 -21.38
N PHE C 319 13.35 18.51 -21.22
CA PHE C 319 12.60 19.07 -22.33
C PHE C 319 12.59 20.59 -22.32
N LEU C 320 13.06 21.18 -23.42
CA LEU C 320 13.07 22.63 -23.56
C LEU C 320 11.60 22.98 -23.80
N VAL C 321 10.96 23.58 -22.81
CA VAL C 321 9.54 23.89 -22.92
C VAL C 321 9.11 25.34 -23.02
N GLY C 322 9.96 26.28 -22.65
CA GLY C 322 9.50 27.65 -22.73
C GLY C 322 10.55 28.72 -22.74
N ARG C 323 10.10 29.94 -22.44
CA ARG C 323 10.96 31.10 -22.44
C ARG C 323 10.49 32.10 -21.38
N VAL C 324 11.46 32.79 -20.77
CA VAL C 324 11.15 33.83 -19.80
C VAL C 324 10.95 35.07 -20.65
N VAL C 325 9.84 35.77 -20.43
CA VAL C 325 9.52 36.96 -21.20
C VAL C 325 8.98 38.03 -20.27
N PRO C 326 8.75 39.25 -20.78
CA PRO C 326 8.21 40.31 -19.92
C PRO C 326 6.78 39.92 -19.53
N GLY C 327 6.27 40.49 -18.43
CA GLY C 327 4.93 40.15 -18.01
C GLY C 327 4.92 39.74 -16.56
N GLU C 328 3.93 38.95 -16.16
CA GLU C 328 3.85 38.52 -14.76
C GLU C 328 3.13 37.18 -14.60
N GLY C 329 3.78 36.08 -15.00
CA GLY C 329 3.16 34.79 -14.87
C GLY C 329 3.40 33.82 -16.02
N VAL C 330 2.77 32.66 -15.94
CA VAL C 330 2.90 31.62 -16.95
C VAL C 330 1.74 31.68 -17.96
N ARG C 331 2.07 31.42 -19.23
CA ARG C 331 1.09 31.41 -20.31
C ARG C 331 1.40 30.31 -21.32
N LEU C 332 0.44 29.43 -21.56
CA LEU C 332 0.61 28.33 -22.51
C LEU C 332 0.44 28.85 -23.93
N VAL C 333 1.45 28.60 -24.78
CA VAL C 333 1.43 29.08 -26.16
C VAL C 333 1.34 27.96 -27.20
N LEU D 51 36.83 20.50 21.16
CA LEU D 51 37.34 21.47 20.14
C LEU D 51 37.47 20.79 18.76
N GLU D 52 36.80 21.36 17.77
CA GLU D 52 36.85 20.83 16.41
C GLU D 52 36.34 19.42 16.19
N GLU D 53 35.27 19.06 16.90
CA GLU D 53 34.65 17.75 16.74
C GLU D 53 33.14 17.97 16.56
N PRO D 54 32.75 19.05 15.87
CA PRO D 54 31.33 19.33 15.67
C PRO D 54 30.54 18.22 15.01
N VAL D 55 29.37 17.93 15.58
CA VAL D 55 28.51 16.88 15.05
C VAL D 55 27.07 17.39 15.03
N LEU D 56 26.42 17.26 13.88
CA LEU D 56 25.04 17.68 13.74
C LEU D 56 24.10 16.58 14.22
N VAL D 57 23.16 16.96 15.07
CA VAL D 57 22.14 16.06 15.61
C VAL D 57 20.80 16.74 15.37
N ALA D 58 19.71 16.00 15.44
CA ALA D 58 18.39 16.58 15.23
C ALA D 58 17.33 15.73 15.91
N THR D 59 16.13 16.28 16.08
CA THR D 59 15.06 15.56 16.71
C THR D 59 13.70 16.05 16.18
N THR D 60 12.76 15.15 15.91
CA THR D 60 11.44 15.58 15.46
C THR D 60 10.51 15.24 16.62
N ASP D 61 9.64 16.19 17.00
CA ASP D 61 8.72 15.99 18.11
C ASP D 61 7.32 16.48 17.80
N GLY D 62 6.36 16.12 18.65
CA GLY D 62 4.99 16.57 18.46
C GLY D 62 4.44 16.98 19.80
N VAL D 63 3.48 17.90 19.84
CA VAL D 63 2.90 18.33 21.11
C VAL D 63 2.03 17.23 21.68
N GLY D 64 1.26 16.58 20.81
CA GLY D 64 0.37 15.52 21.26
C GLY D 64 -1.06 15.97 21.51
N THR D 65 -1.81 15.15 22.23
CA THR D 65 -3.20 15.41 22.56
C THR D 65 -3.40 16.66 23.42
N LYS D 66 -2.30 17.25 23.87
CA LYS D 66 -2.38 18.45 24.68
C LYS D 66 -2.98 19.58 23.83
N THR D 67 -2.74 19.49 22.53
CA THR D 67 -3.24 20.47 21.57
C THR D 67 -4.77 20.55 21.71
N LEU D 68 -5.43 19.40 21.77
CA LEU D 68 -6.88 19.32 21.90
C LEU D 68 -7.41 19.92 23.20
N LEU D 69 -6.71 19.67 24.31
CA LEU D 69 -7.14 20.22 25.59
C LEU D 69 -6.96 21.74 25.60
N ALA D 70 -5.90 22.22 24.96
CA ALA D 70 -5.65 23.65 24.89
C ALA D 70 -6.74 24.32 24.05
N LEU D 71 -7.08 23.72 22.91
CA LEU D 71 -8.13 24.25 22.04
C LEU D 71 -9.45 24.27 22.78
N GLU D 72 -9.77 23.15 23.45
CA GLU D 72 -11.02 23.04 24.20
C GLU D 72 -11.11 24.16 25.24
N ALA D 73 -10.02 24.38 25.96
CA ALA D 73 -9.97 25.42 26.97
C ALA D 73 -9.87 26.77 26.27
N GLY D 74 -9.67 26.75 24.96
CA GLY D 74 -9.57 27.97 24.19
C GLY D 74 -8.28 28.75 24.39
N ASP D 75 -7.17 28.05 24.62
CA ASP D 75 -5.89 28.71 24.83
C ASP D 75 -4.70 27.89 24.32
N VAL D 76 -4.14 28.31 23.19
CA VAL D 76 -3.00 27.63 22.58
C VAL D 76 -1.77 28.52 22.59
N SER D 77 -1.79 29.54 23.45
CA SER D 77 -0.70 30.50 23.57
C SER D 77 0.58 29.90 24.17
N GLY D 78 0.50 28.65 24.60
CA GLY D 78 1.66 28.01 25.18
C GLY D 78 2.12 26.76 24.46
N LEU D 79 1.42 26.38 23.39
CA LEU D 79 1.77 25.17 22.66
C LEU D 79 3.10 25.29 21.88
N GLY D 80 3.52 26.51 21.60
CA GLY D 80 4.78 26.69 20.90
C GLY D 80 5.88 26.38 21.88
N PHE D 81 5.66 26.77 23.13
CA PHE D 81 6.62 26.53 24.19
C PHE D 81 6.67 25.03 24.47
N ASP D 82 5.52 24.38 24.49
CA ASP D 82 5.46 22.95 24.74
C ASP D 82 6.34 22.20 23.75
N LEU D 83 6.11 22.45 22.46
CA LEU D 83 6.86 21.81 21.40
C LEU D 83 8.35 22.17 21.36
N VAL D 84 8.67 23.45 21.42
CA VAL D 84 10.06 23.89 21.38
C VAL D 84 10.85 23.34 22.56
N ASN D 85 10.29 23.45 23.76
CA ASN D 85 10.94 22.96 24.96
C ASN D 85 11.08 21.45 24.96
N HIS D 86 10.06 20.76 24.48
CA HIS D 86 10.11 19.32 24.40
C HIS D 86 11.32 18.99 23.51
N SER D 87 11.37 19.57 22.32
CA SER D 87 12.46 19.33 21.38
C SER D 87 13.84 19.66 21.94
N VAL D 88 13.95 20.78 22.64
CA VAL D 88 15.20 21.24 23.22
C VAL D 88 15.78 20.22 24.20
N ASN D 89 14.92 19.67 25.04
CA ASN D 89 15.34 18.69 26.03
C ASN D 89 15.81 17.40 25.36
N ASP D 90 15.15 17.02 24.27
CA ASP D 90 15.52 15.81 23.53
C ASP D 90 16.98 15.86 23.06
N LEU D 91 17.44 17.05 22.68
CA LEU D 91 18.83 17.21 22.22
C LEU D 91 19.76 17.38 23.42
N LEU D 92 19.25 17.94 24.52
CA LEU D 92 20.09 18.11 25.71
C LEU D 92 20.49 16.73 26.22
N ALA D 93 19.61 15.76 26.08
CA ALA D 93 19.87 14.40 26.52
C ALA D 93 21.06 13.83 25.74
N GLN D 94 21.27 14.32 24.52
CA GLN D 94 22.39 13.88 23.69
C GLN D 94 23.60 14.77 24.01
N GLY D 95 23.37 15.80 24.83
CA GLY D 95 24.42 16.74 25.20
C GLY D 95 24.59 17.88 24.21
N ALA D 96 23.57 18.17 23.41
CA ALA D 96 23.65 19.20 22.37
C ALA D 96 22.94 20.53 22.58
N GLU D 97 23.45 21.55 21.88
CA GLU D 97 22.91 22.91 21.88
C GLU D 97 22.05 23.05 20.63
N PRO D 98 21.02 23.92 20.66
CA PRO D 98 20.19 24.06 19.47
C PRO D 98 20.81 24.98 18.42
N LEU D 99 20.45 24.76 17.15
CA LEU D 99 20.95 25.57 16.04
C LEU D 99 19.80 26.37 15.42
N PHE D 100 18.75 25.66 15.03
CA PHE D 100 17.58 26.28 14.44
C PHE D 100 16.38 25.35 14.54
N PHE D 101 15.19 25.92 14.51
CA PHE D 101 13.96 25.16 14.65
C PHE D 101 13.04 25.40 13.46
N LEU D 102 12.16 24.45 13.18
CA LEU D 102 11.17 24.64 12.12
C LEU D 102 10.01 23.70 12.40
N ASP D 103 8.81 24.10 12.03
CA ASP D 103 7.63 23.29 12.32
C ASP D 103 6.75 22.90 11.15
N TYR D 104 5.78 22.05 11.46
CA TYR D 104 4.81 21.55 10.48
C TYR D 104 3.47 21.49 11.23
N LEU D 105 2.52 22.33 10.83
CA LEU D 105 1.20 22.36 11.47
C LEU D 105 0.11 21.80 10.53
N ALA D 106 -0.56 20.75 10.98
CA ALA D 106 -1.61 20.10 10.21
C ALA D 106 -2.94 20.11 10.96
N ALA D 107 -4.03 20.34 10.22
CA ALA D 107 -5.36 20.37 10.82
C ALA D 107 -6.45 19.92 9.84
N SER D 108 -7.67 19.75 10.35
CA SER D 108 -8.80 19.37 9.52
C SER D 108 -9.06 20.63 8.68
N HIS D 109 -9.07 21.77 9.35
CA HIS D 109 -9.27 23.04 8.69
C HIS D 109 -8.38 24.03 9.42
N LEU D 110 -7.60 24.78 8.66
CA LEU D 110 -6.68 25.74 9.21
C LEU D 110 -7.36 27.08 9.53
N ASP D 111 -8.06 27.12 10.66
CA ASP D 111 -8.74 28.34 11.09
C ASP D 111 -7.69 29.41 11.32
N GLU D 112 -7.94 30.59 10.78
CA GLU D 112 -7.00 31.70 10.87
C GLU D 112 -6.68 32.26 12.26
N GLY D 113 -7.67 32.29 13.15
CA GLY D 113 -7.40 32.79 14.49
C GLY D 113 -6.43 31.89 15.23
N VAL D 114 -6.67 30.59 15.15
CA VAL D 114 -5.85 29.58 15.80
C VAL D 114 -4.47 29.49 15.17
N LEU D 115 -4.43 29.51 13.83
CA LEU D 115 -3.19 29.43 13.10
C LEU D 115 -2.25 30.54 13.53
N ALA D 116 -2.78 31.76 13.56
CA ALA D 116 -1.97 32.92 13.95
C ALA D 116 -1.56 32.83 15.42
N ALA D 117 -2.43 32.28 16.27
CA ALA D 117 -2.10 32.15 17.69
C ALA D 117 -0.95 31.16 17.86
N LEU D 118 -1.04 30.03 17.16
CA LEU D 118 -0.01 28.99 17.19
C LEU D 118 1.31 29.52 16.66
N LEU D 119 1.27 30.19 15.50
CA LEU D 119 2.46 30.77 14.89
C LEU D 119 3.17 31.76 15.81
N ALA D 120 2.40 32.59 16.51
CA ALA D 120 2.97 33.57 17.44
C ALA D 120 3.64 32.86 18.60
N SER D 121 2.97 31.82 19.09
CA SER D 121 3.47 31.03 20.21
C SER D 121 4.81 30.39 19.88
N LEU D 122 4.90 29.78 18.71
CA LEU D 122 6.14 29.15 18.31
C LEU D 122 7.27 30.17 18.21
N ALA D 123 7.02 31.26 17.48
CA ALA D 123 8.01 32.29 17.32
C ALA D 123 8.59 32.74 18.66
N GLU D 124 7.74 32.95 19.67
CA GLU D 124 8.24 33.40 20.97
C GLU D 124 8.96 32.32 21.78
N ALA D 125 8.51 31.07 21.66
CA ALA D 125 9.17 29.98 22.38
C ALA D 125 10.61 29.86 21.90
N CYS D 126 10.86 30.16 20.62
CA CYS D 126 12.21 30.10 20.06
C CYS D 126 12.99 31.35 20.41
N ARG D 127 12.28 32.47 20.40
CA ARG D 127 12.89 33.76 20.72
C ARG D 127 13.38 33.72 22.16
N ALA D 128 12.58 33.12 23.03
CA ALA D 128 12.90 32.99 24.46
C ALA D 128 14.21 32.24 24.70
N HIS D 129 14.52 31.32 23.80
CA HIS D 129 15.74 30.52 23.90
C HIS D 129 16.86 31.01 22.99
N GLY D 130 16.52 31.91 22.06
CA GLY D 130 17.51 32.44 21.14
C GLY D 130 17.76 31.46 20.01
N ILE D 131 16.73 30.70 19.67
CA ILE D 131 16.82 29.70 18.62
C ILE D 131 16.24 30.29 17.34
N PRO D 132 17.02 30.28 16.24
CA PRO D 132 16.56 30.81 14.95
C PRO D 132 15.37 29.97 14.46
N LEU D 133 14.34 30.63 13.95
CA LEU D 133 13.17 29.92 13.44
C LEU D 133 13.10 30.04 11.91
N LEU D 134 13.28 28.92 11.24
CA LEU D 134 13.21 28.85 9.78
C LEU D 134 11.76 28.64 9.37
N GLY D 135 11.43 29.00 8.13
CA GLY D 135 10.06 28.83 7.66
C GLY D 135 9.52 27.41 7.75
N GLY D 136 8.29 27.28 8.22
CA GLY D 136 7.69 25.96 8.34
C GLY D 136 6.61 25.72 7.29
N GLU D 137 5.75 24.74 7.55
CA GLU D 137 4.66 24.41 6.63
C GLU D 137 3.35 24.14 7.36
N THR D 138 2.27 24.17 6.59
CA THR D 138 0.94 23.89 7.12
C THR D 138 0.25 22.97 6.14
N ALA D 139 -0.71 22.21 6.63
CA ALA D 139 -1.45 21.31 5.77
C ALA D 139 -2.90 21.37 6.24
N GLU D 140 -3.81 21.15 5.30
CA GLU D 140 -5.24 21.17 5.58
C GLU D 140 -5.82 19.88 4.99
N MET D 141 -6.03 18.89 5.85
CA MET D 141 -6.54 17.59 5.41
C MET D 141 -7.72 17.12 6.25
N PRO D 142 -8.93 17.63 5.95
CA PRO D 142 -10.13 17.24 6.71
C PRO D 142 -10.45 15.73 6.60
N GLY D 143 -9.93 15.10 5.56
CA GLY D 143 -10.16 13.67 5.36
C GLY D 143 -9.17 12.85 6.18
N VAL D 144 -8.25 13.57 6.84
CA VAL D 144 -7.22 12.97 7.69
C VAL D 144 -7.51 13.25 9.17
N TYR D 145 -7.79 14.51 9.49
CA TYR D 145 -8.04 14.94 10.86
C TYR D 145 -9.50 15.03 11.22
N ARG D 146 -9.80 14.76 12.49
CA ARG D 146 -11.17 14.86 12.96
C ARG D 146 -11.49 16.34 12.92
N GLU D 147 -12.77 16.65 13.00
CA GLU D 147 -13.22 18.03 12.96
C GLU D 147 -12.57 18.87 14.05
N GLY D 148 -12.11 20.06 13.68
CA GLY D 148 -11.50 20.97 14.63
C GLY D 148 -10.19 20.57 15.29
N ALA D 149 -9.58 19.48 14.84
CA ALA D 149 -8.31 18.99 15.40
C ALA D 149 -7.08 19.48 14.65
N TRP D 150 -5.94 19.50 15.36
CA TRP D 150 -4.64 19.92 14.82
C TRP D 150 -3.54 18.96 15.28
N ASP D 151 -2.45 18.91 14.53
CA ASP D 151 -1.31 18.08 14.90
C ASP D 151 -0.07 18.98 14.78
N ILE D 152 0.47 19.40 15.92
CA ILE D 152 1.61 20.30 15.91
C ILE D 152 2.90 19.53 16.18
N ALA D 153 3.81 19.56 15.21
CA ALA D 153 5.08 18.86 15.29
C ALA D 153 6.20 19.73 14.76
N GLY D 154 7.42 19.42 15.15
CA GLY D 154 8.55 20.21 14.68
C GLY D 154 9.84 19.44 14.70
N THR D 155 10.91 20.12 14.33
CA THR D 155 12.23 19.53 14.29
C THR D 155 13.22 20.57 14.77
N LEU D 156 14.11 20.16 15.66
CA LEU D 156 15.12 21.05 16.18
C LEU D 156 16.45 20.44 15.79
N VAL D 157 17.29 21.24 15.13
CA VAL D 157 18.61 20.78 14.73
C VAL D 157 19.60 21.35 15.74
N GLY D 158 20.63 20.58 16.04
CA GLY D 158 21.60 21.06 17.01
C GLY D 158 22.99 20.59 16.68
N VAL D 159 23.94 20.96 17.54
CA VAL D 159 25.32 20.56 17.34
C VAL D 159 25.94 20.20 18.68
N VAL D 160 26.77 19.15 18.67
CA VAL D 160 27.45 18.72 19.87
C VAL D 160 28.85 18.22 19.49
N GLU D 161 29.82 18.41 20.38
CA GLU D 161 31.18 17.95 20.11
C GLU D 161 31.23 16.45 20.37
N ARG D 162 31.66 15.69 19.36
CA ARG D 162 31.72 14.22 19.43
C ARG D 162 32.02 13.53 20.76
N SER D 163 33.13 13.87 21.41
CA SER D 163 33.44 13.19 22.67
C SER D 163 32.72 13.78 23.88
N ARG D 164 31.83 14.73 23.65
CA ARG D 164 31.07 15.35 24.72
C ARG D 164 29.62 14.86 24.65
N ILE D 165 29.38 13.94 23.73
CA ILE D 165 28.06 13.37 23.54
C ILE D 165 27.68 12.51 24.73
N LEU D 166 26.45 12.69 25.19
CA LEU D 166 25.91 11.94 26.31
C LEU D 166 25.34 10.63 25.81
N GLY D 167 25.48 9.57 26.60
CA GLY D 167 24.96 8.28 26.19
C GLY D 167 25.26 7.20 27.20
N PRO D 168 24.58 6.04 27.10
CA PRO D 168 24.76 4.92 28.01
C PRO D 168 26.17 4.34 28.10
N GLU D 169 26.98 4.53 27.07
CA GLU D 169 28.33 4.00 27.10
C GLU D 169 29.24 4.73 28.10
N ARG D 170 28.79 5.88 28.59
CA ARG D 170 29.58 6.66 29.55
C ARG D 170 29.14 6.38 30.97
N VAL D 171 27.91 5.89 31.11
CA VAL D 171 27.33 5.56 32.40
C VAL D 171 28.14 4.51 33.16
N ARG D 172 28.39 4.78 34.44
CA ARG D 172 29.15 3.86 35.29
C ARG D 172 28.30 3.44 36.48
N GLU D 173 28.57 2.25 37.03
CA GLU D 173 27.82 1.77 38.17
C GLU D 173 28.15 2.65 39.36
N GLY D 174 27.12 2.98 40.15
CA GLY D 174 27.33 3.84 41.31
C GLY D 174 27.01 5.29 41.00
N ASP D 175 26.75 5.58 39.72
CA ASP D 175 26.42 6.93 39.29
C ASP D 175 25.17 7.38 40.00
N ALA D 176 25.08 8.68 40.23
CA ALA D 176 23.93 9.29 40.89
C ALA D 176 22.87 9.66 39.85
N LEU D 177 21.61 9.58 40.25
CA LEU D 177 20.53 9.95 39.37
C LEU D 177 20.12 11.33 39.86
N LEU D 178 20.12 12.30 38.95
CA LEU D 178 19.78 13.65 39.31
C LEU D 178 18.56 14.11 38.53
N ALA D 179 17.48 14.36 39.26
CA ALA D 179 16.27 14.79 38.62
C ALA D 179 16.05 16.29 38.65
N LEU D 180 15.74 16.83 37.48
CA LEU D 180 15.41 18.23 37.29
C LEU D 180 13.88 18.15 37.21
N PRO D 181 13.16 18.90 38.08
CA PRO D 181 11.69 18.94 38.15
C PRO D 181 10.88 19.34 36.91
N SER D 182 9.78 18.63 36.68
CA SER D 182 8.93 18.93 35.53
C SER D 182 7.96 20.03 35.96
N SER D 183 7.41 20.77 35.01
CA SER D 183 6.47 21.83 35.34
C SER D 183 5.09 21.23 35.43
N GLY D 184 5.02 19.91 35.25
CA GLY D 184 3.74 19.25 35.32
C GLY D 184 3.69 18.13 34.31
N PRO D 185 2.53 17.90 33.69
CA PRO D 185 2.34 16.83 32.70
C PRO D 185 3.25 16.96 31.47
N HIS D 186 3.57 18.20 31.10
CA HIS D 186 4.40 18.47 29.94
C HIS D 186 3.64 18.15 28.66
N THR D 187 4.17 17.23 27.84
CA THR D 187 3.49 16.89 26.57
C THR D 187 3.25 15.40 26.28
N ASN D 188 2.98 14.63 27.34
CA ASN D 188 2.68 13.22 27.19
C ASN D 188 1.66 12.82 28.24
N GLY D 189 0.72 11.97 27.84
CA GLY D 189 -0.30 11.50 28.75
C GLY D 189 -1.59 12.29 28.72
N TYR D 190 -1.77 13.15 27.73
CA TYR D 190 -2.98 13.95 27.67
C TYR D 190 -4.22 13.23 27.22
N SER D 191 -4.06 12.07 26.62
CA SER D 191 -5.24 11.32 26.21
C SER D 191 -5.92 10.90 27.51
N LEU D 192 -5.13 10.31 28.41
CA LEU D 192 -5.65 9.86 29.70
C LEU D 192 -6.18 11.09 30.41
N ILE D 193 -5.40 12.16 30.43
CA ILE D 193 -5.79 13.41 31.07
C ILE D 193 -7.18 13.90 30.63
N ARG D 194 -7.39 14.03 29.33
CA ARG D 194 -8.67 14.50 28.80
C ARG D 194 -9.82 13.58 29.19
N LYS D 195 -9.53 12.28 29.24
CA LYS D 195 -10.53 11.29 29.60
C LYS D 195 -10.94 11.40 31.07
N VAL D 196 -9.96 11.76 31.91
CA VAL D 196 -10.21 11.90 33.35
C VAL D 196 -10.87 13.22 33.76
N VAL D 197 -10.51 14.32 33.08
CA VAL D 197 -11.07 15.62 33.43
C VAL D 197 -12.27 16.02 32.57
N ALA D 198 -12.82 15.05 31.83
CA ALA D 198 -13.96 15.31 30.98
C ALA D 198 -15.13 15.79 31.83
N GLY D 199 -15.72 16.92 31.43
CA GLY D 199 -16.86 17.45 32.14
C GLY D 199 -16.54 18.33 33.33
N GLN D 200 -15.28 18.33 33.76
CA GLN D 200 -14.86 19.15 34.89
C GLN D 200 -14.77 20.61 34.49
N ASP D 201 -14.99 21.51 35.44
CA ASP D 201 -14.89 22.94 35.18
C ASP D 201 -13.39 23.23 35.17
N LEU D 202 -12.81 23.30 33.97
CA LEU D 202 -11.38 23.54 33.87
C LEU D 202 -10.93 24.88 34.43
N SER D 203 -11.83 25.85 34.48
CA SER D 203 -11.47 27.17 34.97
C SER D 203 -11.67 27.40 36.47
N ALA D 204 -12.28 26.44 37.16
CA ALA D 204 -12.51 26.57 38.60
C ALA D 204 -11.27 26.19 39.39
N PRO D 205 -10.86 27.04 40.34
CA PRO D 205 -9.69 26.72 41.13
C PRO D 205 -9.84 25.42 41.93
N VAL D 206 -8.71 24.78 42.19
CA VAL D 206 -8.68 23.54 42.97
C VAL D 206 -7.74 23.89 44.12
N PRO D 207 -8.27 23.94 45.35
CA PRO D 207 -7.51 24.27 46.55
C PRO D 207 -6.14 23.62 46.67
N GLU D 208 -6.09 22.30 46.46
CA GLU D 208 -4.84 21.56 46.56
C GLU D 208 -3.89 21.81 45.39
N LEU D 209 -4.38 22.46 44.34
CA LEU D 209 -3.56 22.78 43.16
C LEU D 209 -3.12 24.25 43.23
N GLY D 210 -3.85 25.04 44.02
CA GLY D 210 -3.54 26.44 44.17
C GLY D 210 -3.97 27.20 42.94
N GLU D 211 -4.53 26.47 41.98
CA GLU D 211 -4.99 27.07 40.73
C GLU D 211 -6.04 26.17 40.09
N SER D 212 -6.44 26.51 38.86
CA SER D 212 -7.45 25.74 38.15
C SER D 212 -6.87 24.55 37.39
N LEU D 213 -7.75 23.71 36.89
CA LEU D 213 -7.35 22.54 36.15
C LEU D 213 -6.60 23.02 34.90
N LYS D 214 -7.14 24.02 34.24
CA LYS D 214 -6.57 24.59 33.02
C LYS D 214 -5.15 25.12 33.20
N GLU D 215 -4.93 25.89 34.26
CA GLU D 215 -3.63 26.48 34.53
C GLU D 215 -2.57 25.43 34.86
N ALA D 216 -2.99 24.33 35.46
CA ALA D 216 -2.09 23.25 35.85
C ALA D 216 -1.76 22.34 34.67
N LEU D 217 -2.77 22.06 33.84
CA LEU D 217 -2.59 21.18 32.70
C LEU D 217 -2.04 21.85 31.44
N LEU D 218 -2.22 23.16 31.32
CA LEU D 218 -1.73 23.88 30.15
C LEU D 218 -0.40 24.57 30.35
N ARG D 219 0.09 24.59 31.58
CA ARG D 219 1.38 25.20 31.86
C ARG D 219 2.33 24.47 30.94
N PRO D 220 3.10 25.23 30.14
CA PRO D 220 4.06 24.66 29.19
C PRO D 220 5.07 23.64 29.70
N HIS D 221 5.57 22.86 28.76
CA HIS D 221 6.61 21.85 28.97
C HIS D 221 7.87 22.62 29.35
N ARG D 222 8.53 22.25 30.44
CA ARG D 222 9.73 22.97 30.88
C ARG D 222 11.01 22.61 30.13
N ALA D 223 11.76 23.64 29.73
CA ALA D 223 13.03 23.43 29.03
C ALA D 223 14.09 23.53 30.10
N TYR D 224 15.18 22.78 29.91
CA TYR D 224 16.27 22.75 30.88
C TYR D 224 17.58 23.26 30.30
N LEU D 225 17.49 24.05 29.24
CA LEU D 225 18.66 24.61 28.57
C LEU D 225 19.48 25.49 29.52
N LYS D 226 18.77 26.27 30.33
CA LYS D 226 19.42 27.15 31.29
C LYS D 226 20.26 26.31 32.25
N GLU D 227 19.71 25.18 32.67
CA GLU D 227 20.40 24.27 33.59
C GLU D 227 21.64 23.67 32.95
N PHE D 228 21.49 23.09 31.76
CA PHE D 228 22.62 22.50 31.08
C PHE D 228 23.71 23.52 30.82
N ARG D 229 23.33 24.69 30.32
CA ARG D 229 24.31 25.74 30.05
C ARG D 229 25.15 26.02 31.29
N LEU D 230 24.53 26.00 32.47
CA LEU D 230 25.25 26.23 33.71
C LEU D 230 26.21 25.09 34.04
N LEU D 231 25.75 23.84 33.86
CA LEU D 231 26.61 22.70 34.15
C LEU D 231 27.75 22.60 33.14
N TRP D 232 27.49 22.95 31.89
CA TRP D 232 28.54 22.90 30.90
C TRP D 232 29.56 23.98 31.27
N GLU D 233 29.09 25.22 31.39
CA GLU D 233 29.96 26.33 31.75
C GLU D 233 30.80 26.02 32.99
N ALA D 234 30.20 25.35 33.96
CA ALA D 234 30.90 24.99 35.20
C ALA D 234 31.78 23.76 35.02
N GLY D 235 31.61 23.06 33.90
CA GLY D 235 32.42 21.88 33.63
C GLY D 235 32.08 20.66 34.48
N VAL D 236 30.82 20.52 34.85
CA VAL D 236 30.38 19.38 35.66
C VAL D 236 30.30 18.16 34.73
N GLU D 237 30.82 17.03 35.19
CA GLU D 237 30.80 15.81 34.39
C GLU D 237 29.45 15.08 34.39
N LEU D 238 28.92 14.87 33.18
CA LEU D 238 27.66 14.17 32.97
C LEU D 238 28.01 12.92 32.19
N HIS D 239 27.12 11.93 32.19
CA HIS D 239 27.38 10.71 31.44
C HIS D 239 26.24 10.45 30.48
N ALA D 240 25.03 10.64 30.99
CA ALA D 240 23.82 10.45 30.22
C ALA D 240 22.71 11.25 30.87
N ALA D 241 21.57 11.33 30.19
CA ALA D 241 20.43 12.06 30.68
C ALA D 241 19.21 11.51 30.01
N ALA D 242 18.12 11.42 30.73
CA ALA D 242 16.90 10.91 30.14
C ALA D 242 15.82 11.95 30.22
N HIS D 243 15.24 12.27 29.06
CA HIS D 243 14.14 13.20 28.99
C HIS D 243 12.93 12.31 29.22
N ILE D 244 12.19 12.56 30.30
CA ILE D 244 11.03 11.76 30.68
C ILE D 244 9.80 12.16 29.87
N THR D 245 9.67 11.56 28.69
CA THR D 245 8.56 11.83 27.80
C THR D 245 7.59 10.66 27.76
N GLY D 246 7.24 10.21 26.55
CA GLY D 246 6.32 9.10 26.41
C GLY D 246 6.79 7.84 27.12
N GLY D 247 5.91 7.25 27.92
CA GLY D 247 6.28 6.03 28.65
C GLY D 247 6.81 6.25 30.05
N GLY D 248 6.92 7.51 30.45
CA GLY D 248 7.39 7.82 31.78
C GLY D 248 8.79 7.36 32.12
N LEU D 249 9.07 7.32 33.41
CA LEU D 249 10.37 6.91 33.92
C LEU D 249 10.77 5.50 33.46
N PRO D 250 9.87 4.52 33.62
CA PRO D 250 10.13 3.12 33.21
C PRO D 250 10.64 2.95 31.79
N GLU D 251 10.12 3.75 30.87
CA GLU D 251 10.51 3.68 29.48
C GLU D 251 11.81 4.40 29.13
N ASN D 252 11.91 5.65 29.55
CA ASN D 252 13.06 6.48 29.21
C ASN D 252 14.38 6.42 30.00
N LEU D 253 14.33 6.14 31.30
CA LEU D 253 15.59 6.10 32.05
C LEU D 253 16.49 4.95 31.60
N PRO D 254 15.92 3.76 31.35
CA PRO D 254 16.70 2.60 30.92
C PRO D 254 17.48 2.79 29.61
N ARG D 255 16.94 3.63 28.72
CA ARG D 255 17.58 3.89 27.44
C ARG D 255 18.88 4.67 27.58
N ALA D 256 19.08 5.25 28.76
CA ALA D 256 20.28 6.01 29.05
C ALA D 256 21.28 5.11 29.78
N LEU D 257 20.83 3.90 30.14
CA LEU D 257 21.66 2.93 30.86
C LEU D 257 22.19 1.78 30.02
N PRO D 258 23.50 1.51 30.10
CA PRO D 258 24.16 0.43 29.35
C PRO D 258 23.67 -0.95 29.80
N PRO D 259 23.89 -1.98 28.97
CA PRO D 259 23.46 -3.34 29.32
C PRO D 259 24.08 -3.83 30.63
N GLY D 260 23.27 -4.45 31.47
CA GLY D 260 23.80 -4.94 32.73
C GLY D 260 23.68 -3.96 33.88
N LEU D 261 23.12 -2.79 33.59
CA LEU D 261 22.92 -1.76 34.61
C LEU D 261 21.46 -1.32 34.66
N GLY D 262 20.99 -1.06 35.87
CA GLY D 262 19.61 -0.65 36.07
C GLY D 262 19.61 0.53 37.02
N ALA D 263 18.43 0.88 37.53
CA ALA D 263 18.34 2.02 38.44
C ALA D 263 17.35 1.81 39.57
N GLU D 264 17.61 2.47 40.68
CA GLU D 264 16.75 2.41 41.84
C GLU D 264 16.50 3.85 42.24
N VAL D 265 15.23 4.23 42.22
CA VAL D 265 14.84 5.59 42.56
C VAL D 265 14.12 5.57 43.89
N ARG D 266 14.54 6.43 44.80
CA ARG D 266 13.93 6.52 46.11
C ARG D 266 12.65 7.32 46.06
N ARG D 267 11.53 6.70 46.42
CA ARG D 267 10.25 7.40 46.42
C ARG D 267 10.39 8.52 47.45
N GLY D 268 9.78 9.66 47.16
CA GLY D 268 9.81 10.80 48.07
C GLY D 268 10.98 11.77 47.98
N SER D 269 12.01 11.44 47.18
CA SER D 269 13.21 12.29 47.04
C SER D 269 13.12 13.52 46.12
N TRP D 270 11.95 13.73 45.50
CA TRP D 270 11.75 14.85 44.61
C TRP D 270 10.29 15.27 44.73
N PRO D 271 9.98 16.52 44.36
CA PRO D 271 8.60 17.04 44.42
C PRO D 271 7.70 16.51 43.31
N ILE D 272 6.55 15.97 43.67
CA ILE D 272 5.60 15.50 42.66
C ILE D 272 4.54 16.59 42.54
N PRO D 273 4.46 17.27 41.37
CA PRO D 273 3.45 18.32 41.21
C PRO D 273 2.07 17.79 41.65
N PRO D 274 1.30 18.60 42.38
CA PRO D 274 -0.02 18.21 42.87
C PRO D 274 -1.09 17.76 41.86
N VAL D 275 -1.00 18.22 40.61
CA VAL D 275 -1.98 17.83 39.58
C VAL D 275 -1.95 16.32 39.31
N PHE D 276 -0.81 15.70 39.61
CA PHE D 276 -0.65 14.26 39.40
C PHE D 276 -1.51 13.45 40.35
N PRO D 277 -1.30 13.56 41.68
CA PRO D 277 -2.16 12.77 42.58
C PRO D 277 -3.63 13.21 42.48
N TYR D 278 -3.88 14.40 41.94
CA TYR D 278 -5.24 14.89 41.79
C TYR D 278 -5.88 14.18 40.60
N LEU D 279 -5.12 14.01 39.52
CA LEU D 279 -5.62 13.32 38.33
C LEU D 279 -5.83 11.85 38.67
N GLN D 280 -4.88 11.30 39.41
CA GLN D 280 -4.90 9.90 39.83
C GLN D 280 -6.09 9.55 40.74
N ARG D 281 -6.53 10.48 41.57
CA ARG D 281 -7.67 10.23 42.44
C ARG D 281 -8.93 10.47 41.63
N LEU D 282 -8.93 11.56 40.88
CA LEU D 282 -10.06 11.94 40.04
C LEU D 282 -10.39 10.76 39.15
N GLY D 283 -9.36 10.17 38.54
CA GLY D 283 -9.57 9.01 37.70
C GLY D 283 -9.25 7.79 38.54
N GLY D 284 -9.59 6.60 38.09
CA GLY D 284 -9.28 5.43 38.88
C GLY D 284 -7.94 4.89 38.45
N ILE D 285 -6.95 5.78 38.41
CA ILE D 285 -5.61 5.47 37.94
C ILE D 285 -4.65 4.78 38.91
N PRO D 286 -4.39 3.48 38.68
CA PRO D 286 -3.48 2.69 39.52
C PRO D 286 -2.13 3.40 39.48
N GLU D 287 -1.33 3.22 40.52
CA GLU D 287 -0.03 3.89 40.51
C GLU D 287 0.95 3.38 39.44
N GLU D 288 0.86 2.10 39.09
CA GLU D 288 1.76 1.56 38.09
C GLU D 288 1.48 2.27 36.76
N GLU D 289 0.20 2.50 36.48
CA GLU D 289 -0.19 3.19 35.26
C GLU D 289 0.30 4.63 35.30
N MET D 290 0.18 5.26 36.46
CA MET D 290 0.62 6.64 36.64
C MET D 290 2.09 6.84 36.25
N TYR D 291 2.95 5.93 36.64
CA TYR D 291 4.38 6.05 36.32
C TYR D 291 4.74 5.64 34.90
N ARG D 292 3.83 4.99 34.20
CA ARG D 292 4.10 4.57 32.83
C ARG D 292 3.62 5.65 31.87
N VAL D 293 2.77 6.53 32.37
CA VAL D 293 2.18 7.58 31.55
C VAL D 293 2.76 8.98 31.77
N PHE D 294 2.77 9.40 33.03
CA PHE D 294 3.23 10.73 33.42
C PHE D 294 4.66 10.80 33.95
N ASN D 295 5.27 11.97 33.82
CA ASN D 295 6.65 12.15 34.27
C ASN D 295 6.72 12.25 35.80
N MET D 296 5.55 12.28 36.43
CA MET D 296 5.44 12.36 37.89
C MET D 296 6.46 13.27 38.57
N GLY D 297 6.69 14.45 38.01
CA GLY D 297 7.64 15.39 38.60
C GLY D 297 9.04 15.32 38.02
N LEU D 298 9.33 14.24 37.29
CA LEU D 298 10.65 14.03 36.68
C LEU D 298 10.69 14.56 35.25
N GLY D 299 11.20 15.78 35.06
CA GLY D 299 11.29 16.37 33.74
C GLY D 299 12.44 15.78 32.95
N MET D 300 13.57 15.65 33.61
CA MET D 300 14.78 15.07 33.04
C MET D 300 15.56 14.40 34.17
N VAL D 301 16.20 13.28 33.88
CA VAL D 301 17.01 12.60 34.89
C VAL D 301 18.42 12.43 34.34
N LEU D 302 19.37 13.10 34.99
CA LEU D 302 20.76 13.04 34.56
C LEU D 302 21.52 11.95 35.32
N VAL D 303 22.45 11.30 34.60
CA VAL D 303 23.29 10.25 35.19
C VAL D 303 24.72 10.79 35.24
N LEU D 304 25.28 10.86 36.43
CA LEU D 304 26.63 11.38 36.59
C LEU D 304 27.26 10.92 37.91
N PRO D 305 28.60 10.97 38.00
CA PRO D 305 29.25 10.54 39.24
C PRO D 305 28.61 11.19 40.45
N GLN D 306 28.72 10.55 41.61
CA GLN D 306 28.15 11.10 42.83
C GLN D 306 28.72 12.49 43.11
N GLU D 307 30.01 12.65 42.87
CA GLU D 307 30.68 13.93 43.09
C GLU D 307 30.14 15.04 42.18
N ALA D 308 30.03 14.76 40.88
CA ALA D 308 29.51 15.72 39.91
C ALA D 308 28.07 16.11 40.26
N ALA D 309 27.31 15.13 40.78
CA ALA D 309 25.93 15.36 41.17
C ALA D 309 25.87 16.38 42.31
N GLU D 310 26.80 16.28 43.24
CA GLU D 310 26.86 17.20 44.37
C GLU D 310 27.22 18.59 43.85
N GLU D 311 28.11 18.64 42.87
CA GLU D 311 28.54 19.89 42.26
C GLU D 311 27.36 20.53 41.51
N ALA D 312 26.57 19.70 40.84
CA ALA D 312 25.40 20.17 40.07
C ALA D 312 24.31 20.84 40.92
N LEU D 313 23.97 20.21 42.04
CA LEU D 313 22.93 20.74 42.93
C LEU D 313 23.19 22.14 43.46
N LYS D 314 24.47 22.53 43.49
CA LYS D 314 24.85 23.85 43.95
C LYS D 314 24.58 24.87 42.84
N LEU D 315 24.47 24.37 41.63
CA LEU D 315 24.26 25.21 40.46
C LEU D 315 22.83 25.30 39.92
N VAL D 316 22.12 24.19 39.94
CA VAL D 316 20.76 24.17 39.42
C VAL D 316 19.74 23.57 40.37
N GLU D 317 18.47 23.82 40.09
CA GLU D 317 17.38 23.28 40.89
C GLU D 317 17.27 21.82 40.52
N GLY D 318 17.53 20.94 41.48
CA GLY D 318 17.47 19.52 41.21
C GLY D 318 17.39 18.66 42.46
N PHE D 319 17.17 17.36 42.26
CA PHE D 319 17.04 16.41 43.36
C PHE D 319 17.77 15.08 43.06
N LEU D 320 18.51 14.58 44.05
CA LEU D 320 19.20 13.30 43.90
C LEU D 320 18.15 12.26 44.20
N VAL D 321 17.67 11.60 43.16
CA VAL D 321 16.61 10.59 43.31
C VAL D 321 17.04 9.13 43.29
N GLY D 322 18.32 8.87 43.05
CA GLY D 322 18.75 7.49 43.04
C GLY D 322 20.18 7.23 42.60
N ARG D 323 20.45 5.97 42.26
CA ARG D 323 21.76 5.54 41.82
C ARG D 323 21.65 4.45 40.77
N VAL D 324 22.71 4.30 39.99
CA VAL D 324 22.77 3.27 38.96
C VAL D 324 23.30 2.02 39.64
N VAL D 325 22.58 0.92 39.48
CA VAL D 325 22.96 -0.33 40.11
C VAL D 325 23.03 -1.44 39.09
N PRO D 326 23.64 -2.58 39.47
CA PRO D 326 23.74 -3.70 38.54
C PRO D 326 22.34 -4.24 38.29
N GLY D 327 22.02 -4.56 37.04
CA GLY D 327 20.70 -5.09 36.77
C GLY D 327 20.06 -4.61 35.49
N GLU D 328 18.77 -4.31 35.57
CA GLU D 328 18.06 -3.84 34.38
C GLU D 328 16.75 -3.15 34.74
N GLY D 329 16.50 -2.01 34.11
CA GLY D 329 15.27 -1.28 34.36
C GLY D 329 15.33 -0.39 35.59
N VAL D 330 14.19 0.22 35.90
CA VAL D 330 14.09 1.12 37.05
C VAL D 330 13.24 0.51 38.16
N ARG D 331 13.69 0.66 39.39
CA ARG D 331 12.96 0.16 40.54
C ARG D 331 12.79 1.26 41.58
N LEU D 332 11.55 1.48 42.01
CA LEU D 332 11.27 2.48 43.02
C LEU D 332 11.45 1.85 44.41
N VAL D 333 12.23 2.51 45.27
CA VAL D 333 12.49 2.02 46.62
C VAL D 333 11.95 2.98 47.69
N GLU E 53 -21.62 -8.86 -10.63
CA GLU E 53 -22.84 -9.41 -11.29
C GLU E 53 -23.16 -10.86 -10.89
N PRO E 54 -22.12 -11.69 -10.64
CA PRO E 54 -22.34 -13.09 -10.25
C PRO E 54 -23.25 -13.27 -9.03
N VAL E 55 -24.07 -14.31 -9.04
CA VAL E 55 -24.96 -14.60 -7.93
C VAL E 55 -24.37 -15.69 -7.03
N LEU E 56 -23.22 -16.24 -7.43
CA LEU E 56 -22.54 -17.28 -6.67
C LEU E 56 -21.14 -16.83 -6.30
N VAL E 57 -20.49 -17.57 -5.40
CA VAL E 57 -19.11 -17.25 -5.04
C VAL E 57 -18.25 -18.47 -5.39
N ALA E 58 -16.96 -18.25 -5.58
CA ALA E 58 -16.03 -19.32 -5.91
C ALA E 58 -14.63 -18.97 -5.46
N THR E 59 -13.83 -19.98 -5.15
CA THR E 59 -12.46 -19.73 -4.75
C THR E 59 -11.55 -20.81 -5.31
N THR E 60 -10.37 -20.43 -5.80
CA THR E 60 -9.43 -21.44 -6.28
C THR E 60 -8.46 -21.66 -5.13
N ASP E 61 -7.80 -22.80 -5.12
CA ASP E 61 -6.83 -23.12 -4.07
C ASP E 61 -5.88 -24.22 -4.54
N GLY E 62 -4.71 -24.29 -3.91
CA GLY E 62 -3.71 -25.30 -4.22
C GLY E 62 -3.26 -25.97 -2.93
N VAL E 63 -2.79 -27.20 -3.00
CA VAL E 63 -2.35 -27.91 -1.81
C VAL E 63 -1.02 -27.41 -1.25
N GLY E 64 -0.21 -26.74 -2.07
CA GLY E 64 1.07 -26.27 -1.57
C GLY E 64 2.09 -27.40 -1.65
N THR E 65 3.25 -27.25 -1.01
CA THR E 65 4.25 -28.32 -1.09
C THR E 65 3.96 -29.53 -0.23
N LYS E 66 2.82 -29.55 0.45
CA LYS E 66 2.46 -30.71 1.27
C LYS E 66 2.45 -31.92 0.32
N THR E 67 2.12 -31.65 -0.94
CA THR E 67 2.09 -32.68 -1.96
C THR E 67 3.45 -33.35 -2.10
N LEU E 68 4.52 -32.57 -2.16
CA LEU E 68 5.87 -33.14 -2.29
C LEU E 68 6.19 -34.08 -1.13
N LEU E 69 5.91 -33.62 0.09
CA LEU E 69 6.15 -34.45 1.27
C LEU E 69 5.32 -35.72 1.20
N ALA E 70 4.15 -35.64 0.57
CA ALA E 70 3.27 -36.80 0.43
C ALA E 70 3.85 -37.78 -0.60
N LEU E 71 4.38 -37.25 -1.70
CA LEU E 71 4.99 -38.10 -2.72
C LEU E 71 6.19 -38.82 -2.10
N GLU E 72 7.06 -38.02 -1.47
CA GLU E 72 8.27 -38.51 -0.82
C GLU E 72 7.97 -39.65 0.16
N ALA E 73 6.75 -39.69 0.69
CA ALA E 73 6.38 -40.72 1.65
C ALA E 73 5.52 -41.81 1.03
N GLY E 74 5.30 -41.72 -0.28
CA GLY E 74 4.50 -42.71 -0.97
C GLY E 74 3.02 -42.76 -0.63
N ASP E 75 2.54 -41.78 0.14
CA ASP E 75 1.12 -41.74 0.51
C ASP E 75 0.47 -40.40 0.14
N VAL E 76 -0.34 -40.42 -0.91
CA VAL E 76 -1.01 -39.22 -1.38
C VAL E 76 -2.52 -39.41 -1.27
N SER E 77 -2.93 -40.41 -0.51
CA SER E 77 -4.35 -40.72 -0.31
C SER E 77 -5.14 -39.64 0.43
N GLY E 78 -4.44 -38.73 1.08
CA GLY E 78 -5.10 -37.66 1.82
C GLY E 78 -5.14 -36.33 1.11
N LEU E 79 -4.37 -36.19 0.03
CA LEU E 79 -4.29 -34.95 -0.74
C LEU E 79 -5.62 -34.45 -1.33
N GLY E 80 -6.59 -35.34 -1.49
CA GLY E 80 -7.88 -34.91 -2.00
C GLY E 80 -8.67 -34.18 -0.92
N PHE E 81 -8.54 -34.66 0.31
CA PHE E 81 -9.20 -34.05 1.45
C PHE E 81 -8.51 -32.74 1.77
N ASP E 82 -7.18 -32.73 1.66
CA ASP E 82 -6.42 -31.52 1.93
C ASP E 82 -6.92 -30.38 1.06
N LEU E 83 -7.00 -30.62 -0.25
CA LEU E 83 -7.46 -29.60 -1.20
C LEU E 83 -8.92 -29.21 -0.99
N VAL E 84 -9.83 -30.18 -1.07
CA VAL E 84 -11.26 -29.92 -0.90
C VAL E 84 -11.64 -29.28 0.44
N ASN E 85 -11.03 -29.74 1.54
CA ASN E 85 -11.33 -29.20 2.87
C ASN E 85 -10.82 -27.78 3.06
N HIS E 86 -9.66 -27.49 2.48
CA HIS E 86 -9.11 -26.13 2.54
C HIS E 86 -10.13 -25.23 1.83
N SER E 87 -10.46 -25.61 0.59
CA SER E 87 -11.42 -24.89 -0.25
C SER E 87 -12.77 -24.70 0.41
N VAL E 88 -13.28 -25.75 1.04
CA VAL E 88 -14.58 -25.65 1.69
C VAL E 88 -14.54 -24.60 2.80
N ASN E 89 -13.43 -24.58 3.56
CA ASN E 89 -13.28 -23.63 4.67
C ASN E 89 -13.18 -22.18 4.21
N ASP E 90 -12.39 -21.93 3.18
CA ASP E 90 -12.26 -20.56 2.69
C ASP E 90 -13.62 -19.96 2.34
N LEU E 91 -14.48 -20.76 1.73
CA LEU E 91 -15.81 -20.26 1.36
C LEU E 91 -16.70 -20.22 2.58
N LEU E 92 -16.42 -21.09 3.53
CA LEU E 92 -17.18 -21.15 4.76
C LEU E 92 -17.01 -19.85 5.53
N ALA E 93 -15.79 -19.31 5.48
CA ALA E 93 -15.45 -18.07 6.17
C ALA E 93 -16.38 -16.91 5.81
N GLN E 94 -17.05 -16.98 4.66
CA GLN E 94 -17.97 -15.93 4.27
C GLN E 94 -19.44 -16.36 4.29
N GLY E 95 -19.70 -17.43 5.05
CA GLY E 95 -21.06 -17.94 5.19
C GLY E 95 -21.59 -18.69 3.98
N ALA E 96 -20.69 -19.15 3.13
CA ALA E 96 -21.10 -19.85 1.92
C ALA E 96 -21.15 -21.36 2.03
N GLU E 97 -22.16 -21.97 1.43
CA GLU E 97 -22.26 -23.41 1.42
C GLU E 97 -21.77 -23.89 0.05
N PRO E 98 -20.98 -24.98 0.02
CA PRO E 98 -20.45 -25.49 -1.24
C PRO E 98 -21.48 -26.13 -2.17
N LEU E 99 -21.30 -25.96 -3.48
CA LEU E 99 -22.19 -26.53 -4.49
C LEU E 99 -21.50 -27.66 -5.28
N PHE E 100 -20.27 -27.42 -5.72
CA PHE E 100 -19.53 -28.42 -6.48
C PHE E 100 -18.04 -28.13 -6.54
N PHE E 101 -17.25 -29.13 -6.89
CA PHE E 101 -15.79 -28.98 -6.97
C PHE E 101 -15.23 -29.45 -8.31
N LEU E 102 -14.11 -28.85 -8.72
CA LEU E 102 -13.42 -29.18 -9.96
C LEU E 102 -11.93 -29.20 -9.62
N ASP E 103 -11.19 -30.14 -10.19
CA ASP E 103 -9.77 -30.22 -9.90
C ASP E 103 -8.88 -30.03 -11.13
N TYR E 104 -7.64 -29.65 -10.88
CA TYR E 104 -6.62 -29.45 -11.91
C TYR E 104 -5.34 -30.08 -11.38
N LEU E 105 -5.01 -31.27 -11.89
CA LEU E 105 -3.82 -32.01 -11.48
C LEU E 105 -2.73 -31.93 -12.54
N ALA E 106 -1.64 -31.22 -12.24
CA ALA E 106 -0.53 -31.07 -13.17
C ALA E 106 0.70 -31.77 -12.61
N ALA E 107 1.60 -32.19 -13.50
CA ALA E 107 2.83 -32.86 -13.08
C ALA E 107 3.82 -32.98 -14.22
N SER E 108 5.08 -33.30 -13.88
CA SER E 108 6.12 -33.47 -14.90
C SER E 108 5.68 -34.69 -15.71
N HIS E 109 5.35 -35.76 -14.99
CA HIS E 109 4.87 -36.98 -15.61
C HIS E 109 3.67 -37.46 -14.80
N LEU E 110 2.52 -37.63 -15.46
CA LEU E 110 1.32 -38.09 -14.80
C LEU E 110 1.38 -39.57 -14.44
N ASP E 111 2.23 -39.91 -13.48
CA ASP E 111 2.39 -41.28 -13.01
C ASP E 111 0.99 -41.80 -12.74
N GLU E 112 0.62 -42.90 -13.39
CA GLU E 112 -0.72 -43.46 -13.20
C GLU E 112 -1.08 -43.92 -11.80
N GLY E 113 -0.10 -44.35 -11.02
CA GLY E 113 -0.38 -44.78 -9.67
C GLY E 113 -0.74 -43.58 -8.80
N VAL E 114 -0.13 -42.45 -9.09
CA VAL E 114 -0.38 -41.21 -8.37
C VAL E 114 -1.70 -40.60 -8.82
N LEU E 115 -1.83 -40.38 -10.13
CA LEU E 115 -3.05 -39.79 -10.69
C LEU E 115 -4.29 -40.52 -10.20
N ALA E 116 -4.21 -41.84 -10.13
CA ALA E 116 -5.34 -42.68 -9.72
C ALA E 116 -5.72 -42.53 -8.23
N ALA E 117 -4.71 -42.47 -7.36
CA ALA E 117 -4.94 -42.32 -5.92
C ALA E 117 -5.45 -40.91 -5.63
N LEU E 118 -4.94 -39.94 -6.38
CA LEU E 118 -5.37 -38.56 -6.23
C LEU E 118 -6.84 -38.40 -6.60
N LEU E 119 -7.21 -38.85 -7.80
CA LEU E 119 -8.58 -38.74 -8.26
C LEU E 119 -9.56 -39.45 -7.33
N ALA E 120 -9.13 -40.57 -6.75
CA ALA E 120 -9.96 -41.32 -5.82
C ALA E 120 -10.11 -40.54 -4.52
N SER E 121 -9.04 -39.84 -4.13
CA SER E 121 -9.04 -39.04 -2.91
C SER E 121 -9.97 -37.85 -3.09
N LEU E 122 -9.81 -37.11 -4.19
CA LEU E 122 -10.65 -35.95 -4.48
C LEU E 122 -12.13 -36.31 -4.50
N ALA E 123 -12.45 -37.46 -5.08
CA ALA E 123 -13.82 -37.91 -5.16
C ALA E 123 -14.38 -38.28 -3.79
N GLU E 124 -13.57 -38.94 -2.97
CA GLU E 124 -14.01 -39.35 -1.64
C GLU E 124 -14.12 -38.14 -0.73
N ALA E 125 -13.37 -37.09 -1.05
CA ALA E 125 -13.37 -35.85 -0.27
C ALA E 125 -14.65 -35.05 -0.53
N CYS E 126 -15.04 -34.95 -1.79
CA CYS E 126 -16.26 -34.22 -2.17
C CYS E 126 -17.48 -34.99 -1.69
N ARG E 127 -17.40 -36.31 -1.76
CA ARG E 127 -18.50 -37.17 -1.33
C ARG E 127 -18.77 -37.05 0.16
N ALA E 128 -17.73 -36.80 0.94
CA ALA E 128 -17.85 -36.68 2.39
C ALA E 128 -18.70 -35.47 2.78
N HIS E 129 -18.78 -34.50 1.89
CA HIS E 129 -19.57 -33.29 2.13
C HIS E 129 -20.82 -33.26 1.25
N GLY E 130 -21.00 -34.33 0.47
CA GLY E 130 -22.15 -34.42 -0.41
C GLY E 130 -22.07 -33.52 -1.63
N ILE E 131 -20.89 -33.04 -1.97
CA ILE E 131 -20.80 -32.19 -3.15
C ILE E 131 -20.16 -32.96 -4.29
N PRO E 132 -20.58 -32.66 -5.53
CA PRO E 132 -20.01 -33.38 -6.67
C PRO E 132 -18.74 -32.78 -7.22
N LEU E 133 -17.91 -33.65 -7.79
CA LEU E 133 -16.67 -33.24 -8.44
C LEU E 133 -17.17 -33.20 -9.89
N LEU E 134 -17.67 -32.04 -10.32
CA LEU E 134 -18.22 -31.89 -11.66
C LEU E 134 -17.24 -32.04 -12.81
N GLY E 135 -16.00 -32.39 -12.49
CA GLY E 135 -15.01 -32.57 -13.53
C GLY E 135 -13.59 -32.39 -13.06
N GLY E 136 -12.69 -32.25 -14.02
CA GLY E 136 -11.29 -32.07 -13.69
C GLY E 136 -10.51 -31.73 -14.92
N GLU E 137 -9.20 -31.97 -14.86
CA GLU E 137 -8.33 -31.69 -15.98
C GLU E 137 -6.91 -31.93 -15.53
N THR E 138 -6.15 -32.67 -16.33
CA THR E 138 -4.76 -32.95 -15.99
C THR E 138 -3.84 -32.18 -16.93
N ALA E 139 -2.59 -32.04 -16.52
CA ALA E 139 -1.61 -31.34 -17.33
C ALA E 139 -0.26 -31.99 -17.14
N GLU E 140 0.30 -32.48 -18.23
CA GLU E 140 1.61 -33.12 -18.18
C GLU E 140 2.59 -32.17 -18.85
N MET E 141 3.42 -31.53 -18.03
CA MET E 141 4.39 -30.57 -18.53
C MET E 141 5.75 -30.78 -17.86
N PRO E 142 6.57 -31.71 -18.40
CA PRO E 142 7.90 -32.01 -17.87
C PRO E 142 8.82 -30.79 -17.93
N GLY E 143 8.49 -29.86 -18.82
CA GLY E 143 9.28 -28.65 -18.97
C GLY E 143 8.96 -27.57 -17.94
N VAL E 144 7.77 -27.64 -17.35
CA VAL E 144 7.35 -26.66 -16.35
C VAL E 144 7.63 -27.16 -14.94
N TYR E 145 7.33 -28.44 -14.69
CA TYR E 145 7.55 -29.03 -13.38
C TYR E 145 8.89 -29.73 -13.26
N ARG E 146 9.41 -29.80 -12.03
CA ARG E 146 10.67 -30.48 -11.77
C ARG E 146 10.27 -31.94 -11.76
N GLU E 147 11.17 -32.83 -12.17
CA GLU E 147 10.82 -34.24 -12.21
C GLU E 147 10.19 -34.74 -10.91
N GLY E 148 9.13 -35.53 -11.05
CA GLY E 148 8.45 -36.08 -9.89
C GLY E 148 7.49 -35.13 -9.21
N ALA E 149 7.55 -33.86 -9.56
CA ALA E 149 6.67 -32.86 -8.94
C ALA E 149 5.27 -32.79 -9.57
N TRP E 150 4.29 -32.54 -8.71
CA TRP E 150 2.89 -32.41 -9.11
C TRP E 150 2.34 -31.10 -8.56
N ASP E 151 1.25 -30.64 -9.14
CA ASP E 151 0.56 -29.45 -8.65
C ASP E 151 -0.90 -29.89 -8.48
N ILE E 152 -1.35 -29.96 -7.24
CA ILE E 152 -2.73 -30.37 -6.93
C ILE E 152 -3.59 -29.15 -6.63
N ALA E 153 -4.34 -28.69 -7.62
CA ALA E 153 -5.20 -27.53 -7.44
C ALA E 153 -6.67 -27.81 -7.77
N GLY E 154 -7.52 -26.84 -7.48
CA GLY E 154 -8.93 -27.03 -7.76
C GLY E 154 -9.73 -25.80 -7.48
N THR E 155 -11.00 -25.82 -7.87
CA THR E 155 -11.91 -24.71 -7.68
C THR E 155 -13.20 -25.18 -7.01
N LEU E 156 -13.65 -24.44 -6.01
CA LEU E 156 -14.89 -24.76 -5.30
C LEU E 156 -15.89 -23.63 -5.53
N VAL E 157 -17.10 -23.98 -5.97
CA VAL E 157 -18.15 -22.99 -6.20
C VAL E 157 -19.21 -23.16 -5.12
N GLY E 158 -19.62 -22.04 -4.53
CA GLY E 158 -20.63 -22.07 -3.47
C GLY E 158 -21.62 -20.94 -3.61
N VAL E 159 -22.46 -20.74 -2.60
CA VAL E 159 -23.46 -19.68 -2.63
C VAL E 159 -23.81 -19.25 -1.22
N VAL E 160 -24.01 -17.96 -1.03
CA VAL E 160 -24.35 -17.41 0.28
C VAL E 160 -25.81 -16.99 0.38
N GLU E 161 -26.51 -17.49 1.39
CA GLU E 161 -27.92 -17.12 1.60
C GLU E 161 -27.98 -16.19 2.82
N ARG E 162 -28.84 -15.19 2.74
CA ARG E 162 -28.99 -14.17 3.77
C ARG E 162 -28.76 -14.49 5.27
N SER E 163 -29.26 -15.62 5.73
CA SER E 163 -29.14 -15.96 7.15
C SER E 163 -27.77 -16.43 7.64
N ARG E 164 -26.87 -16.78 6.73
CA ARG E 164 -25.55 -17.28 7.13
C ARG E 164 -24.39 -16.35 6.83
N ILE E 165 -24.68 -15.10 6.47
CA ILE E 165 -23.63 -14.14 6.10
C ILE E 165 -22.56 -13.85 7.16
N LEU E 166 -21.34 -13.63 6.70
CA LEU E 166 -20.20 -13.33 7.58
C LEU E 166 -19.30 -12.27 6.97
N GLY E 167 -18.90 -11.29 7.76
CA GLY E 167 -18.04 -10.24 7.25
C GLY E 167 -17.49 -9.38 8.37
N PRO E 168 -16.35 -8.70 8.15
CA PRO E 168 -15.73 -7.85 9.16
C PRO E 168 -16.69 -6.82 9.75
N GLU E 169 -17.55 -6.26 8.89
CA GLU E 169 -18.48 -5.23 9.32
C GLU E 169 -19.51 -5.64 10.38
N ARG E 170 -19.66 -6.94 10.62
CA ARG E 170 -20.63 -7.39 11.62
C ARG E 170 -20.07 -7.62 13.03
N VAL E 171 -18.74 -7.66 13.14
CA VAL E 171 -18.14 -7.88 14.46
C VAL E 171 -18.17 -6.60 15.28
N ARG E 172 -18.24 -6.79 16.59
CA ARG E 172 -18.30 -5.68 17.53
C ARG E 172 -17.21 -5.83 18.59
N GLU E 173 -16.96 -4.75 19.31
CA GLU E 173 -15.99 -4.76 20.38
C GLU E 173 -16.63 -5.64 21.45
N GLY E 174 -15.86 -6.55 22.02
CA GLY E 174 -16.41 -7.42 23.05
C GLY E 174 -16.77 -8.81 22.53
N ASP E 175 -16.82 -8.97 21.21
CA ASP E 175 -17.13 -10.27 20.61
C ASP E 175 -16.11 -11.26 21.11
N ALA E 176 -16.54 -12.51 21.22
CA ALA E 176 -15.67 -13.58 21.67
C ALA E 176 -15.04 -14.20 20.43
N LEU E 177 -13.85 -14.78 20.59
CA LEU E 177 -13.18 -15.45 19.50
C LEU E 177 -13.25 -16.93 19.84
N LEU E 178 -13.95 -17.70 19.01
CA LEU E 178 -14.14 -19.13 19.21
C LEU E 178 -13.35 -19.89 18.16
N ALA E 179 -12.44 -20.74 18.63
CA ALA E 179 -11.60 -21.53 17.74
C ALA E 179 -12.05 -22.97 17.58
N LEU E 180 -11.99 -23.46 16.34
CA LEU E 180 -12.33 -24.83 16.06
C LEU E 180 -10.94 -25.45 15.89
N PRO E 181 -10.70 -26.62 16.50
CA PRO E 181 -9.41 -27.33 16.43
C PRO E 181 -8.97 -27.85 15.07
N SER E 182 -7.73 -27.52 14.72
CA SER E 182 -7.17 -27.98 13.46
C SER E 182 -6.68 -29.40 13.72
N SER E 183 -6.47 -30.16 12.66
CA SER E 183 -6.00 -31.53 12.79
C SER E 183 -4.47 -31.54 12.82
N GLY E 184 -3.88 -30.38 12.54
CA GLY E 184 -2.43 -30.27 12.51
C GLY E 184 -2.01 -29.16 11.56
N PRO E 185 -0.88 -29.31 10.84
CA PRO E 185 -0.43 -28.27 9.91
C PRO E 185 -1.39 -27.98 8.76
N HIS E 186 -2.37 -28.86 8.55
CA HIS E 186 -3.31 -28.69 7.45
C HIS E 186 -2.57 -28.59 6.13
N THR E 187 -2.60 -27.43 5.49
CA THR E 187 -1.92 -27.28 4.20
C THR E 187 -1.09 -26.01 4.00
N ASN E 188 -0.41 -25.57 5.07
CA ASN E 188 0.43 -24.38 4.98
C ASN E 188 1.63 -24.53 5.92
N GLY E 189 2.79 -24.11 5.46
CA GLY E 189 4.00 -24.21 6.26
C GLY E 189 4.82 -25.45 5.95
N TYR E 190 4.54 -26.10 4.82
CA TYR E 190 5.27 -27.30 4.49
C TYR E 190 6.66 -27.05 3.93
N SER E 191 6.91 -25.84 3.43
CA SER E 191 8.24 -25.50 2.93
C SER E 191 9.20 -25.66 4.12
N LEU E 192 8.76 -25.16 5.28
CA LEU E 192 9.52 -25.22 6.51
C LEU E 192 9.51 -26.62 7.11
N ILE E 193 8.37 -27.29 7.08
CA ILE E 193 8.31 -28.64 7.63
C ILE E 193 9.29 -29.53 6.88
N ARG E 194 9.16 -29.57 5.55
CA ARG E 194 10.04 -30.38 4.71
C ARG E 194 11.50 -30.08 5.00
N LYS E 195 11.78 -28.82 5.35
CA LYS E 195 13.12 -28.37 5.69
C LYS E 195 13.56 -28.94 7.04
N VAL E 196 12.63 -28.98 7.99
CA VAL E 196 12.88 -29.49 9.35
C VAL E 196 13.05 -31.00 9.48
N VAL E 197 12.19 -31.76 8.81
CA VAL E 197 12.26 -33.22 8.88
C VAL E 197 13.23 -33.92 7.93
N ALA E 198 13.82 -33.19 6.98
CA ALA E 198 14.78 -33.79 6.05
C ALA E 198 15.78 -34.61 6.86
N GLY E 199 15.97 -35.86 6.48
CA GLY E 199 16.90 -36.70 7.21
C GLY E 199 16.20 -37.57 8.25
N GLN E 200 15.08 -37.09 8.78
CA GLN E 200 14.34 -37.85 9.77
C GLN E 200 13.73 -39.09 9.14
N ASP E 201 13.34 -40.04 9.99
CA ASP E 201 12.72 -41.26 9.52
C ASP E 201 11.21 -41.09 9.68
N LEU E 202 10.59 -40.57 8.63
CA LEU E 202 9.16 -40.31 8.60
C LEU E 202 8.25 -41.43 9.11
N SER E 203 8.78 -42.66 9.18
CA SER E 203 8.00 -43.80 9.63
C SER E 203 8.18 -44.15 11.12
N ALA E 204 9.36 -43.84 11.65
CA ALA E 204 9.66 -44.15 13.05
C ALA E 204 8.66 -43.48 13.98
N PRO E 205 7.99 -44.29 14.82
CA PRO E 205 7.01 -43.76 15.77
C PRO E 205 7.66 -42.79 16.75
N VAL E 206 6.94 -41.72 17.08
CA VAL E 206 7.43 -40.72 18.00
C VAL E 206 6.57 -40.73 19.27
N PRO E 207 7.17 -41.01 20.43
CA PRO E 207 6.47 -41.08 21.72
C PRO E 207 5.50 -39.92 22.01
N GLU E 208 6.02 -38.69 22.01
CA GLU E 208 5.20 -37.51 22.31
C GLU E 208 4.11 -37.25 21.28
N LEU E 209 4.25 -37.83 20.10
CA LEU E 209 3.25 -37.68 19.05
C LEU E 209 2.28 -38.85 19.10
N GLY E 210 2.74 -39.98 19.62
CA GLY E 210 1.89 -41.17 19.70
C GLY E 210 1.67 -41.76 18.33
N GLU E 211 2.54 -41.40 17.38
CA GLU E 211 2.45 -41.87 16.00
C GLU E 211 3.75 -41.52 15.27
N SER E 212 3.70 -41.58 13.94
CA SER E 212 4.87 -41.29 13.12
C SER E 212 4.83 -39.88 12.56
N LEU E 213 5.97 -39.40 12.07
CA LEU E 213 6.04 -38.07 11.48
C LEU E 213 5.12 -38.03 10.25
N LYS E 214 5.01 -39.15 9.55
CA LYS E 214 4.17 -39.22 8.37
C LYS E 214 2.70 -39.10 8.70
N GLU E 215 2.29 -39.73 9.80
CA GLU E 215 0.89 -39.70 10.20
C GLU E 215 0.51 -38.37 10.84
N ALA E 216 1.44 -37.80 11.60
CA ALA E 216 1.19 -36.52 12.24
C ALA E 216 1.19 -35.42 11.18
N LEU E 217 2.08 -35.57 10.19
CA LEU E 217 2.21 -34.57 9.14
C LEU E 217 1.28 -34.67 7.93
N LEU E 218 0.85 -35.88 7.57
CA LEU E 218 -0.04 -35.98 6.42
C LEU E 218 -1.51 -36.06 6.76
N ARG E 219 -1.84 -35.91 8.04
CA ARG E 219 -3.24 -35.94 8.45
C ARG E 219 -3.90 -34.85 7.61
N PRO E 220 -4.98 -35.19 6.88
CA PRO E 220 -5.64 -34.19 6.04
C PRO E 220 -6.12 -32.92 6.73
N HIS E 221 -6.17 -31.85 5.94
CA HIS E 221 -6.64 -30.54 6.37
C HIS E 221 -8.07 -30.81 6.82
N ARG E 222 -8.44 -30.35 8.02
CA ARG E 222 -9.78 -30.56 8.55
C ARG E 222 -10.80 -29.55 8.06
N ALA E 223 -11.99 -30.04 7.70
CA ALA E 223 -13.07 -29.17 7.23
C ALA E 223 -14.02 -28.95 8.38
N TYR E 224 -14.62 -27.76 8.44
CA TYR E 224 -15.55 -27.42 9.52
C TYR E 224 -16.97 -27.22 9.03
N LEU E 225 -17.29 -27.82 7.89
CA LEU E 225 -18.62 -27.72 7.31
C LEU E 225 -19.62 -28.35 8.27
N LYS E 226 -19.17 -29.39 8.96
CA LYS E 226 -20.00 -30.10 9.91
C LYS E 226 -20.44 -29.11 10.99
N GLU E 227 -19.46 -28.42 11.58
CA GLU E 227 -19.71 -27.43 12.63
C GLU E 227 -20.55 -26.24 12.16
N PHE E 228 -20.23 -25.68 11.01
CA PHE E 228 -21.01 -24.54 10.52
C PHE E 228 -22.47 -24.90 10.30
N ARG E 229 -22.73 -26.12 9.86
CA ARG E 229 -24.10 -26.53 9.64
C ARG E 229 -24.88 -26.67 10.94
N LEU E 230 -24.23 -27.15 11.99
CA LEU E 230 -24.88 -27.27 13.28
C LEU E 230 -25.27 -25.89 13.80
N LEU E 231 -24.31 -24.97 13.78
CA LEU E 231 -24.53 -23.60 14.24
C LEU E 231 -25.58 -22.89 13.41
N TRP E 232 -25.49 -23.07 12.09
CA TRP E 232 -26.44 -22.48 11.17
C TRP E 232 -27.83 -23.00 11.49
N GLU E 233 -27.91 -24.32 11.69
CA GLU E 233 -29.16 -24.98 11.98
C GLU E 233 -29.74 -24.57 13.34
N ALA E 234 -28.88 -24.21 14.28
CA ALA E 234 -29.30 -23.81 15.62
C ALA E 234 -29.57 -22.32 15.75
N GLY E 235 -29.28 -21.58 14.67
CA GLY E 235 -29.51 -20.14 14.69
C GLY E 235 -28.58 -19.34 15.58
N VAL E 236 -27.36 -19.82 15.77
CA VAL E 236 -26.41 -19.13 16.60
C VAL E 236 -25.94 -17.88 15.86
N GLU E 237 -25.83 -16.77 16.60
CA GLU E 237 -25.40 -15.51 16.01
C GLU E 237 -23.91 -15.54 15.72
N LEU E 238 -23.56 -15.38 14.45
CA LEU E 238 -22.15 -15.36 14.03
C LEU E 238 -21.91 -14.03 13.34
N HIS E 239 -20.78 -13.40 13.62
CA HIS E 239 -20.45 -12.13 13.00
C HIS E 239 -19.49 -12.34 11.84
N ALA E 240 -18.32 -12.89 12.12
CA ALA E 240 -17.34 -13.14 11.07
C ALA E 240 -16.53 -14.40 11.39
N ALA E 241 -15.62 -14.76 10.49
CA ALA E 241 -14.77 -15.93 10.69
C ALA E 241 -13.53 -15.78 9.84
N ALA E 242 -12.47 -16.48 10.23
CA ALA E 242 -11.22 -16.44 9.49
C ALA E 242 -10.65 -17.86 9.44
N HIS E 243 -10.29 -18.28 8.24
CA HIS E 243 -9.70 -19.59 8.04
C HIS E 243 -8.21 -19.36 8.28
N ILE E 244 -7.61 -20.13 9.19
CA ILE E 244 -6.20 -19.93 9.49
C ILE E 244 -5.30 -20.72 8.54
N THR E 245 -4.90 -20.04 7.46
CA THR E 245 -4.06 -20.64 6.43
C THR E 245 -2.67 -20.03 6.27
N GLY E 246 -2.34 -19.59 5.07
CA GLY E 246 -1.04 -18.99 4.84
C GLY E 246 -0.88 -17.75 5.69
N GLY E 247 0.24 -17.64 6.40
CA GLY E 247 0.46 -16.49 7.27
C GLY E 247 0.02 -16.71 8.71
N GLY E 248 -0.73 -17.78 8.94
CA GLY E 248 -1.19 -18.12 10.28
C GLY E 248 -2.25 -17.21 10.88
N LEU E 249 -2.27 -17.15 12.21
CA LEU E 249 -3.22 -16.32 12.94
C LEU E 249 -3.00 -14.82 12.70
N PRO E 250 -1.74 -14.35 12.79
CA PRO E 250 -1.43 -12.93 12.58
C PRO E 250 -1.92 -12.36 11.26
N GLU E 251 -1.85 -13.14 10.20
CA GLU E 251 -2.26 -12.67 8.90
C GLU E 251 -3.74 -12.89 8.56
N ASN E 252 -4.36 -13.91 9.14
CA ASN E 252 -5.74 -14.21 8.81
C ASN E 252 -6.87 -13.76 9.70
N LEU E 253 -6.63 -13.63 11.00
CA LEU E 253 -7.69 -13.19 11.89
C LEU E 253 -8.00 -11.69 11.69
N PRO E 254 -6.96 -10.88 11.41
CA PRO E 254 -7.22 -9.45 11.19
C PRO E 254 -8.07 -9.23 9.94
N ARG E 255 -8.17 -10.27 9.13
CA ARG E 255 -8.96 -10.19 7.91
C ARG E 255 -10.46 -10.25 8.21
N ALA E 256 -10.81 -10.77 9.38
CA ALA E 256 -12.21 -10.86 9.74
C ALA E 256 -12.61 -9.72 10.71
N LEU E 257 -11.68 -8.80 10.97
CA LEU E 257 -11.90 -7.66 11.88
C LEU E 257 -11.97 -6.33 11.15
N PRO E 258 -13.01 -5.53 11.45
CA PRO E 258 -13.21 -4.21 10.83
C PRO E 258 -12.22 -3.17 11.33
N PRO E 259 -12.12 -2.02 10.64
CA PRO E 259 -11.19 -0.98 11.08
C PRO E 259 -11.46 -0.58 12.53
N GLY E 260 -10.39 -0.38 13.30
CA GLY E 260 -10.56 0.01 14.69
C GLY E 260 -10.57 -1.13 15.68
N LEU E 261 -10.64 -2.36 15.18
CA LEU E 261 -10.68 -3.53 16.05
C LEU E 261 -9.51 -4.50 15.88
N GLY E 262 -9.05 -5.01 17.02
CA GLY E 262 -7.97 -5.97 17.04
C GLY E 262 -8.43 -7.16 17.87
N ALA E 263 -7.53 -8.12 18.08
CA ALA E 263 -7.84 -9.31 18.85
C ALA E 263 -6.76 -9.68 19.87
N GLU E 264 -7.19 -10.15 21.04
CA GLU E 264 -6.29 -10.60 22.08
C GLU E 264 -6.55 -12.09 22.25
N VAL E 265 -5.54 -12.90 21.98
CA VAL E 265 -5.69 -14.35 22.10
C VAL E 265 -4.95 -14.86 23.33
N ARG E 266 -5.69 -15.50 24.24
CA ARG E 266 -5.10 -16.03 25.45
C ARG E 266 -4.40 -17.36 25.21
N ARG E 267 -3.08 -17.36 25.38
CA ARG E 267 -2.27 -18.56 25.20
C ARG E 267 -2.80 -19.64 26.14
N GLY E 268 -2.81 -20.87 25.66
CA GLY E 268 -3.27 -21.99 26.48
C GLY E 268 -4.76 -22.26 26.50
N SER E 269 -5.54 -21.43 25.80
CA SER E 269 -6.98 -21.62 25.78
C SER E 269 -7.45 -22.70 24.79
N TRP E 270 -6.56 -23.13 23.89
CA TRP E 270 -6.90 -24.15 22.89
C TRP E 270 -5.81 -25.21 22.81
N PRO E 271 -6.18 -26.45 22.48
CA PRO E 271 -5.20 -27.53 22.37
C PRO E 271 -4.32 -27.41 21.13
N ILE E 272 -3.00 -27.46 21.35
CA ILE E 272 -2.07 -27.37 20.25
C ILE E 272 -1.59 -28.78 19.85
N PRO E 273 -1.86 -29.19 18.60
CA PRO E 273 -1.41 -30.52 18.18
C PRO E 273 0.08 -30.67 18.51
N PRO E 274 0.46 -31.78 19.16
CA PRO E 274 1.84 -32.05 19.56
C PRO E 274 2.87 -31.96 18.45
N VAL E 275 2.47 -32.13 17.20
CA VAL E 275 3.43 -32.07 16.11
C VAL E 275 4.11 -30.70 16.04
N PHE E 276 3.36 -29.64 16.35
CA PHE E 276 3.91 -28.30 16.32
C PHE E 276 5.09 -28.13 17.27
N PRO E 277 4.90 -28.48 18.56
CA PRO E 277 6.04 -28.32 19.49
C PRO E 277 7.23 -29.21 19.12
N TYR E 278 6.95 -30.41 18.62
CA TYR E 278 8.01 -31.32 18.23
C TYR E 278 8.77 -30.72 17.04
N LEU E 279 8.02 -30.16 16.09
CA LEU E 279 8.63 -29.54 14.91
C LEU E 279 9.52 -28.41 15.36
N GLN E 280 9.02 -27.62 16.29
CA GLN E 280 9.76 -26.47 16.81
C GLN E 280 11.08 -26.83 17.47
N ARG E 281 11.06 -27.78 18.40
CA ARG E 281 12.28 -28.19 19.08
C ARG E 281 13.26 -28.83 18.09
N LEU E 282 12.72 -29.60 17.14
CA LEU E 282 13.53 -30.28 16.12
C LEU E 282 14.22 -29.33 15.14
N GLY E 283 13.51 -28.32 14.66
CA GLY E 283 14.11 -27.38 13.74
C GLY E 283 14.67 -26.14 14.42
N GLY E 284 14.50 -26.05 15.73
CA GLY E 284 14.96 -24.89 16.47
C GLY E 284 14.28 -23.66 15.92
N ILE E 285 12.96 -23.69 15.89
CA ILE E 285 12.18 -22.59 15.34
C ILE E 285 11.71 -21.61 16.39
N PRO E 286 11.99 -20.32 16.17
CA PRO E 286 11.56 -19.31 17.15
C PRO E 286 10.03 -19.36 17.30
N GLU E 287 9.54 -19.04 18.49
CA GLU E 287 8.11 -19.02 18.76
C GLU E 287 7.38 -18.10 17.77
N GLU E 288 7.94 -16.92 17.54
CA GLU E 288 7.35 -15.94 16.63
C GLU E 288 7.16 -16.47 15.20
N GLU E 289 8.12 -17.23 14.71
CA GLU E 289 8.03 -17.80 13.37
C GLU E 289 6.93 -18.85 13.35
N MET E 290 6.87 -19.64 14.41
CA MET E 290 5.87 -20.69 14.52
C MET E 290 4.48 -20.15 14.24
N TYR E 291 4.13 -19.07 14.92
CA TYR E 291 2.83 -18.42 14.78
C TYR E 291 2.62 -17.72 13.45
N ARG E 292 3.71 -17.38 12.78
CA ARG E 292 3.63 -16.72 11.49
C ARG E 292 3.51 -17.73 10.34
N VAL E 293 3.88 -18.98 10.61
CA VAL E 293 3.82 -20.04 9.61
C VAL E 293 2.74 -21.12 9.84
N PHE E 294 2.55 -21.52 11.09
CA PHE E 294 1.57 -22.58 11.39
C PHE E 294 0.28 -22.08 12.02
N ASN E 295 -0.76 -22.90 11.95
CA ASN E 295 -2.03 -22.49 12.52
C ASN E 295 -1.96 -22.70 14.02
N MET E 296 -1.03 -23.54 14.45
CA MET E 296 -0.81 -23.86 15.87
C MET E 296 -2.01 -24.48 16.56
N GLY E 297 -2.89 -25.11 15.80
CA GLY E 297 -4.04 -25.74 16.40
C GLY E 297 -5.31 -24.96 16.15
N LEU E 298 -5.17 -23.73 15.66
CA LEU E 298 -6.32 -22.88 15.37
C LEU E 298 -6.76 -23.16 13.93
N GLY E 299 -7.75 -24.02 13.76
CA GLY E 299 -8.21 -24.35 12.42
C GLY E 299 -9.04 -23.26 11.78
N MET E 300 -10.06 -22.81 12.49
CA MET E 300 -10.96 -21.76 12.02
C MET E 300 -11.27 -20.93 13.24
N VAL E 301 -11.26 -19.61 13.10
CA VAL E 301 -11.56 -18.75 14.25
C VAL E 301 -12.85 -17.98 13.98
N LEU E 302 -13.85 -18.20 14.84
CA LEU E 302 -15.14 -17.53 14.71
C LEU E 302 -15.20 -16.28 15.59
N VAL E 303 -15.82 -15.24 15.06
CA VAL E 303 -15.98 -13.98 15.79
C VAL E 303 -17.50 -13.84 15.97
N LEU E 304 -17.96 -14.04 17.21
CA LEU E 304 -19.38 -13.93 17.53
C LEU E 304 -19.57 -13.40 18.95
N PRO E 305 -20.81 -12.97 19.29
CA PRO E 305 -21.11 -12.44 20.61
C PRO E 305 -20.78 -13.44 21.72
N GLN E 306 -20.45 -12.93 22.91
CA GLN E 306 -20.13 -13.79 24.04
C GLN E 306 -21.22 -14.84 24.30
N GLU E 307 -22.46 -14.38 24.26
CA GLU E 307 -23.61 -15.25 24.50
C GLU E 307 -23.69 -16.36 23.44
N ALA E 308 -23.53 -15.99 22.17
CA ALA E 308 -23.56 -16.94 21.07
C ALA E 308 -22.41 -17.94 21.23
N ALA E 309 -21.28 -17.43 21.72
CA ALA E 309 -20.11 -18.27 21.94
C ALA E 309 -20.42 -19.38 22.95
N GLU E 310 -21.18 -19.04 23.99
CA GLU E 310 -21.57 -20.02 24.99
C GLU E 310 -22.48 -21.08 24.38
N GLU E 311 -23.43 -20.65 23.56
CA GLU E 311 -24.35 -21.57 22.91
C GLU E 311 -23.58 -22.53 22.00
N ALA E 312 -22.70 -21.96 21.20
CA ALA E 312 -21.91 -22.73 20.24
C ALA E 312 -21.09 -23.86 20.88
N LEU E 313 -20.48 -23.60 22.01
CA LEU E 313 -19.68 -24.60 22.70
C LEU E 313 -20.46 -25.86 23.05
N LYS E 314 -21.78 -25.74 23.12
CA LYS E 314 -22.64 -26.88 23.44
C LYS E 314 -22.99 -27.68 22.19
N LEU E 315 -22.77 -27.07 21.03
CA LEU E 315 -23.08 -27.71 19.75
C LEU E 315 -21.88 -28.29 19.02
N VAL E 316 -20.71 -27.66 19.19
CA VAL E 316 -19.52 -28.12 18.49
C VAL E 316 -18.27 -28.13 19.35
N GLU E 317 -17.25 -28.81 18.85
CA GLU E 317 -15.96 -28.89 19.51
C GLU E 317 -15.25 -27.57 19.26
N GLY E 318 -15.14 -26.75 20.29
CA GLY E 318 -14.49 -25.46 20.13
C GLY E 318 -13.89 -24.92 21.41
N PHE E 319 -13.27 -23.75 21.32
CA PHE E 319 -12.61 -23.13 22.46
C PHE E 319 -12.68 -21.60 22.43
N LEU E 320 -12.93 -20.97 23.57
CA LEU E 320 -12.96 -19.52 23.64
C LEU E 320 -11.49 -19.16 23.82
N VAL E 321 -10.89 -18.60 22.78
CA VAL E 321 -9.48 -18.27 22.82
C VAL E 321 -9.15 -16.78 22.91
N GLY E 322 -10.15 -15.92 22.99
CA GLY E 322 -9.86 -14.50 23.06
C GLY E 322 -11.04 -13.56 22.92
N ARG E 323 -10.75 -12.30 22.66
CA ARG E 323 -11.77 -11.28 22.53
C ARG E 323 -11.39 -10.18 21.54
N VAL E 324 -12.41 -9.54 20.96
CA VAL E 324 -12.21 -8.44 20.04
C VAL E 324 -12.17 -7.17 20.88
N VAL E 325 -11.09 -6.41 20.72
CA VAL E 325 -10.87 -5.19 21.47
C VAL E 325 -10.41 -4.08 20.50
N PRO E 326 -10.34 -2.82 20.96
CA PRO E 326 -9.91 -1.72 20.09
C PRO E 326 -8.44 -1.88 19.68
N GLY E 327 -8.08 -1.40 18.49
CA GLY E 327 -6.70 -1.52 18.06
C GLY E 327 -6.53 -2.10 16.67
N GLU E 328 -5.63 -3.06 16.53
CA GLU E 328 -5.37 -3.70 15.25
C GLU E 328 -4.40 -4.85 15.43
N GLY E 329 -4.52 -5.87 14.57
CA GLY E 329 -3.64 -7.02 14.63
C GLY E 329 -4.02 -8.02 15.70
N VAL E 330 -3.18 -9.03 15.90
CA VAL E 330 -3.42 -10.06 16.92
C VAL E 330 -2.30 -10.02 17.97
N ARG E 331 -2.69 -10.11 19.24
CA ARG E 331 -1.74 -10.12 20.35
C ARG E 331 -2.00 -11.35 21.20
N LEU E 332 -0.95 -12.08 21.53
CA LEU E 332 -1.09 -13.28 22.36
C LEU E 332 -0.97 -12.84 23.81
N VAL E 333 -1.97 -13.19 24.61
CA VAL E 333 -2.01 -12.83 26.01
C VAL E 333 -1.83 -14.06 26.91
N LEU F 51 -37.45 -23.94 -20.95
CA LEU F 51 -37.53 -22.47 -20.65
C LEU F 51 -37.06 -22.23 -19.21
N GLU F 52 -37.41 -23.15 -18.32
CA GLU F 52 -37.01 -23.05 -16.91
C GLU F 52 -36.35 -24.34 -16.42
N GLU F 53 -35.13 -24.57 -16.86
CA GLU F 53 -34.38 -25.75 -16.47
C GLU F 53 -32.89 -25.44 -16.48
N PRO F 54 -32.48 -24.34 -15.83
CA PRO F 54 -31.05 -24.03 -15.83
C PRO F 54 -30.22 -25.10 -15.15
N VAL F 55 -29.07 -25.41 -15.75
CA VAL F 55 -28.17 -26.40 -15.22
C VAL F 55 -26.81 -25.75 -15.12
N LEU F 56 -26.15 -25.88 -13.97
CA LEU F 56 -24.83 -25.31 -13.79
C LEU F 56 -23.79 -26.27 -14.35
N VAL F 57 -22.88 -25.75 -15.15
CA VAL F 57 -21.80 -26.52 -15.76
C VAL F 57 -20.51 -25.74 -15.48
N ALA F 58 -19.39 -26.46 -15.46
CA ALA F 58 -18.09 -25.84 -15.22
C ALA F 58 -16.98 -26.65 -15.86
N THR F 59 -15.84 -26.00 -16.11
CA THR F 59 -14.68 -26.65 -16.70
C THR F 59 -13.40 -25.96 -16.18
N THR F 60 -12.32 -26.74 -16.04
CA THR F 60 -11.03 -26.20 -15.59
C THR F 60 -10.05 -26.41 -16.75
N ASP F 61 -9.16 -25.45 -16.97
CA ASP F 61 -8.20 -25.55 -18.06
C ASP F 61 -6.88 -24.88 -17.71
N GLY F 62 -5.82 -25.23 -18.46
CA GLY F 62 -4.51 -24.64 -18.24
C GLY F 62 -3.99 -24.21 -19.59
N VAL F 63 -3.18 -23.16 -19.65
CA VAL F 63 -2.64 -22.70 -20.92
C VAL F 63 -1.75 -23.76 -21.58
N GLY F 64 -1.02 -24.51 -20.77
CA GLY F 64 -0.14 -25.54 -21.31
C GLY F 64 1.29 -25.04 -21.51
N THR F 65 2.12 -25.89 -22.11
CA THR F 65 3.51 -25.55 -22.36
C THR F 65 3.68 -24.30 -23.24
N LYS F 66 2.64 -23.96 -23.98
CA LYS F 66 2.69 -22.77 -24.82
C LYS F 66 3.24 -21.62 -23.99
N THR F 67 3.04 -21.72 -22.68
CA THR F 67 3.50 -20.69 -21.74
C THR F 67 5.01 -20.53 -21.76
N LEU F 68 5.75 -21.64 -21.81
CA LEU F 68 7.20 -21.54 -21.84
C LEU F 68 7.60 -20.76 -23.08
N LEU F 69 7.03 -21.15 -24.22
CA LEU F 69 7.33 -20.49 -25.50
C LEU F 69 7.06 -19.00 -25.40
N ALA F 70 5.91 -18.65 -24.81
CA ALA F 70 5.52 -17.26 -24.66
C ALA F 70 6.54 -16.53 -23.80
N LEU F 71 6.96 -17.17 -22.72
CA LEU F 71 7.93 -16.57 -21.83
C LEU F 71 9.29 -16.39 -22.52
N GLU F 72 9.65 -17.35 -23.36
CA GLU F 72 10.92 -17.29 -24.06
C GLU F 72 10.87 -16.28 -25.22
N ALA F 73 9.70 -16.08 -25.79
CA ALA F 73 9.54 -15.13 -26.89
C ALA F 73 9.40 -13.70 -26.38
N GLY F 74 9.23 -13.55 -25.07
CA GLY F 74 9.09 -12.23 -24.50
C GLY F 74 7.69 -11.64 -24.56
N ASP F 75 6.73 -12.41 -25.06
CA ASP F 75 5.34 -11.96 -25.18
C ASP F 75 4.35 -12.95 -24.55
N VAL F 76 3.74 -12.55 -23.44
CA VAL F 76 2.75 -13.38 -22.75
C VAL F 76 1.43 -12.62 -22.68
N SER F 77 1.29 -11.63 -23.56
CA SER F 77 0.10 -10.80 -23.63
C SER F 77 -1.14 -11.53 -24.14
N GLY F 78 -0.93 -12.64 -24.84
CA GLY F 78 -2.07 -13.38 -25.36
C GLY F 78 -2.45 -14.56 -24.49
N LEU F 79 -1.55 -14.93 -23.57
CA LEU F 79 -1.77 -16.07 -22.69
C LEU F 79 -3.12 -16.00 -21.98
N GLY F 80 -3.53 -14.80 -21.58
CA GLY F 80 -4.80 -14.64 -20.91
C GLY F 80 -5.95 -15.02 -21.82
N PHE F 81 -5.78 -14.80 -23.12
CA PHE F 81 -6.81 -15.15 -24.09
C PHE F 81 -6.80 -16.65 -24.36
N ASP F 82 -5.60 -17.23 -24.37
CA ASP F 82 -5.45 -18.66 -24.60
C ASP F 82 -6.24 -19.45 -23.58
N LEU F 83 -6.12 -19.06 -22.31
CA LEU F 83 -6.81 -19.75 -21.24
C LEU F 83 -8.33 -19.56 -21.33
N VAL F 84 -8.77 -18.32 -21.25
CA VAL F 84 -10.19 -18.00 -21.31
C VAL F 84 -10.88 -18.56 -22.56
N ASN F 85 -10.31 -18.33 -23.73
CA ASN F 85 -10.91 -18.82 -24.96
C ASN F 85 -10.99 -20.35 -24.97
N HIS F 86 -9.97 -21.01 -24.44
CA HIS F 86 -9.97 -22.47 -24.38
C HIS F 86 -11.14 -22.95 -23.49
N SER F 87 -11.36 -22.27 -22.37
CA SER F 87 -12.44 -22.61 -21.42
C SER F 87 -13.82 -22.31 -22.00
N VAL F 88 -13.96 -21.14 -22.62
CA VAL F 88 -15.23 -20.78 -23.22
C VAL F 88 -15.66 -21.86 -24.20
N ASN F 89 -14.72 -22.37 -24.99
CA ASN F 89 -15.04 -23.42 -25.96
C ASN F 89 -15.40 -24.75 -25.28
N ASP F 90 -14.75 -25.06 -24.16
CA ASP F 90 -15.03 -26.30 -23.44
C ASP F 90 -16.48 -26.31 -22.95
N LEU F 91 -16.97 -25.15 -22.53
CA LEU F 91 -18.34 -25.03 -22.08
C LEU F 91 -19.26 -24.95 -23.29
N LEU F 92 -18.76 -24.34 -24.36
CA LEU F 92 -19.54 -24.22 -25.60
C LEU F 92 -19.81 -25.59 -26.18
N ALA F 93 -18.93 -26.55 -25.91
CA ALA F 93 -19.10 -27.90 -26.40
C ALA F 93 -20.29 -28.54 -25.68
N GLN F 94 -20.62 -28.01 -24.51
CA GLN F 94 -21.75 -28.51 -23.71
C GLN F 94 -23.03 -27.75 -24.12
N GLY F 95 -22.83 -26.66 -24.86
CA GLY F 95 -23.92 -25.83 -25.31
C GLY F 95 -24.21 -24.80 -24.25
N ALA F 96 -23.19 -24.52 -23.42
CA ALA F 96 -23.32 -23.58 -22.30
C ALA F 96 -22.86 -22.15 -22.50
N GLU F 97 -23.48 -21.27 -21.73
CA GLU F 97 -23.19 -19.83 -21.68
C GLU F 97 -22.30 -19.62 -20.44
N PRO F 98 -21.21 -18.85 -20.58
CA PRO F 98 -20.34 -18.64 -19.40
C PRO F 98 -20.97 -17.71 -18.37
N LEU F 99 -20.67 -17.94 -17.10
CA LEU F 99 -21.20 -17.09 -16.04
C LEU F 99 -20.07 -16.26 -15.41
N PHE F 100 -18.91 -16.86 -15.22
CA PHE F 100 -17.77 -16.17 -14.63
C PHE F 100 -16.52 -17.05 -14.68
N PHE F 101 -15.35 -16.43 -14.52
CA PHE F 101 -14.07 -17.12 -14.59
C PHE F 101 -13.18 -16.69 -13.41
N LEU F 102 -12.39 -17.64 -12.91
CA LEU F 102 -11.43 -17.37 -11.83
C LEU F 102 -10.19 -18.20 -12.10
N ASP F 103 -9.03 -17.60 -11.92
CA ASP F 103 -7.78 -18.28 -12.21
C ASP F 103 -6.92 -18.70 -11.04
N TYR F 104 -5.85 -19.42 -11.37
CA TYR F 104 -4.88 -19.92 -10.43
C TYR F 104 -3.56 -19.85 -11.17
N LEU F 105 -2.64 -19.03 -10.66
CA LEU F 105 -1.32 -18.88 -11.29
C LEU F 105 -0.22 -19.34 -10.33
N ALA F 106 0.55 -20.34 -10.73
CA ALA F 106 1.64 -20.88 -9.91
C ALA F 106 2.97 -20.79 -10.68
N ALA F 107 4.07 -20.64 -9.96
CA ALA F 107 5.36 -20.54 -10.62
C ALA F 107 6.52 -20.78 -9.67
N SER F 108 7.72 -20.85 -10.23
CA SER F 108 8.92 -21.06 -9.43
C SER F 108 9.12 -19.74 -8.66
N HIS F 109 8.87 -18.64 -9.35
CA HIS F 109 9.00 -17.31 -8.75
C HIS F 109 8.04 -16.37 -9.44
N LEU F 110 7.13 -15.78 -8.68
CA LEU F 110 6.14 -14.87 -9.22
C LEU F 110 6.73 -13.52 -9.62
N ASP F 111 7.53 -13.50 -10.67
CA ASP F 111 8.17 -12.28 -11.18
C ASP F 111 7.08 -11.25 -11.46
N GLU F 112 7.04 -10.17 -10.68
CA GLU F 112 6.01 -9.14 -10.87
C GLU F 112 5.77 -8.74 -12.33
N GLY F 113 6.82 -8.61 -13.12
CA GLY F 113 6.65 -8.24 -14.50
C GLY F 113 5.75 -9.20 -15.24
N VAL F 114 5.96 -10.50 -15.00
CA VAL F 114 5.18 -11.57 -15.64
C VAL F 114 3.76 -11.63 -15.06
N LEU F 115 3.67 -11.78 -13.74
CA LEU F 115 2.40 -11.85 -13.05
C LEU F 115 1.49 -10.70 -13.43
N ALA F 116 2.05 -9.49 -13.48
CA ALA F 116 1.27 -8.31 -13.83
C ALA F 116 0.78 -8.35 -15.28
N ALA F 117 1.65 -8.77 -16.20
CA ALA F 117 1.27 -8.84 -17.61
C ALA F 117 0.30 -10.00 -17.83
N LEU F 118 0.34 -10.98 -16.94
CA LEU F 118 -0.54 -12.13 -17.04
C LEU F 118 -1.93 -11.77 -16.53
N LEU F 119 -1.99 -11.06 -15.41
CA LEU F 119 -3.29 -10.66 -14.85
C LEU F 119 -4.04 -9.67 -15.77
N ALA F 120 -3.29 -8.78 -16.42
CA ALA F 120 -3.88 -7.80 -17.31
C ALA F 120 -4.46 -8.47 -18.55
N SER F 121 -3.76 -9.50 -19.03
CA SER F 121 -4.19 -10.25 -20.20
C SER F 121 -5.48 -11.01 -19.88
N LEU F 122 -5.48 -11.73 -18.77
CA LEU F 122 -6.66 -12.50 -18.34
C LEU F 122 -7.86 -11.59 -18.09
N ALA F 123 -7.60 -10.39 -17.58
CA ALA F 123 -8.66 -9.44 -17.31
C ALA F 123 -9.19 -8.90 -18.64
N GLU F 124 -8.30 -8.76 -19.63
CA GLU F 124 -8.72 -8.25 -20.94
C GLU F 124 -9.47 -9.34 -21.71
N ALA F 125 -9.07 -10.58 -21.52
CA ALA F 125 -9.71 -11.72 -22.18
C ALA F 125 -11.16 -11.85 -21.71
N CYS F 126 -11.37 -11.79 -20.40
CA CYS F 126 -12.71 -11.89 -19.83
C CYS F 126 -13.58 -10.72 -20.27
N ARG F 127 -13.03 -9.52 -20.14
CA ARG F 127 -13.73 -8.30 -20.49
C ARG F 127 -14.25 -8.40 -21.92
N ALA F 128 -13.37 -8.86 -22.81
CA ALA F 128 -13.69 -9.00 -24.23
C ALA F 128 -14.93 -9.85 -24.49
N HIS F 129 -15.29 -10.71 -23.54
CA HIS F 129 -16.45 -11.57 -23.69
C HIS F 129 -17.56 -11.19 -22.72
N GLY F 130 -17.35 -10.13 -21.96
CA GLY F 130 -18.34 -9.68 -20.99
C GLY F 130 -18.51 -10.66 -19.85
N ILE F 131 -17.45 -11.41 -19.56
CA ILE F 131 -17.48 -12.40 -18.51
C ILE F 131 -16.92 -11.85 -17.19
N PRO F 132 -17.69 -11.98 -16.10
CA PRO F 132 -17.24 -11.49 -14.80
C PRO F 132 -15.99 -12.26 -14.38
N LEU F 133 -14.98 -11.54 -13.88
CA LEU F 133 -13.75 -12.17 -13.44
C LEU F 133 -13.66 -12.11 -11.92
N LEU F 134 -13.60 -13.29 -11.30
CA LEU F 134 -13.49 -13.38 -9.85
C LEU F 134 -12.01 -13.44 -9.49
N GLY F 135 -11.65 -12.93 -8.32
CA GLY F 135 -10.26 -12.93 -7.91
C GLY F 135 -9.64 -14.31 -7.85
N GLY F 136 -8.43 -14.44 -8.36
CA GLY F 136 -7.77 -15.73 -8.36
C GLY F 136 -6.79 -15.85 -7.22
N GLU F 137 -6.08 -16.98 -7.17
CA GLU F 137 -5.09 -17.19 -6.12
C GLU F 137 -3.73 -17.33 -6.77
N THR F 138 -2.68 -17.27 -5.97
CA THR F 138 -1.32 -17.39 -6.49
C THR F 138 -0.49 -18.37 -5.68
N ALA F 139 0.45 -19.04 -6.35
CA ALA F 139 1.32 -20.00 -5.71
C ALA F 139 2.74 -19.87 -6.21
N GLU F 140 3.66 -19.65 -5.27
CA GLU F 140 5.09 -19.54 -5.58
C GLU F 140 5.76 -20.71 -4.89
N MET F 141 6.12 -21.74 -5.66
CA MET F 141 6.76 -22.92 -5.07
C MET F 141 8.00 -23.34 -5.83
N PRO F 142 9.15 -22.72 -5.52
CA PRO F 142 10.39 -23.07 -6.22
C PRO F 142 10.72 -24.57 -6.18
N GLY F 143 10.21 -25.26 -5.16
CA GLY F 143 10.49 -26.68 -5.04
C GLY F 143 9.61 -27.60 -5.86
N VAL F 144 8.75 -27.02 -6.71
CA VAL F 144 7.85 -27.79 -7.55
C VAL F 144 8.13 -27.47 -9.01
N TYR F 145 8.38 -26.19 -9.27
CA TYR F 145 8.63 -25.69 -10.62
C TYR F 145 10.07 -25.54 -11.04
N ARG F 146 10.30 -25.82 -12.33
CA ARG F 146 11.61 -25.70 -12.96
C ARG F 146 11.81 -24.18 -13.05
N GLU F 147 13.02 -23.70 -12.80
CA GLU F 147 13.30 -22.26 -12.85
C GLU F 147 12.58 -21.50 -13.96
N GLY F 148 12.00 -20.35 -13.62
CA GLY F 148 11.31 -19.54 -14.60
C GLY F 148 10.02 -20.04 -15.21
N ALA F 149 9.62 -21.27 -14.87
CA ALA F 149 8.39 -21.87 -15.40
C ALA F 149 7.14 -21.40 -14.67
N TRP F 150 6.04 -21.30 -15.42
CA TRP F 150 4.74 -20.83 -14.92
C TRP F 150 3.59 -21.74 -15.39
N ASP F 151 2.71 -22.12 -14.49
CA ASP F 151 1.55 -22.94 -14.84
C ASP F 151 0.32 -22.06 -14.62
N ILE F 152 -0.33 -21.68 -15.71
CA ILE F 152 -1.50 -20.81 -15.66
C ILE F 152 -2.78 -21.62 -15.82
N ALA F 153 -3.54 -21.76 -14.72
CA ALA F 153 -4.78 -22.52 -14.73
C ALA F 153 -6.03 -21.67 -14.46
N GLY F 154 -7.18 -22.15 -14.90
CA GLY F 154 -8.41 -21.41 -14.70
C GLY F 154 -9.65 -22.29 -14.67
N THR F 155 -10.76 -21.69 -14.24
CA THR F 155 -12.03 -22.40 -14.14
C THR F 155 -13.15 -21.52 -14.68
N LEU F 156 -13.94 -22.06 -15.60
CA LEU F 156 -15.05 -21.31 -16.18
C LEU F 156 -16.34 -21.97 -15.74
N VAL F 157 -17.22 -21.19 -15.11
CA VAL F 157 -18.52 -21.70 -14.67
C VAL F 157 -19.58 -21.13 -15.61
N GLY F 158 -20.48 -22.00 -16.06
CA GLY F 158 -21.51 -21.55 -16.98
C GLY F 158 -22.86 -22.18 -16.71
N VAL F 159 -23.83 -21.88 -17.58
CA VAL F 159 -25.18 -22.40 -17.42
C VAL F 159 -25.80 -22.76 -18.76
N VAL F 160 -26.64 -23.78 -18.74
CA VAL F 160 -27.31 -24.26 -19.94
C VAL F 160 -28.67 -24.87 -19.60
N GLU F 161 -29.68 -24.62 -20.42
CA GLU F 161 -30.98 -25.21 -20.17
C GLU F 161 -30.78 -26.71 -20.34
N ARG F 162 -31.25 -27.48 -19.37
CA ARG F 162 -31.08 -28.94 -19.41
C ARG F 162 -31.40 -29.60 -20.75
N SER F 163 -32.54 -29.30 -21.35
CA SER F 163 -32.87 -29.96 -22.60
C SER F 163 -32.06 -29.48 -23.81
N ARG F 164 -31.25 -28.44 -23.61
CA ARG F 164 -30.46 -27.89 -24.70
C ARG F 164 -29.00 -28.27 -24.59
N ILE F 165 -28.68 -29.13 -23.64
CA ILE F 165 -27.32 -29.60 -23.43
C ILE F 165 -26.87 -30.41 -24.66
N LEU F 166 -25.65 -30.17 -25.12
CA LEU F 166 -25.10 -30.87 -26.29
C LEU F 166 -24.29 -32.09 -25.86
N GLY F 167 -24.56 -33.24 -26.47
CA GLY F 167 -23.82 -34.43 -26.12
C GLY F 167 -23.98 -35.55 -27.13
N PRO F 168 -23.24 -36.66 -27.00
CA PRO F 168 -23.30 -37.81 -27.92
C PRO F 168 -24.67 -38.51 -27.98
N GLU F 169 -25.51 -38.26 -26.99
CA GLU F 169 -26.82 -38.88 -26.97
C GLU F 169 -27.83 -38.15 -27.87
N ARG F 170 -27.41 -37.04 -28.47
CA ARG F 170 -28.28 -36.30 -29.39
C ARG F 170 -27.77 -36.49 -30.81
N VAL F 171 -26.65 -37.19 -30.93
CA VAL F 171 -26.04 -37.45 -32.22
C VAL F 171 -26.70 -38.63 -32.91
N ARG F 172 -27.23 -38.38 -34.11
CA ARG F 172 -27.88 -39.42 -34.89
C ARG F 172 -27.05 -39.64 -36.15
N GLU F 173 -26.95 -40.90 -36.57
CA GLU F 173 -26.20 -41.26 -37.76
C GLU F 173 -26.57 -40.36 -38.92
N GLY F 174 -25.60 -40.03 -39.75
CA GLY F 174 -25.87 -39.18 -40.90
C GLY F 174 -25.70 -37.70 -40.62
N ASP F 175 -25.55 -37.34 -39.34
CA ASP F 175 -25.37 -35.95 -39.00
C ASP F 175 -24.19 -35.43 -39.79
N ALA F 176 -24.17 -34.11 -39.99
CA ALA F 176 -23.08 -33.48 -40.70
C ALA F 176 -22.04 -33.04 -39.66
N LEU F 177 -20.81 -32.85 -40.11
CA LEU F 177 -19.74 -32.39 -39.25
C LEU F 177 -19.31 -31.04 -39.81
N LEU F 178 -19.41 -30.01 -38.99
CA LEU F 178 -19.05 -28.67 -39.42
C LEU F 178 -17.89 -28.17 -38.57
N ALA F 179 -16.78 -27.89 -39.22
CA ALA F 179 -15.61 -27.41 -38.52
C ALA F 179 -15.54 -25.89 -38.56
N LEU F 180 -15.23 -25.29 -37.41
CA LEU F 180 -15.08 -23.84 -37.31
C LEU F 180 -13.56 -23.65 -37.30
N PRO F 181 -13.04 -22.75 -38.13
CA PRO F 181 -11.59 -22.50 -38.21
C PRO F 181 -10.82 -22.12 -36.94
N SER F 182 -9.64 -22.72 -36.79
CA SER F 182 -8.77 -22.46 -35.64
C SER F 182 -7.86 -21.30 -35.99
N SER F 183 -7.32 -20.63 -34.96
CA SER F 183 -6.41 -19.48 -35.15
C SER F 183 -4.97 -19.95 -35.31
N GLY F 184 -4.76 -21.25 -35.13
CA GLY F 184 -3.44 -21.81 -35.23
C GLY F 184 -3.33 -23.02 -34.30
N PRO F 185 -2.15 -23.30 -33.74
CA PRO F 185 -1.97 -24.45 -32.85
C PRO F 185 -2.77 -24.34 -31.55
N HIS F 186 -3.38 -23.17 -31.32
CA HIS F 186 -4.17 -22.91 -30.10
C HIS F 186 -3.39 -23.15 -28.81
N THR F 187 -3.82 -24.09 -27.97
CA THR F 187 -3.09 -24.34 -26.71
C THR F 187 -2.68 -25.80 -26.44
N ASN F 188 -2.51 -26.58 -27.50
CA ASN F 188 -2.10 -27.98 -27.36
C ASN F 188 -1.01 -28.33 -28.36
N GLY F 189 -0.06 -29.16 -27.93
CA GLY F 189 1.01 -29.58 -28.81
C GLY F 189 2.23 -28.68 -28.81
N TYR F 190 2.35 -27.83 -27.80
CA TYR F 190 3.47 -26.92 -27.75
C TYR F 190 4.77 -27.47 -27.19
N SER F 191 4.74 -28.61 -26.52
CA SER F 191 6.00 -29.14 -26.03
C SER F 191 6.74 -29.59 -27.30
N LEU F 192 5.96 -29.98 -28.31
CA LEU F 192 6.51 -30.42 -29.59
C LEU F 192 6.91 -29.24 -30.48
N ILE F 193 6.21 -28.11 -30.34
CA ILE F 193 6.52 -26.93 -31.13
C ILE F 193 7.85 -26.32 -30.66
N ARG F 194 8.07 -26.34 -29.35
CA ARG F 194 9.31 -25.80 -28.78
C ARG F 194 10.50 -26.71 -29.12
N LYS F 195 10.22 -28.00 -29.30
CA LYS F 195 11.24 -28.98 -29.65
C LYS F 195 11.60 -28.77 -31.12
N VAL F 196 10.58 -28.84 -31.98
CA VAL F 196 10.73 -28.66 -33.43
C VAL F 196 11.20 -27.24 -33.81
N VAL F 197 10.81 -26.23 -33.04
CA VAL F 197 11.18 -24.86 -33.34
C VAL F 197 12.44 -24.38 -32.58
N ALA F 198 13.01 -25.26 -31.75
CA ALA F 198 14.19 -24.92 -30.97
C ALA F 198 15.38 -24.55 -31.85
N GLY F 199 15.99 -23.39 -31.59
CA GLY F 199 17.13 -22.96 -32.37
C GLY F 199 16.72 -22.22 -33.63
N GLN F 200 15.57 -21.56 -33.56
CA GLN F 200 15.06 -20.79 -34.68
C GLN F 200 14.90 -19.33 -34.23
N ASP F 201 14.88 -18.42 -35.19
CA ASP F 201 14.69 -17.02 -34.87
C ASP F 201 13.17 -16.80 -34.99
N LEU F 202 12.47 -16.96 -33.87
CA LEU F 202 11.03 -16.79 -33.84
C LEU F 202 10.61 -15.43 -34.35
N SER F 203 11.52 -14.47 -34.27
CA SER F 203 11.24 -13.11 -34.72
C SER F 203 11.42 -12.97 -36.22
N ALA F 204 11.90 -14.02 -36.89
CA ALA F 204 12.13 -13.98 -38.33
C ALA F 204 10.90 -14.27 -39.21
N PRO F 205 10.67 -13.41 -40.21
CA PRO F 205 9.52 -13.58 -41.12
C PRO F 205 9.65 -14.87 -41.92
N VAL F 206 8.54 -15.60 -42.05
CA VAL F 206 8.54 -16.84 -42.82
C VAL F 206 7.60 -16.63 -44.00
N PRO F 207 8.15 -16.61 -45.22
CA PRO F 207 7.39 -16.41 -46.46
C PRO F 207 6.02 -17.08 -46.49
N GLU F 208 6.02 -18.41 -46.44
CA GLU F 208 4.79 -19.21 -46.48
C GLU F 208 3.82 -18.97 -45.31
N LEU F 209 4.31 -18.32 -44.26
CA LEU F 209 3.50 -18.01 -43.09
C LEU F 209 2.93 -16.60 -43.18
N GLY F 210 3.62 -15.73 -43.91
CA GLY F 210 3.17 -14.36 -44.05
C GLY F 210 3.29 -13.61 -42.74
N GLU F 211 4.18 -14.06 -41.86
CA GLU F 211 4.39 -13.46 -40.56
C GLU F 211 5.55 -14.21 -39.87
N SER F 212 6.02 -13.73 -38.71
CA SER F 212 7.13 -14.42 -38.03
C SER F 212 6.63 -15.71 -37.43
N LEU F 213 7.50 -16.44 -36.74
CA LEU F 213 7.10 -17.71 -36.14
C LEU F 213 6.36 -17.51 -34.82
N LYS F 214 6.77 -16.52 -34.03
CA LYS F 214 6.08 -16.27 -32.76
C LYS F 214 4.71 -15.67 -33.05
N GLU F 215 4.57 -15.04 -34.20
CA GLU F 215 3.30 -14.45 -34.59
C GLU F 215 2.32 -15.59 -34.81
N ALA F 216 2.75 -16.53 -35.65
CA ALA F 216 1.95 -17.70 -36.00
C ALA F 216 1.77 -18.66 -34.83
N LEU F 217 2.81 -18.83 -34.02
CA LEU F 217 2.78 -19.74 -32.88
C LEU F 217 2.09 -19.24 -31.62
N LEU F 218 2.23 -17.97 -31.31
CA LEU F 218 1.63 -17.41 -30.11
C LEU F 218 0.26 -16.79 -30.32
N ARG F 219 -0.28 -16.92 -31.53
CA ARG F 219 -1.61 -16.36 -31.79
C ARG F 219 -2.55 -17.07 -30.82
N PRO F 220 -3.26 -16.30 -29.98
CA PRO F 220 -4.21 -16.79 -28.97
C PRO F 220 -5.25 -17.78 -29.47
N HIS F 221 -5.55 -18.76 -28.61
CA HIS F 221 -6.55 -19.78 -28.88
C HIS F 221 -7.85 -19.05 -29.25
N ARG F 222 -8.47 -19.45 -30.36
CA ARG F 222 -9.69 -18.80 -30.82
C ARG F 222 -10.95 -19.29 -30.10
N ALA F 223 -11.83 -18.35 -29.74
CA ALA F 223 -13.08 -18.67 -29.04
C ALA F 223 -14.25 -18.57 -30.03
N TYR F 224 -15.22 -19.47 -29.89
CA TYR F 224 -16.38 -19.52 -30.78
C TYR F 224 -17.69 -19.11 -30.12
N LEU F 225 -17.60 -18.24 -29.14
CA LEU F 225 -18.78 -17.76 -28.43
C LEU F 225 -19.63 -16.93 -29.39
N LYS F 226 -18.96 -16.20 -30.28
CA LYS F 226 -19.63 -15.37 -31.27
C LYS F 226 -20.40 -16.26 -32.25
N GLU F 227 -19.77 -17.34 -32.69
CA GLU F 227 -20.39 -18.27 -33.63
C GLU F 227 -21.58 -19.00 -33.02
N PHE F 228 -21.37 -19.60 -31.84
CA PHE F 228 -22.45 -20.32 -31.19
C PHE F 228 -23.63 -19.42 -30.84
N ARG F 229 -23.37 -18.13 -30.68
CA ARG F 229 -24.43 -17.20 -30.35
C ARG F 229 -25.27 -16.86 -31.59
N LEU F 230 -24.66 -16.96 -32.77
CA LEU F 230 -25.38 -16.71 -34.01
C LEU F 230 -26.29 -17.89 -34.29
N LEU F 231 -25.77 -19.09 -34.05
CA LEU F 231 -26.55 -20.30 -34.27
C LEU F 231 -27.72 -20.37 -33.30
N TRP F 232 -27.46 -20.11 -32.03
CA TRP F 232 -28.54 -20.14 -31.03
C TRP F 232 -29.63 -19.14 -31.45
N GLU F 233 -29.24 -17.88 -31.60
CA GLU F 233 -30.14 -16.81 -31.99
C GLU F 233 -31.07 -17.28 -33.10
N ALA F 234 -30.48 -17.77 -34.18
CA ALA F 234 -31.23 -18.26 -35.32
C ALA F 234 -31.85 -19.62 -35.05
N GLY F 235 -31.82 -20.04 -33.79
CA GLY F 235 -32.40 -21.31 -33.40
C GLY F 235 -32.01 -22.51 -34.25
N VAL F 236 -30.75 -22.54 -34.69
CA VAL F 236 -30.24 -23.64 -35.50
C VAL F 236 -30.01 -24.87 -34.63
N GLU F 237 -30.59 -26.00 -35.04
CA GLU F 237 -30.48 -27.25 -34.32
C GLU F 237 -29.08 -27.86 -34.22
N LEU F 238 -28.65 -28.14 -32.98
CA LEU F 238 -27.33 -28.74 -32.74
C LEU F 238 -27.46 -30.03 -31.93
N HIS F 239 -26.65 -31.02 -32.28
CA HIS F 239 -26.67 -32.30 -31.56
C HIS F 239 -25.54 -32.40 -30.55
N ALA F 240 -24.31 -32.23 -31.03
CA ALA F 240 -23.14 -32.30 -30.18
C ALA F 240 -22.05 -31.41 -30.73
N ALA F 241 -20.94 -31.29 -30.00
CA ALA F 241 -19.83 -30.46 -30.45
C ALA F 241 -18.58 -30.88 -29.72
N ALA F 242 -17.48 -31.00 -30.47
CA ALA F 242 -16.21 -31.39 -29.90
C ALA F 242 -15.21 -30.26 -29.99
N HIS F 243 -14.52 -30.00 -28.89
CA HIS F 243 -13.50 -28.97 -28.89
C HIS F 243 -12.19 -29.72 -29.15
N ILE F 244 -11.56 -29.44 -30.29
CA ILE F 244 -10.31 -30.12 -30.64
C ILE F 244 -9.12 -29.56 -29.87
N THR F 245 -8.84 -30.19 -28.73
CA THR F 245 -7.74 -29.78 -27.88
C THR F 245 -6.69 -30.90 -27.86
N GLY F 246 -6.15 -31.22 -26.68
CA GLY F 246 -5.15 -32.27 -26.60
C GLY F 246 -5.62 -33.52 -27.31
N GLY F 247 -4.73 -34.20 -28.02
CA GLY F 247 -5.11 -35.42 -28.71
C GLY F 247 -5.69 -35.14 -30.09
N GLY F 248 -5.95 -33.87 -30.38
CA GLY F 248 -6.48 -33.47 -31.66
C GLY F 248 -7.80 -34.09 -32.07
N LEU F 249 -8.04 -34.09 -33.38
CA LEU F 249 -9.26 -34.64 -33.93
C LEU F 249 -9.56 -36.09 -33.54
N PRO F 250 -8.53 -36.98 -33.58
CA PRO F 250 -8.67 -38.40 -33.23
C PRO F 250 -9.26 -38.73 -31.86
N GLU F 251 -9.02 -37.86 -30.87
CA GLU F 251 -9.51 -38.12 -29.53
C GLU F 251 -10.76 -37.35 -29.12
N ASN F 252 -10.81 -36.08 -29.51
CA ASN F 252 -11.92 -35.22 -29.13
C ASN F 252 -13.21 -35.33 -29.94
N LEU F 253 -13.13 -35.76 -31.19
CA LEU F 253 -14.35 -35.89 -31.98
C LEU F 253 -15.12 -37.17 -31.62
N PRO F 254 -14.39 -38.30 -31.46
CA PRO F 254 -15.09 -39.54 -31.10
C PRO F 254 -15.88 -39.38 -29.80
N ARG F 255 -15.30 -38.65 -28.84
CA ARG F 255 -15.94 -38.41 -27.55
C ARG F 255 -17.37 -37.86 -27.68
N ALA F 256 -17.62 -37.10 -28.74
CA ALA F 256 -18.94 -36.50 -29.00
C ALA F 256 -19.84 -37.38 -29.85
N LEU F 257 -19.46 -38.65 -29.98
CA LEU F 257 -20.21 -39.61 -30.76
C LEU F 257 -20.64 -40.77 -29.86
N PRO F 258 -21.91 -41.21 -29.99
CA PRO F 258 -22.46 -42.31 -29.20
C PRO F 258 -21.94 -43.67 -29.62
N PRO F 259 -22.16 -44.69 -28.80
CA PRO F 259 -21.71 -46.05 -29.09
C PRO F 259 -22.22 -46.53 -30.44
N GLY F 260 -21.30 -46.91 -31.31
CA GLY F 260 -21.69 -47.39 -32.62
C GLY F 260 -21.41 -46.42 -33.74
N LEU F 261 -21.52 -45.12 -33.48
CA LEU F 261 -21.27 -44.14 -34.51
C LEU F 261 -19.84 -43.64 -34.52
N GLY F 262 -19.34 -43.38 -35.72
CA GLY F 262 -17.98 -42.88 -35.87
C GLY F 262 -18.04 -41.68 -36.78
N ALA F 263 -16.88 -41.23 -37.26
CA ALA F 263 -16.86 -40.07 -38.13
C ALA F 263 -16.05 -40.27 -39.41
N GLU F 264 -16.46 -39.57 -40.46
CA GLU F 264 -15.81 -39.63 -41.76
C GLU F 264 -15.45 -38.19 -42.15
N VAL F 265 -14.18 -37.84 -42.02
CA VAL F 265 -13.69 -36.49 -42.33
C VAL F 265 -12.94 -36.46 -43.67
N ARG F 266 -13.33 -35.54 -44.55
CA ARG F 266 -12.71 -35.45 -45.88
C ARG F 266 -11.51 -34.53 -46.01
N ARG F 267 -10.38 -35.12 -46.42
CA ARG F 267 -9.14 -34.39 -46.63
C ARG F 267 -9.38 -33.28 -47.66
N GLY F 268 -8.93 -32.06 -47.34
CA GLY F 268 -9.08 -30.95 -48.27
C GLY F 268 -10.37 -30.16 -48.23
N SER F 269 -11.28 -30.51 -47.32
CA SER F 269 -12.56 -29.80 -47.22
C SER F 269 -12.47 -28.59 -46.29
N TRP F 270 -11.35 -28.47 -45.59
CA TRP F 270 -11.15 -27.35 -44.68
C TRP F 270 -9.71 -26.85 -44.82
N PRO F 271 -9.50 -25.53 -44.64
CA PRO F 271 -8.17 -24.93 -44.73
C PRO F 271 -7.27 -25.21 -43.52
N ILE F 272 -6.03 -25.62 -43.79
CA ILE F 272 -5.07 -25.92 -42.74
C ILE F 272 -4.10 -24.76 -42.59
N PRO F 273 -4.13 -24.07 -41.44
CA PRO F 273 -3.20 -22.95 -41.26
C PRO F 273 -1.80 -23.38 -41.72
N PRO F 274 -1.16 -22.57 -42.59
CA PRO F 274 0.18 -22.87 -43.10
C PRO F 274 1.27 -23.12 -42.05
N VAL F 275 0.94 -22.87 -40.79
CA VAL F 275 1.88 -23.06 -39.68
C VAL F 275 2.12 -24.53 -39.37
N PHE F 276 1.08 -25.34 -39.52
CA PHE F 276 1.17 -26.77 -39.25
C PHE F 276 2.11 -27.52 -40.19
N PRO F 277 1.91 -27.39 -41.52
CA PRO F 277 2.80 -28.10 -42.44
C PRO F 277 4.26 -27.63 -42.33
N TYR F 278 4.44 -26.34 -42.05
CA TYR F 278 5.77 -25.78 -41.89
C TYR F 278 6.45 -26.41 -40.67
N LEU F 279 5.67 -26.61 -39.61
CA LEU F 279 6.17 -27.24 -38.39
C LEU F 279 6.42 -28.71 -38.69
N GLN F 280 5.49 -29.35 -39.37
CA GLN F 280 5.64 -30.75 -39.75
C GLN F 280 6.86 -30.95 -40.67
N ARG F 281 7.06 -30.03 -41.61
CA ARG F 281 8.19 -30.15 -42.53
C ARG F 281 9.50 -29.86 -41.79
N LEU F 282 9.45 -28.86 -40.92
CA LEU F 282 10.60 -28.43 -40.14
C LEU F 282 11.09 -29.48 -39.15
N GLY F 283 10.16 -30.19 -38.52
CA GLY F 283 10.56 -31.21 -37.56
C GLY F 283 10.44 -32.64 -38.06
N GLY F 284 10.11 -32.79 -39.34
CA GLY F 284 9.97 -34.12 -39.91
C GLY F 284 8.91 -34.95 -39.23
N ILE F 285 7.84 -34.31 -38.76
CA ILE F 285 6.75 -34.99 -38.07
C ILE F 285 5.84 -35.77 -39.02
N PRO F 286 5.62 -37.07 -38.74
CA PRO F 286 4.75 -37.90 -39.59
C PRO F 286 3.34 -37.35 -39.61
N GLU F 287 2.57 -37.77 -40.61
CA GLU F 287 1.19 -37.32 -40.74
C GLU F 287 0.34 -37.76 -39.54
N GLU F 288 0.49 -39.01 -39.13
CA GLU F 288 -0.31 -39.50 -38.01
C GLU F 288 -0.10 -38.68 -36.75
N GLU F 289 1.17 -38.39 -36.44
CA GLU F 289 1.52 -37.62 -35.27
C GLU F 289 0.93 -36.21 -35.26
N MET F 290 0.84 -35.60 -36.44
CA MET F 290 0.28 -34.26 -36.56
C MET F 290 -1.16 -34.19 -36.05
N TYR F 291 -2.03 -35.05 -36.57
CA TYR F 291 -3.43 -35.03 -36.14
C TYR F 291 -3.62 -35.48 -34.70
N ARG F 292 -2.66 -36.22 -34.17
CA ARG F 292 -2.73 -36.70 -32.79
C ARG F 292 -2.35 -35.63 -31.78
N VAL F 293 -1.69 -34.58 -32.26
CA VAL F 293 -1.23 -33.49 -31.39
C VAL F 293 -1.85 -32.13 -31.68
N PHE F 294 -1.91 -31.74 -32.94
CA PHE F 294 -2.45 -30.45 -33.35
C PHE F 294 -3.88 -30.52 -33.88
N ASN F 295 -4.59 -29.39 -33.84
CA ASN F 295 -5.96 -29.36 -34.32
C ASN F 295 -6.03 -29.24 -35.85
N MET F 296 -4.88 -29.05 -36.49
CA MET F 296 -4.79 -28.95 -37.94
C MET F 296 -5.82 -28.03 -38.60
N GLY F 297 -6.26 -26.99 -37.91
CA GLY F 297 -7.24 -26.08 -38.48
C GLY F 297 -8.66 -26.26 -37.95
N LEU F 298 -8.92 -27.42 -37.35
CA LEU F 298 -10.23 -27.75 -36.78
C LEU F 298 -10.35 -27.24 -35.35
N GLY F 299 -10.78 -26.00 -35.18
CA GLY F 299 -10.91 -25.44 -33.84
C GLY F 299 -11.96 -26.20 -33.07
N MET F 300 -13.12 -26.37 -33.70
CA MET F 300 -14.24 -27.09 -33.13
C MET F 300 -14.98 -27.81 -34.24
N VAL F 301 -15.63 -28.92 -33.91
CA VAL F 301 -16.39 -29.68 -34.88
C VAL F 301 -17.81 -29.89 -34.38
N LEU F 302 -18.77 -29.21 -34.99
CA LEU F 302 -20.15 -29.35 -34.57
C LEU F 302 -20.81 -30.50 -35.31
N VAL F 303 -21.59 -31.29 -34.57
CA VAL F 303 -22.32 -32.43 -35.14
C VAL F 303 -23.80 -32.02 -35.17
N LEU F 304 -24.27 -31.68 -36.36
CA LEU F 304 -25.65 -31.25 -36.53
C LEU F 304 -26.22 -31.84 -37.79
N PRO F 305 -27.55 -31.78 -37.96
CA PRO F 305 -28.18 -32.33 -39.16
C PRO F 305 -27.81 -31.55 -40.42
N GLN F 306 -27.69 -32.27 -41.54
CA GLN F 306 -27.35 -31.69 -42.83
C GLN F 306 -27.97 -30.32 -43.12
N GLU F 307 -29.31 -30.26 -43.14
CA GLU F 307 -30.01 -29.02 -43.43
C GLU F 307 -29.64 -27.91 -42.45
N ALA F 308 -29.42 -28.28 -41.20
CA ALA F 308 -29.03 -27.31 -40.18
C ALA F 308 -27.63 -26.82 -40.56
N ALA F 309 -26.76 -27.77 -40.89
CA ALA F 309 -25.39 -27.46 -41.28
C ALA F 309 -25.37 -26.43 -42.40
N GLU F 310 -26.37 -26.49 -43.27
CA GLU F 310 -26.48 -25.57 -44.40
C GLU F 310 -26.80 -24.16 -43.93
N GLU F 311 -27.82 -24.05 -43.09
CA GLU F 311 -28.26 -22.77 -42.55
C GLU F 311 -27.16 -22.13 -41.71
N ALA F 312 -26.44 -22.94 -40.94
CA ALA F 312 -25.35 -22.46 -40.09
C ALA F 312 -24.21 -21.82 -40.90
N LEU F 313 -23.90 -22.40 -42.06
CA LEU F 313 -22.85 -21.87 -42.91
C LEU F 313 -23.20 -20.50 -43.48
N LYS F 314 -24.48 -20.14 -43.42
CA LYS F 314 -24.93 -18.84 -43.90
C LYS F 314 -24.80 -17.83 -42.78
N LEU F 315 -24.53 -18.31 -41.57
CA LEU F 315 -24.43 -17.46 -40.39
C LEU F 315 -23.01 -17.32 -39.86
N VAL F 316 -22.21 -18.37 -40.00
CA VAL F 316 -20.85 -18.32 -39.49
C VAL F 316 -19.83 -18.87 -40.46
N GLU F 317 -18.57 -18.56 -40.19
CA GLU F 317 -17.46 -19.05 -40.99
C GLU F 317 -17.21 -20.49 -40.56
N GLY F 318 -17.57 -21.43 -41.41
CA GLY F 318 -17.39 -22.84 -41.09
C GLY F 318 -17.18 -23.65 -42.36
N PHE F 319 -16.80 -24.90 -42.20
CA PHE F 319 -16.55 -25.77 -43.34
C PHE F 319 -17.18 -27.13 -43.14
N LEU F 320 -17.95 -27.59 -44.13
CA LEU F 320 -18.54 -28.92 -44.02
C LEU F 320 -17.37 -29.85 -44.22
N VAL F 321 -17.05 -30.62 -43.19
CA VAL F 321 -15.89 -31.50 -43.24
C VAL F 321 -16.12 -33.01 -43.12
N GLY F 322 -17.36 -33.43 -42.93
CA GLY F 322 -17.58 -34.86 -42.81
C GLY F 322 -18.98 -35.26 -42.45
N ARG F 323 -19.10 -36.49 -41.96
CA ARG F 323 -20.40 -37.02 -41.59
C ARG F 323 -20.26 -38.15 -40.57
N VAL F 324 -21.34 -38.41 -39.85
CA VAL F 324 -21.37 -39.47 -38.86
C VAL F 324 -21.80 -40.77 -39.54
N VAL F 325 -20.94 -41.78 -39.43
CA VAL F 325 -21.18 -43.08 -40.03
C VAL F 325 -20.90 -44.17 -39.01
N PRO F 326 -21.58 -45.32 -39.12
CA PRO F 326 -21.34 -46.40 -38.17
C PRO F 326 -19.87 -46.83 -38.25
N GLY F 327 -19.27 -47.12 -37.11
CA GLY F 327 -17.87 -47.52 -37.09
C GLY F 327 -17.04 -46.60 -36.21
N GLU F 328 -16.99 -46.90 -34.92
CA GLU F 328 -16.25 -46.11 -33.94
C GLU F 328 -14.99 -45.45 -34.47
N GLY F 329 -14.82 -44.17 -34.14
CA GLY F 329 -13.62 -43.47 -34.54
C GLY F 329 -13.71 -42.37 -35.57
N VAL F 330 -12.55 -41.95 -36.05
CA VAL F 330 -12.41 -40.91 -37.05
C VAL F 330 -11.50 -41.44 -38.16
N ARG F 331 -11.93 -41.27 -39.41
CA ARG F 331 -11.13 -41.70 -40.55
C ARG F 331 -11.05 -40.56 -41.56
N LEU F 332 -9.85 -40.31 -42.08
CA LEU F 332 -9.67 -39.28 -43.08
C LEU F 332 -9.90 -39.89 -44.45
N VAL F 333 -10.71 -39.22 -45.27
CA VAL F 333 -11.01 -39.69 -46.62
C VAL F 333 -10.51 -38.66 -47.64
N GLU G 53 -32.56 -14.77 -17.55
CA GLU G 53 -31.94 -16.13 -17.55
C GLU G 53 -31.38 -16.45 -16.18
N PRO G 54 -32.27 -16.70 -15.20
CA PRO G 54 -31.84 -17.02 -13.83
C PRO G 54 -31.08 -18.33 -13.81
N VAL G 55 -30.15 -18.45 -12.87
CA VAL G 55 -29.36 -19.66 -12.77
C VAL G 55 -29.94 -20.65 -11.76
N LEU G 56 -30.91 -20.19 -10.98
CA LEU G 56 -31.54 -21.02 -9.95
C LEU G 56 -32.98 -21.39 -10.30
N VAL G 57 -33.52 -22.36 -9.56
CA VAL G 57 -34.89 -22.80 -9.76
C VAL G 57 -35.70 -22.58 -8.49
N ALA G 58 -37.02 -22.39 -8.64
CA ALA G 58 -37.89 -22.16 -7.51
C ALA G 58 -39.26 -22.80 -7.74
N THR G 59 -39.96 -23.14 -6.67
CA THR G 59 -41.28 -23.71 -6.81
C THR G 59 -42.15 -23.21 -5.66
N THR G 60 -43.45 -23.06 -5.92
CA THR G 60 -44.38 -22.63 -4.87
C THR G 60 -45.45 -23.71 -4.76
N ASP G 61 -45.75 -24.10 -3.53
CA ASP G 61 -46.75 -25.13 -3.28
C ASP G 61 -47.62 -24.73 -2.10
N GLY G 62 -48.77 -25.39 -1.99
CA GLY G 62 -49.69 -25.15 -0.90
C GLY G 62 -49.95 -26.51 -0.30
N VAL G 63 -50.22 -26.57 1.00
CA VAL G 63 -50.46 -27.84 1.65
C VAL G 63 -51.74 -28.54 1.19
N GLY G 64 -52.76 -27.76 0.89
CA GLY G 64 -54.02 -28.34 0.44
C GLY G 64 -55.03 -28.46 1.58
N THR G 65 -56.20 -29.01 1.29
CA THR G 65 -57.23 -29.16 2.33
C THR G 65 -56.82 -30.03 3.53
N LYS G 66 -55.64 -30.64 3.48
CA LYS G 66 -55.17 -31.44 4.61
C LYS G 66 -55.07 -30.53 5.85
N THR G 67 -54.97 -29.22 5.60
CA THR G 67 -54.90 -28.23 6.67
C THR G 67 -56.19 -28.25 7.48
N LEU G 68 -57.33 -28.30 6.80
CA LEU G 68 -58.63 -28.33 7.47
C LEU G 68 -58.76 -29.53 8.40
N LEU G 69 -58.39 -30.70 7.91
CA LEU G 69 -58.47 -31.91 8.72
C LEU G 69 -57.52 -31.74 9.90
N ALA G 70 -56.36 -31.16 9.64
CA ALA G 70 -55.34 -30.93 10.65
C ALA G 70 -55.85 -30.00 11.76
N LEU G 71 -56.66 -29.03 11.36
CA LEU G 71 -57.21 -28.08 12.31
C LEU G 71 -58.30 -28.72 13.17
N GLU G 72 -59.17 -29.53 12.55
CA GLU G 72 -60.25 -30.22 13.25
C GLU G 72 -59.68 -31.17 14.30
N ALA G 73 -58.65 -31.91 13.90
CA ALA G 73 -57.99 -32.88 14.76
C ALA G 73 -57.28 -32.20 15.93
N GLY G 74 -57.03 -30.91 15.81
CA GLY G 74 -56.36 -30.20 16.88
C GLY G 74 -54.84 -30.28 16.85
N ASP G 75 -54.28 -31.03 15.90
CA ASP G 75 -52.83 -31.16 15.78
C ASP G 75 -52.36 -30.58 14.45
N VAL G 76 -51.52 -29.54 14.53
CA VAL G 76 -51.02 -28.88 13.34
C VAL G 76 -49.49 -28.97 13.27
N SER G 77 -48.91 -29.70 14.22
CA SER G 77 -47.45 -29.87 14.32
C SER G 77 -46.77 -30.51 13.12
N GLY G 78 -47.54 -31.06 12.19
CA GLY G 78 -46.92 -31.69 11.04
C GLY G 78 -47.12 -30.98 9.73
N LEU G 79 -47.90 -29.91 9.73
CA LEU G 79 -48.16 -29.18 8.49
C LEU G 79 -46.96 -28.41 7.96
N GLY G 80 -45.93 -28.24 8.77
CA GLY G 80 -44.73 -27.54 8.32
C GLY G 80 -43.90 -28.50 7.51
N PHE G 81 -43.93 -29.77 7.91
CA PHE G 81 -43.21 -30.82 7.20
C PHE G 81 -43.91 -31.11 5.88
N ASP G 82 -45.24 -31.22 5.93
CA ASP G 82 -46.02 -31.47 4.71
C ASP G 82 -45.62 -30.50 3.60
N LEU G 83 -45.70 -29.21 3.92
CA LEU G 83 -45.37 -28.13 2.98
C LEU G 83 -43.92 -28.19 2.50
N VAL G 84 -42.99 -28.24 3.46
CA VAL G 84 -41.57 -28.29 3.12
C VAL G 84 -41.15 -29.54 2.37
N ASN G 85 -41.56 -30.71 2.86
CA ASN G 85 -41.21 -31.97 2.21
C ASN G 85 -41.81 -32.10 0.82
N HIS G 86 -43.04 -31.62 0.64
CA HIS G 86 -43.69 -31.66 -0.66
C HIS G 86 -42.87 -30.82 -1.65
N SER G 87 -42.37 -29.68 -1.20
CA SER G 87 -41.58 -28.80 -2.06
C SER G 87 -40.18 -29.35 -2.33
N VAL G 88 -39.53 -29.91 -1.31
CA VAL G 88 -38.19 -30.45 -1.53
C VAL G 88 -38.23 -31.54 -2.60
N ASN G 89 -39.32 -32.29 -2.64
CA ASN G 89 -39.48 -33.37 -3.62
C ASN G 89 -39.78 -32.87 -5.03
N ASP G 90 -40.60 -31.83 -5.15
CA ASP G 90 -40.92 -31.27 -6.45
C ASP G 90 -39.66 -30.82 -7.18
N LEU G 91 -38.70 -30.30 -6.42
CA LEU G 91 -37.44 -29.86 -7.01
C LEU G 91 -36.49 -31.04 -7.19
N LEU G 92 -36.51 -32.00 -6.27
CA LEU G 92 -35.63 -33.16 -6.40
C LEU G 92 -35.87 -33.83 -7.74
N ALA G 93 -37.13 -33.86 -8.14
CA ALA G 93 -37.54 -34.44 -9.40
C ALA G 93 -36.88 -33.69 -10.57
N GLN G 94 -36.26 -32.55 -10.27
CA GLN G 94 -35.57 -31.76 -11.29
C GLN G 94 -34.08 -32.06 -11.21
N GLY G 95 -33.66 -32.62 -10.08
CA GLY G 95 -32.25 -32.90 -9.89
C GLY G 95 -31.68 -31.71 -9.14
N ALA G 96 -32.60 -30.87 -8.66
CA ALA G 96 -32.23 -29.68 -7.92
C ALA G 96 -32.11 -29.98 -6.45
N GLU G 97 -31.17 -29.29 -5.81
CA GLU G 97 -30.98 -29.45 -4.37
C GLU G 97 -31.51 -28.17 -3.73
N PRO G 98 -32.10 -28.29 -2.53
CA PRO G 98 -32.66 -27.14 -1.81
C PRO G 98 -31.65 -26.13 -1.26
N LEU G 99 -32.00 -24.85 -1.32
CA LEU G 99 -31.12 -23.79 -0.79
C LEU G 99 -31.82 -23.06 0.38
N PHE G 100 -33.10 -22.76 0.21
CA PHE G 100 -33.89 -22.10 1.24
C PHE G 100 -35.39 -22.09 0.93
N PHE G 101 -36.18 -21.88 1.96
CA PHE G 101 -37.64 -21.89 1.86
C PHE G 101 -38.23 -20.66 2.56
N LEU G 102 -39.37 -20.19 2.06
CA LEU G 102 -40.09 -19.06 2.64
C LEU G 102 -41.53 -19.54 2.76
N ASP G 103 -42.19 -19.20 3.85
CA ASP G 103 -43.57 -19.62 4.04
C ASP G 103 -44.54 -18.45 3.95
N TYR G 104 -45.75 -18.71 3.46
CA TYR G 104 -46.80 -17.69 3.36
C TYR G 104 -48.04 -18.24 4.09
N LEU G 105 -48.26 -17.79 5.32
CA LEU G 105 -49.41 -18.25 6.09
C LEU G 105 -50.54 -17.25 6.05
N ALA G 106 -51.72 -17.70 5.65
CA ALA G 106 -52.90 -16.84 5.57
C ALA G 106 -54.11 -17.50 6.24
N ALA G 107 -54.91 -16.70 6.94
CA ALA G 107 -56.08 -17.23 7.63
C ALA G 107 -57.18 -16.20 7.77
N SER G 108 -58.33 -16.65 8.28
CA SER G 108 -59.46 -15.75 8.52
C SER G 108 -59.09 -14.94 9.75
N HIS G 109 -58.52 -15.63 10.73
CA HIS G 109 -58.07 -15.04 11.97
C HIS G 109 -56.84 -15.83 12.37
N LEU G 110 -55.74 -15.14 12.63
CA LEU G 110 -54.48 -15.79 12.99
C LEU G 110 -54.31 -16.16 14.47
N ASP G 111 -54.98 -17.23 14.91
CA ASP G 111 -54.86 -17.68 16.30
C ASP G 111 -53.39 -17.73 16.65
N GLU G 112 -53.02 -17.24 17.82
CA GLU G 112 -51.62 -17.24 18.23
C GLU G 112 -51.07 -18.63 18.50
N GLY G 113 -51.95 -19.55 18.92
CA GLY G 113 -51.52 -20.90 19.20
C GLY G 113 -51.19 -21.62 17.91
N VAL G 114 -52.14 -21.59 16.97
CA VAL G 114 -51.97 -22.23 15.67
C VAL G 114 -50.70 -21.70 14.99
N LEU G 115 -50.64 -20.37 14.86
CA LEU G 115 -49.53 -19.68 14.22
C LEU G 115 -48.18 -20.03 14.80
N ALA G 116 -48.11 -20.17 16.12
CA ALA G 116 -46.85 -20.51 16.75
C ALA G 116 -46.53 -21.98 16.47
N ALA G 117 -47.59 -22.79 16.35
CA ALA G 117 -47.42 -24.20 16.08
C ALA G 117 -46.88 -24.39 14.66
N LEU G 118 -47.52 -23.72 13.70
CA LEU G 118 -47.12 -23.78 12.30
C LEU G 118 -45.66 -23.34 12.08
N LEU G 119 -45.32 -22.17 12.61
CA LEU G 119 -43.98 -21.62 12.47
C LEU G 119 -42.92 -22.50 13.12
N ALA G 120 -43.28 -23.15 14.22
CA ALA G 120 -42.34 -24.03 14.90
C ALA G 120 -42.14 -25.27 14.04
N SER G 121 -43.20 -25.69 13.37
CA SER G 121 -43.16 -26.86 12.50
C SER G 121 -42.38 -26.59 11.22
N LEU G 122 -42.55 -25.41 10.64
CA LEU G 122 -41.84 -25.04 9.42
C LEU G 122 -40.34 -24.93 9.66
N ALA G 123 -39.97 -24.32 10.78
CA ALA G 123 -38.56 -24.14 11.12
C ALA G 123 -37.90 -25.48 11.41
N GLU G 124 -38.64 -26.38 12.04
CA GLU G 124 -38.12 -27.71 12.34
C GLU G 124 -37.97 -28.48 11.03
N ALA G 125 -38.94 -28.30 10.13
CA ALA G 125 -38.96 -28.96 8.83
C ALA G 125 -37.78 -28.59 7.93
N CYS G 126 -37.34 -27.35 8.03
CA CYS G 126 -36.21 -26.86 7.25
C CYS G 126 -34.93 -27.29 7.95
N ARG G 127 -34.96 -27.33 9.28
CA ARG G 127 -33.79 -27.71 10.06
C ARG G 127 -33.34 -29.14 9.76
N ALA G 128 -34.29 -30.05 9.57
CA ALA G 128 -33.99 -31.46 9.26
C ALA G 128 -33.35 -31.63 7.88
N HIS G 129 -33.62 -30.71 6.97
CA HIS G 129 -33.08 -30.77 5.62
C HIS G 129 -31.82 -29.91 5.48
N GLY G 130 -31.48 -29.18 6.54
CA GLY G 130 -30.31 -28.33 6.54
C GLY G 130 -30.45 -27.05 5.74
N ILE G 131 -31.68 -26.69 5.39
CA ILE G 131 -31.88 -25.47 4.64
C ILE G 131 -32.50 -24.43 5.56
N PRO G 132 -32.15 -23.16 5.33
CA PRO G 132 -32.67 -22.07 6.15
C PRO G 132 -34.07 -21.62 5.80
N LEU G 133 -34.83 -21.26 6.82
CA LEU G 133 -36.17 -20.73 6.62
C LEU G 133 -35.85 -19.23 6.58
N LEU G 134 -35.53 -18.75 5.38
CA LEU G 134 -35.15 -17.37 5.15
C LEU G 134 -36.16 -16.33 5.62
N GLY G 135 -37.36 -16.79 6.00
CA GLY G 135 -38.37 -15.87 6.48
C GLY G 135 -39.76 -16.25 5.98
N GLY G 136 -40.65 -15.26 5.95
CA GLY G 136 -42.01 -15.51 5.51
C GLY G 136 -42.98 -14.40 5.86
N GLU G 137 -44.21 -14.53 5.40
CA GLU G 137 -45.22 -13.52 5.68
C GLU G 137 -46.53 -14.17 6.11
N THR G 138 -47.34 -13.41 6.84
CA THR G 138 -48.65 -13.89 7.30
C THR G 138 -49.69 -12.89 6.80
N ALA G 139 -50.92 -13.34 6.72
CA ALA G 139 -52.00 -12.49 6.25
C ALA G 139 -53.32 -12.86 6.88
N GLU G 140 -53.96 -11.87 7.51
CA GLU G 140 -55.26 -12.08 8.16
C GLU G 140 -56.33 -11.41 7.30
N MET G 141 -57.18 -12.24 6.69
CA MET G 141 -58.23 -11.72 5.83
C MET G 141 -59.55 -12.47 5.98
N PRO G 142 -60.31 -12.15 7.06
CA PRO G 142 -61.61 -12.79 7.32
C PRO G 142 -62.57 -12.64 6.16
N GLY G 143 -62.29 -11.67 5.29
CA GLY G 143 -63.13 -11.44 4.13
C GLY G 143 -62.79 -12.41 3.02
N VAL G 144 -61.65 -13.10 3.15
CA VAL G 144 -61.20 -14.05 2.14
C VAL G 144 -61.31 -15.50 2.63
N TYR G 145 -61.02 -15.71 3.91
CA TYR G 145 -61.07 -17.05 4.46
C TYR G 145 -62.32 -17.37 5.26
N ARG G 146 -62.88 -18.55 5.01
CA ARG G 146 -64.06 -18.99 5.73
C ARG G 146 -63.65 -19.02 7.18
N GLU G 147 -64.63 -18.91 8.07
CA GLU G 147 -64.37 -18.90 9.50
C GLU G 147 -63.45 -20.06 9.90
N GLY G 148 -62.33 -19.73 10.53
CA GLY G 148 -61.38 -20.74 10.98
C GLY G 148 -60.46 -21.41 9.98
N ALA G 149 -60.68 -21.19 8.69
CA ALA G 149 -59.83 -21.80 7.67
C ALA G 149 -58.44 -21.18 7.66
N TRP G 150 -57.48 -21.90 7.08
CA TRP G 150 -56.11 -21.43 7.01
C TRP G 150 -55.52 -21.99 5.72
N ASP G 151 -54.56 -21.29 5.14
CA ASP G 151 -53.91 -21.78 3.93
C ASP G 151 -52.41 -21.74 4.17
N ILE G 152 -51.80 -22.91 4.17
CA ILE G 152 -50.37 -23.02 4.40
C ILE G 152 -49.63 -23.10 3.07
N ALA G 153 -48.93 -22.04 2.70
CA ALA G 153 -48.20 -22.02 1.44
C ALA G 153 -46.73 -21.66 1.66
N GLY G 154 -45.90 -21.87 0.63
CA GLY G 154 -44.49 -21.56 0.75
C GLY G 154 -43.74 -21.67 -0.57
N THR G 155 -42.49 -21.20 -0.57
CA THR G 155 -41.62 -21.24 -1.75
C THR G 155 -40.27 -21.87 -1.43
N LEU G 156 -39.77 -22.69 -2.33
CA LEU G 156 -38.47 -23.32 -2.14
C LEU G 156 -37.60 -22.98 -3.34
N VAL G 157 -36.34 -22.65 -3.08
CA VAL G 157 -35.40 -22.33 -4.13
C VAL G 157 -34.28 -23.37 -4.10
N GLY G 158 -33.83 -23.78 -5.28
CA GLY G 158 -32.78 -24.78 -5.36
C GLY G 158 -31.87 -24.53 -6.56
N VAL G 159 -30.95 -25.46 -6.81
CA VAL G 159 -30.04 -25.29 -7.93
C VAL G 159 -29.71 -26.64 -8.52
N VAL G 160 -29.73 -26.73 -9.85
CA VAL G 160 -29.44 -28.00 -10.52
C VAL G 160 -28.04 -28.02 -11.13
N GLU G 161 -27.21 -28.93 -10.64
CA GLU G 161 -25.84 -29.09 -11.13
C GLU G 161 -25.79 -30.21 -12.15
N ARG G 162 -24.84 -30.12 -13.08
CA ARG G 162 -24.67 -31.09 -14.17
C ARG G 162 -24.76 -32.58 -13.85
N SER G 163 -24.01 -33.03 -12.85
CA SER G 163 -23.99 -34.44 -12.47
C SER G 163 -25.29 -35.01 -11.90
N ARG G 164 -26.35 -34.21 -11.87
CA ARG G 164 -27.62 -34.66 -11.29
C ARG G 164 -28.86 -34.36 -12.12
N ILE G 165 -28.67 -33.82 -13.31
CA ILE G 165 -29.83 -33.49 -14.14
C ILE G 165 -30.81 -34.66 -14.30
N LEU G 166 -32.11 -34.32 -14.31
CA LEU G 166 -33.19 -35.28 -14.50
C LEU G 166 -34.17 -34.64 -15.46
N GLY G 167 -34.65 -35.44 -16.41
CA GLY G 167 -35.60 -34.93 -17.38
C GLY G 167 -36.03 -36.05 -18.31
N PRO G 168 -37.24 -35.97 -18.88
CA PRO G 168 -37.80 -36.96 -19.80
C PRO G 168 -36.95 -37.35 -21.01
N GLU G 169 -36.22 -36.40 -21.57
CA GLU G 169 -35.40 -36.72 -22.73
C GLU G 169 -34.26 -37.68 -22.37
N ARG G 170 -34.03 -37.89 -21.09
CA ARG G 170 -32.97 -38.79 -20.64
C ARG G 170 -33.49 -40.23 -20.50
N VAL G 171 -34.82 -40.39 -20.65
CA VAL G 171 -35.48 -41.68 -20.54
C VAL G 171 -35.28 -42.57 -21.78
N ARG G 172 -34.93 -43.83 -21.53
CA ARG G 172 -34.68 -44.82 -22.57
C ARG G 172 -35.65 -46.01 -22.42
N GLU G 173 -36.15 -46.52 -23.54
CA GLU G 173 -37.06 -47.66 -23.49
C GLU G 173 -36.42 -48.86 -22.79
N GLY G 174 -37.14 -49.47 -21.86
CA GLY G 174 -36.57 -50.58 -21.14
C GLY G 174 -36.03 -50.09 -19.81
N ASP G 175 -36.28 -48.81 -19.55
CA ASP G 175 -35.87 -48.14 -18.33
C ASP G 175 -36.73 -48.71 -17.21
N ALA G 176 -36.09 -49.08 -16.10
CA ALA G 176 -36.82 -49.60 -14.95
C ALA G 176 -37.46 -48.44 -14.20
N LEU G 177 -38.43 -48.75 -13.34
CA LEU G 177 -39.10 -47.74 -12.53
C LEU G 177 -38.84 -48.13 -11.09
N LEU G 178 -38.37 -47.17 -10.29
CA LEU G 178 -38.07 -47.43 -8.88
C LEU G 178 -38.83 -46.45 -7.98
N ALA G 179 -39.76 -46.97 -7.21
CA ALA G 179 -40.55 -46.14 -6.32
C ALA G 179 -40.00 -46.03 -4.90
N LEU G 180 -40.18 -44.86 -4.30
CA LEU G 180 -39.75 -44.59 -2.93
C LEU G 180 -41.06 -44.54 -2.16
N PRO G 181 -41.17 -45.27 -1.04
CA PRO G 181 -42.36 -45.34 -0.20
C PRO G 181 -42.92 -44.03 0.38
N SER G 182 -44.24 -43.85 0.24
CA SER G 182 -44.92 -42.67 0.76
C SER G 182 -45.28 -42.98 2.22
N SER G 183 -45.46 -41.94 3.02
CA SER G 183 -45.81 -42.12 4.42
C SER G 183 -47.32 -42.31 4.54
N GLY G 184 -48.03 -42.00 3.45
CA GLY G 184 -49.47 -42.12 3.42
C GLY G 184 -50.05 -41.25 2.31
N PRO G 185 -51.18 -40.56 2.57
CA PRO G 185 -51.84 -39.68 1.60
C PRO G 185 -50.99 -38.47 1.21
N HIS G 186 -50.08 -38.08 2.12
CA HIS G 186 -49.21 -36.94 1.92
C HIS G 186 -49.96 -35.60 1.88
N THR G 187 -49.95 -34.87 0.76
CA THR G 187 -50.66 -33.58 0.71
C THR G 187 -51.62 -33.41 -0.48
N ASN G 188 -52.14 -34.53 -1.00
CA ASN G 188 -53.06 -34.49 -2.13
C ASN G 188 -54.20 -35.50 -1.96
N GLY G 189 -55.40 -35.08 -2.36
CA GLY G 189 -56.56 -35.94 -2.25
C GLY G 189 -57.28 -35.84 -0.91
N TYR G 190 -57.02 -34.79 -0.15
CA TYR G 190 -57.67 -34.64 1.15
C TYR G 190 -59.05 -34.01 1.09
N SER G 191 -59.56 -33.78 -0.11
CA SER G 191 -60.89 -33.23 -0.27
C SER G 191 -61.85 -34.41 -0.28
N LEU G 192 -61.29 -35.60 -0.51
CA LEU G 192 -62.04 -36.85 -0.54
C LEU G 192 -61.87 -37.56 0.81
N ILE G 193 -60.72 -37.34 1.45
CA ILE G 193 -60.46 -37.94 2.74
C ILE G 193 -61.31 -37.25 3.81
N ARG G 194 -61.49 -35.93 3.65
CA ARG G 194 -62.29 -35.15 4.58
C ARG G 194 -63.76 -35.52 4.43
N LYS G 195 -64.16 -35.75 3.19
CA LYS G 195 -65.53 -36.13 2.86
C LYS G 195 -65.79 -37.55 3.40
N VAL G 196 -64.91 -38.48 3.03
CA VAL G 196 -65.03 -39.87 3.46
C VAL G 196 -65.01 -40.12 4.98
N VAL G 197 -63.92 -39.74 5.65
CA VAL G 197 -63.85 -39.96 7.10
C VAL G 197 -64.82 -39.14 7.93
N ALA G 198 -65.65 -38.34 7.27
CA ALA G 198 -66.62 -37.54 7.99
C ALA G 198 -67.46 -38.46 8.90
N GLY G 199 -67.61 -38.05 10.15
CA GLY G 199 -68.38 -38.85 11.10
C GLY G 199 -67.54 -39.78 11.94
N GLN G 200 -66.41 -40.22 11.39
CA GLN G 200 -65.51 -41.14 12.10
C GLN G 200 -64.83 -40.45 13.27
N ASP G 201 -64.52 -41.23 14.29
CA ASP G 201 -63.83 -40.69 15.46
C ASP G 201 -62.33 -40.83 15.21
N LEU G 202 -61.81 -39.90 14.40
CA LEU G 202 -60.40 -39.89 14.03
C LEU G 202 -59.46 -40.18 15.21
N SER G 203 -59.86 -39.78 16.41
CA SER G 203 -59.03 -40.00 17.60
C SER G 203 -59.00 -41.47 18.06
N ALA G 204 -60.03 -42.23 17.68
CA ALA G 204 -60.13 -43.62 18.07
C ALA G 204 -59.25 -44.54 17.25
N PRO G 205 -58.59 -45.50 17.92
CA PRO G 205 -57.69 -46.49 17.31
C PRO G 205 -58.40 -47.42 16.34
N VAL G 206 -57.80 -47.58 15.16
CA VAL G 206 -58.34 -48.46 14.12
C VAL G 206 -57.40 -49.67 14.05
N PRO G 207 -57.81 -50.79 14.68
CA PRO G 207 -57.04 -52.04 14.73
C PRO G 207 -56.16 -52.37 13.52
N GLU G 208 -56.75 -52.44 12.33
CA GLU G 208 -55.99 -52.76 11.13
C GLU G 208 -54.90 -51.75 10.79
N LEU G 209 -55.17 -50.47 11.05
CA LEU G 209 -54.17 -49.45 10.78
C LEU G 209 -53.11 -49.53 11.88
N GLY G 210 -53.53 -49.99 13.05
CA GLY G 210 -52.60 -50.12 14.16
C GLY G 210 -52.41 -48.80 14.89
N GLU G 211 -53.24 -47.82 14.54
CA GLU G 211 -53.16 -46.51 15.16
C GLU G 211 -54.46 -45.76 14.92
N SER G 212 -54.62 -44.60 15.56
CA SER G 212 -55.83 -43.81 15.39
C SER G 212 -55.89 -43.37 13.94
N LEU G 213 -57.05 -42.86 13.54
CA LEU G 213 -57.29 -42.41 12.18
C LEU G 213 -56.56 -41.08 11.90
N LYS G 214 -56.38 -40.28 12.94
CA LYS G 214 -55.71 -38.98 12.80
C LYS G 214 -54.21 -39.14 12.63
N GLU G 215 -53.67 -40.23 13.14
CA GLU G 215 -52.24 -40.47 13.05
C GLU G 215 -51.83 -40.90 11.65
N ALA G 216 -52.63 -41.76 11.03
CA ALA G 216 -52.37 -42.26 9.69
C ALA G 216 -52.56 -41.19 8.62
N LEU G 217 -53.62 -40.40 8.76
CA LEU G 217 -53.93 -39.34 7.79
C LEU G 217 -53.07 -38.09 7.91
N LEU G 218 -52.79 -37.66 9.14
CA LEU G 218 -52.00 -36.46 9.34
C LEU G 218 -50.49 -36.71 9.39
N ARG G 219 -50.07 -37.94 9.08
CA ARG G 219 -48.65 -38.25 9.04
C ARG G 219 -48.08 -37.39 7.90
N PRO G 220 -47.02 -36.61 8.20
CA PRO G 220 -46.37 -35.71 7.23
C PRO G 220 -45.86 -36.28 5.90
N HIS G 221 -46.09 -35.50 4.85
CA HIS G 221 -45.65 -35.83 3.50
C HIS G 221 -44.17 -36.21 3.60
N ARG G 222 -43.81 -37.41 3.16
CA ARG G 222 -42.43 -37.88 3.24
C ARG G 222 -41.52 -37.23 2.20
N ALA G 223 -40.34 -36.79 2.64
CA ALA G 223 -39.36 -36.18 1.74
C ALA G 223 -38.30 -37.20 1.36
N TYR G 224 -37.69 -37.03 0.19
CA TYR G 224 -36.68 -37.97 -0.29
C TYR G 224 -35.29 -37.38 -0.58
N LEU G 225 -34.94 -36.27 0.05
CA LEU G 225 -33.63 -35.68 -0.19
C LEU G 225 -32.54 -36.64 0.33
N LYS G 226 -32.85 -37.37 1.41
CA LYS G 226 -31.93 -38.33 2.00
C LYS G 226 -31.53 -39.39 0.96
N GLU G 227 -32.53 -39.98 0.34
CA GLU G 227 -32.33 -41.01 -0.68
C GLU G 227 -31.59 -40.45 -1.90
N PHE G 228 -32.00 -39.26 -2.36
CA PHE G 228 -31.37 -38.66 -3.53
C PHE G 228 -29.89 -38.37 -3.31
N ARG G 229 -29.53 -37.99 -2.08
CA ARG G 229 -28.14 -37.69 -1.78
C ARG G 229 -27.30 -38.97 -1.82
N LEU G 230 -27.86 -40.08 -1.36
CA LEU G 230 -27.16 -41.35 -1.36
C LEU G 230 -27.03 -41.89 -2.77
N LEU G 231 -27.93 -41.44 -3.65
CA LEU G 231 -27.91 -41.86 -5.05
C LEU G 231 -26.92 -40.97 -5.82
N TRP G 232 -26.98 -39.67 -5.58
CA TRP G 232 -26.07 -38.75 -6.23
C TRP G 232 -24.65 -39.12 -5.84
N GLU G 233 -24.44 -39.28 -4.54
CA GLU G 233 -23.14 -39.63 -3.96
C GLU G 233 -22.57 -40.95 -4.45
N ALA G 234 -23.39 -41.99 -4.46
CA ALA G 234 -22.96 -43.29 -4.92
C ALA G 234 -22.73 -43.17 -6.42
N GLY G 235 -23.28 -42.10 -7.01
CA GLY G 235 -23.14 -41.83 -8.42
C GLY G 235 -23.91 -42.69 -9.40
N VAL G 236 -25.09 -43.17 -9.02
CA VAL G 236 -25.89 -44.02 -9.92
C VAL G 236 -26.58 -43.23 -11.04
N GLU G 237 -26.74 -43.86 -12.20
CA GLU G 237 -27.39 -43.20 -13.32
C GLU G 237 -28.90 -43.11 -13.14
N LEU G 238 -29.38 -41.89 -12.98
CA LEU G 238 -30.80 -41.63 -12.82
C LEU G 238 -31.19 -40.88 -14.09
N HIS G 239 -32.26 -41.31 -14.75
CA HIS G 239 -32.71 -40.65 -15.97
C HIS G 239 -33.75 -39.57 -15.69
N ALA G 240 -34.82 -39.93 -15.00
CA ALA G 240 -35.86 -38.99 -14.68
C ALA G 240 -36.52 -39.36 -13.37
N ALA G 241 -37.39 -38.48 -12.88
CA ALA G 241 -38.11 -38.70 -11.63
C ALA G 241 -39.46 -38.00 -11.68
N ALA G 242 -40.47 -38.60 -11.05
CA ALA G 242 -41.80 -38.02 -11.00
C ALA G 242 -42.31 -38.05 -9.56
N HIS G 243 -42.65 -36.88 -9.04
CA HIS G 243 -43.16 -36.75 -7.68
C HIS G 243 -44.67 -37.01 -7.78
N ILE G 244 -45.13 -38.09 -7.16
CA ILE G 244 -46.54 -38.49 -7.22
C ILE G 244 -47.43 -37.64 -6.33
N THR G 245 -47.86 -36.50 -6.86
CA THR G 245 -48.70 -35.58 -6.11
C THR G 245 -50.17 -35.62 -6.54
N GLY G 246 -50.76 -34.45 -6.75
CA GLY G 246 -52.14 -34.38 -7.17
C GLY G 246 -52.31 -35.02 -8.54
N GLY G 247 -53.21 -35.99 -8.63
CA GLY G 247 -53.43 -36.68 -9.88
C GLY G 247 -52.93 -38.11 -9.81
N GLY G 248 -52.27 -38.44 -8.70
CA GLY G 248 -51.76 -39.79 -8.52
C GLY G 248 -50.79 -40.22 -9.59
N LEU G 249 -50.44 -41.50 -9.57
CA LEU G 249 -49.50 -42.07 -10.55
C LEU G 249 -49.88 -41.73 -11.99
N PRO G 250 -51.15 -41.93 -12.38
CA PRO G 250 -51.61 -41.65 -13.74
C PRO G 250 -51.21 -40.28 -14.30
N GLU G 251 -51.47 -39.23 -13.54
CA GLU G 251 -51.17 -37.87 -13.97
C GLU G 251 -49.70 -37.49 -13.98
N ASN G 252 -49.01 -37.77 -12.88
CA ASN G 252 -47.60 -37.42 -12.70
C ASN G 252 -46.50 -38.24 -13.40
N LEU G 253 -46.53 -39.56 -13.30
CA LEU G 253 -45.49 -40.38 -13.93
C LEU G 253 -45.28 -40.13 -15.44
N PRO G 254 -46.37 -39.99 -16.23
CA PRO G 254 -46.23 -39.75 -17.67
C PRO G 254 -45.50 -38.45 -18.04
N ARG G 255 -45.21 -37.61 -17.05
CA ARG G 255 -44.52 -36.34 -17.28
C ARG G 255 -43.01 -36.53 -17.31
N ALA G 256 -42.54 -37.60 -16.66
CA ALA G 256 -41.11 -37.91 -16.60
C ALA G 256 -40.71 -38.74 -17.82
N LEU G 257 -41.66 -38.96 -18.72
CA LEU G 257 -41.42 -39.78 -19.91
C LEU G 257 -41.43 -38.99 -21.22
N PRO G 258 -40.53 -39.34 -22.16
CA PRO G 258 -40.42 -38.70 -23.46
C PRO G 258 -41.53 -39.18 -24.39
N PRO G 259 -41.92 -38.35 -25.37
CA PRO G 259 -42.99 -38.71 -26.31
C PRO G 259 -42.92 -40.15 -26.76
N GLY G 260 -44.10 -40.76 -26.94
CA GLY G 260 -44.15 -42.14 -27.39
C GLY G 260 -43.92 -43.22 -26.35
N LEU G 261 -43.29 -42.86 -25.23
CA LEU G 261 -43.02 -43.83 -24.17
C LEU G 261 -44.06 -43.79 -23.06
N GLY G 262 -44.36 -44.99 -22.53
CA GLY G 262 -45.32 -45.13 -21.46
C GLY G 262 -44.71 -45.98 -20.37
N ALA G 263 -45.48 -46.23 -19.33
CA ALA G 263 -44.97 -47.03 -18.21
C ALA G 263 -45.83 -48.23 -17.90
N GLU G 264 -45.17 -49.34 -17.57
CA GLU G 264 -45.88 -50.56 -17.22
C GLU G 264 -45.56 -50.87 -15.77
N VAL G 265 -46.51 -50.60 -14.88
CA VAL G 265 -46.35 -50.83 -13.44
C VAL G 265 -47.01 -52.13 -12.97
N ARG G 266 -46.24 -52.95 -12.23
CA ARG G 266 -46.73 -54.22 -11.73
C ARG G 266 -47.54 -54.07 -10.44
N ARG G 267 -48.70 -54.69 -10.40
CA ARG G 267 -49.59 -54.63 -9.24
C ARG G 267 -48.96 -55.38 -8.08
N GLY G 268 -48.98 -54.77 -6.89
CA GLY G 268 -48.44 -55.39 -5.70
C GLY G 268 -46.93 -55.40 -5.52
N SER G 269 -46.19 -54.69 -6.37
CA SER G 269 -44.73 -54.66 -6.27
C SER G 269 -44.16 -53.73 -5.19
N TRP G 270 -45.04 -52.98 -4.51
CA TRP G 270 -44.63 -52.05 -3.45
C TRP G 270 -45.63 -52.07 -2.28
N PRO G 271 -45.20 -51.61 -1.08
CA PRO G 271 -46.08 -51.58 0.09
C PRO G 271 -47.10 -50.44 0.07
N ILE G 272 -48.37 -50.78 0.25
CA ILE G 272 -49.43 -49.78 0.27
C ILE G 272 -49.87 -49.44 1.70
N PRO G 273 -49.58 -48.20 2.16
CA PRO G 273 -50.00 -47.86 3.52
C PRO G 273 -51.46 -48.32 3.69
N PRO G 274 -51.72 -49.15 4.72
CA PRO G 274 -53.07 -49.67 5.00
C PRO G 274 -54.18 -48.62 5.06
N VAL G 275 -53.79 -47.36 5.15
CA VAL G 275 -54.76 -46.27 5.21
C VAL G 275 -55.61 -46.20 3.96
N PHE G 276 -55.00 -46.54 2.82
CA PHE G 276 -55.71 -46.49 1.54
C PHE G 276 -56.78 -47.56 1.39
N PRO G 277 -56.42 -48.85 1.52
CA PRO G 277 -57.50 -49.83 1.38
C PRO G 277 -58.64 -49.53 2.35
N TYR G 278 -58.30 -49.09 3.54
CA TYR G 278 -59.31 -48.76 4.54
C TYR G 278 -60.18 -47.66 3.93
N LEU G 279 -59.62 -46.48 3.77
CA LEU G 279 -60.35 -45.33 3.21
C LEU G 279 -61.21 -45.68 2.00
N GLN G 280 -60.72 -46.63 1.20
CA GLN G 280 -61.46 -47.04 0.00
C GLN G 280 -62.72 -47.79 0.40
N ARG G 281 -62.52 -48.85 1.18
CA ARG G 281 -63.60 -49.70 1.65
C ARG G 281 -64.62 -48.87 2.42
N LEU G 282 -64.14 -48.06 3.34
CA LEU G 282 -64.97 -47.19 4.17
C LEU G 282 -65.71 -46.15 3.35
N GLY G 283 -65.24 -45.88 2.14
CA GLY G 283 -65.89 -44.89 1.30
C GLY G 283 -66.45 -45.45 0.02
N GLY G 284 -66.33 -46.76 -0.17
CA GLY G 284 -66.83 -47.38 -1.38
C GLY G 284 -66.28 -46.66 -2.60
N ILE G 285 -65.00 -46.33 -2.53
CA ILE G 285 -64.34 -45.62 -3.62
C ILE G 285 -63.78 -46.63 -4.62
N PRO G 286 -64.19 -46.51 -5.90
CA PRO G 286 -63.66 -47.44 -6.89
C PRO G 286 -62.15 -47.32 -6.89
N GLU G 287 -61.45 -48.45 -6.97
CA GLU G 287 -59.99 -48.41 -6.96
C GLU G 287 -59.41 -47.60 -8.12
N GLU G 288 -60.24 -47.28 -9.10
CA GLU G 288 -59.78 -46.51 -10.26
C GLU G 288 -59.72 -45.02 -9.94
N GLU G 289 -60.48 -44.61 -8.94
CA GLU G 289 -60.52 -43.22 -8.50
C GLU G 289 -59.38 -43.09 -7.49
N MET G 290 -59.10 -44.18 -6.80
CA MET G 290 -58.05 -44.23 -5.78
C MET G 290 -56.70 -43.87 -6.37
N TYR G 291 -56.44 -44.36 -7.59
CA TYR G 291 -55.17 -44.09 -8.25
C TYR G 291 -55.08 -42.74 -8.92
N ARG G 292 -56.24 -42.17 -9.25
CA ARG G 292 -56.29 -40.87 -9.90
C ARG G 292 -56.40 -39.80 -8.82
N VAL G 293 -56.34 -40.24 -7.56
CA VAL G 293 -56.45 -39.33 -6.43
C VAL G 293 -55.29 -39.40 -5.45
N PHE G 294 -55.01 -40.61 -4.95
CA PHE G 294 -53.95 -40.84 -3.97
C PHE G 294 -52.68 -41.43 -4.59
N ASN G 295 -51.54 -41.26 -3.90
CA ASN G 295 -50.28 -41.78 -4.41
C ASN G 295 -50.18 -43.30 -4.22
N MET G 296 -51.17 -43.85 -3.53
CA MET G 296 -51.25 -45.30 -3.30
C MET G 296 -49.96 -45.97 -2.83
N GLY G 297 -49.11 -45.22 -2.13
CA GLY G 297 -47.87 -45.78 -1.62
C GLY G 297 -46.65 -45.46 -2.46
N LEU G 298 -46.87 -44.77 -3.58
CA LEU G 298 -45.80 -44.39 -4.50
C LEU G 298 -45.45 -42.92 -4.29
N GLY G 299 -44.64 -42.63 -3.27
CA GLY G 299 -44.27 -41.25 -2.99
C GLY G 299 -43.52 -40.54 -4.10
N MET G 300 -42.61 -41.26 -4.75
CA MET G 300 -41.79 -40.76 -5.83
C MET G 300 -41.32 -41.95 -6.67
N VAL G 301 -41.49 -41.85 -8.00
CA VAL G 301 -41.07 -42.92 -8.89
C VAL G 301 -39.86 -42.50 -9.73
N LEU G 302 -38.74 -43.20 -9.55
CA LEU G 302 -37.53 -42.91 -10.32
C LEU G 302 -37.43 -43.75 -11.59
N VAL G 303 -37.02 -43.13 -12.69
CA VAL G 303 -36.86 -43.80 -13.98
C VAL G 303 -35.36 -43.91 -14.29
N LEU G 304 -34.85 -45.14 -14.30
CA LEU G 304 -33.42 -45.39 -14.57
C LEU G 304 -33.15 -46.76 -15.17
N PRO G 305 -31.91 -47.01 -15.63
CA PRO G 305 -31.56 -48.31 -16.22
C PRO G 305 -31.69 -49.45 -15.18
N GLN G 306 -31.81 -50.68 -15.65
CA GLN G 306 -31.95 -51.83 -14.76
C GLN G 306 -30.80 -52.00 -13.76
N GLU G 307 -29.56 -51.88 -14.26
CA GLU G 307 -28.36 -52.01 -13.44
C GLU G 307 -28.36 -50.92 -12.36
N ALA G 308 -28.63 -49.69 -12.78
CA ALA G 308 -28.67 -48.54 -11.87
C ALA G 308 -29.76 -48.75 -10.85
N ALA G 309 -30.88 -49.34 -11.29
CA ALA G 309 -32.02 -49.62 -10.43
C ALA G 309 -31.70 -50.69 -9.39
N GLU G 310 -30.78 -51.58 -9.74
CA GLU G 310 -30.36 -52.64 -8.84
C GLU G 310 -29.38 -52.10 -7.80
N GLU G 311 -28.42 -51.28 -8.24
CA GLU G 311 -27.45 -50.71 -7.30
C GLU G 311 -28.22 -49.87 -6.29
N ALA G 312 -29.19 -49.11 -6.80
CA ALA G 312 -30.02 -48.21 -5.98
C ALA G 312 -30.76 -48.90 -4.84
N LEU G 313 -31.32 -50.08 -5.12
CA LEU G 313 -32.06 -50.82 -4.11
C LEU G 313 -31.18 -51.23 -2.93
N LYS G 314 -29.87 -51.13 -3.11
CA LYS G 314 -28.92 -51.48 -2.06
C LYS G 314 -28.53 -50.24 -1.28
N LEU G 315 -28.88 -49.08 -1.83
CA LEU G 315 -28.57 -47.81 -1.20
C LEU G 315 -29.71 -47.21 -0.40
N VAL G 316 -30.92 -47.24 -0.94
CA VAL G 316 -32.09 -46.67 -0.27
C VAL G 316 -33.30 -47.60 -0.26
N GLU G 317 -34.35 -47.19 0.46
CA GLU G 317 -35.58 -47.98 0.52
C GLU G 317 -36.43 -47.63 -0.69
N GLY G 318 -36.69 -48.64 -1.51
CA GLY G 318 -37.48 -48.43 -2.72
C GLY G 318 -37.87 -49.76 -3.35
N PHE G 319 -38.66 -49.71 -4.41
CA PHE G 319 -39.12 -50.93 -5.05
C PHE G 319 -39.21 -50.87 -6.58
N LEU G 320 -38.72 -51.91 -7.26
CA LEU G 320 -38.83 -51.96 -8.70
C LEU G 320 -40.31 -52.26 -8.90
N VAL G 321 -41.01 -51.37 -9.60
CA VAL G 321 -42.43 -51.57 -9.78
C VAL G 321 -42.91 -51.45 -11.21
N GLY G 322 -42.00 -51.48 -12.17
CA GLY G 322 -42.43 -51.38 -13.56
C GLY G 322 -41.34 -51.18 -14.58
N ARG G 323 -41.75 -50.84 -15.81
CA ARG G 323 -40.80 -50.63 -16.88
C ARG G 323 -41.29 -49.62 -17.89
N VAL G 324 -40.34 -48.94 -18.54
CA VAL G 324 -40.69 -47.97 -19.56
C VAL G 324 -40.82 -48.77 -20.86
N VAL G 325 -42.03 -48.74 -21.40
CA VAL G 325 -42.35 -49.47 -22.61
C VAL G 325 -42.99 -48.50 -23.59
N PRO G 326 -43.07 -48.88 -24.87
CA PRO G 326 -43.68 -47.99 -25.86
C PRO G 326 -45.10 -47.59 -25.45
N GLY G 327 -45.66 -46.62 -26.16
CA GLY G 327 -47.02 -46.18 -25.86
C GLY G 327 -47.17 -44.81 -25.22
N GLU G 328 -47.82 -44.80 -24.05
CA GLU G 328 -48.05 -43.56 -23.32
C GLU G 328 -48.92 -43.94 -22.13
N GLY G 329 -48.93 -43.08 -21.11
CA GLY G 329 -49.73 -43.35 -19.94
C GLY G 329 -49.15 -44.44 -19.07
N VAL G 330 -49.83 -44.74 -17.97
CA VAL G 330 -49.38 -45.77 -17.04
C VAL G 330 -50.35 -46.93 -17.05
N ARG G 331 -49.84 -48.14 -16.88
CA ARG G 331 -50.69 -49.33 -16.84
C ARG G 331 -50.28 -50.28 -15.74
N LEU G 332 -51.22 -50.61 -14.85
CA LEU G 332 -50.98 -51.57 -13.77
C LEU G 332 -51.05 -52.96 -14.40
N VAL G 333 -50.04 -53.78 -14.13
CA VAL G 333 -50.02 -55.12 -14.70
C VAL G 333 -49.91 -56.14 -13.57
N LEU H 51 -17.13 -5.76 -3.19
CA LEU H 51 -17.25 -6.66 -4.39
C LEU H 51 -17.02 -8.16 -4.11
N GLU H 52 -17.66 -8.99 -4.93
CA GLU H 52 -17.56 -10.45 -4.87
C GLU H 52 -18.05 -11.13 -3.60
N GLU H 53 -19.13 -10.64 -3.05
CA GLU H 53 -19.72 -11.23 -1.85
C GLU H 53 -21.23 -11.18 -2.02
N PRO H 54 -21.74 -11.80 -3.10
CA PRO H 54 -23.17 -11.84 -3.39
C PRO H 54 -23.95 -12.66 -2.37
N VAL H 55 -25.08 -12.10 -1.94
CA VAL H 55 -25.95 -12.75 -0.96
C VAL H 55 -27.37 -12.83 -1.52
N LEU H 56 -27.98 -14.01 -1.40
CA LEU H 56 -29.33 -14.21 -1.88
C LEU H 56 -30.33 -13.82 -0.80
N VAL H 57 -31.23 -12.91 -1.16
CA VAL H 57 -32.29 -12.45 -0.25
C VAL H 57 -33.61 -12.90 -0.87
N ALA H 58 -34.68 -12.86 -0.09
CA ALA H 58 -35.97 -13.28 -0.62
C ALA H 58 -37.08 -12.76 0.26
N THR H 59 -38.22 -12.48 -0.36
CA THR H 59 -39.38 -11.97 0.35
C THR H 59 -40.64 -12.64 -0.19
N THR H 60 -41.64 -12.79 0.67
CA THR H 60 -42.93 -13.38 0.30
C THR H 60 -43.97 -12.31 0.60
N ASP H 61 -45.00 -12.21 -0.24
CA ASP H 61 -46.02 -11.21 -0.01
C ASP H 61 -47.35 -11.58 -0.63
N GLY H 62 -48.39 -10.85 -0.20
CA GLY H 62 -49.74 -11.05 -0.69
C GLY H 62 -50.33 -9.70 -1.02
N VAL H 63 -51.37 -9.67 -1.84
CA VAL H 63 -51.99 -8.41 -2.21
C VAL H 63 -52.84 -7.89 -1.07
N GLY H 64 -53.50 -8.80 -0.36
CA GLY H 64 -54.36 -8.39 0.74
C GLY H 64 -55.81 -8.35 0.27
N THR H 65 -56.72 -7.89 1.13
CA THR H 65 -58.12 -7.83 0.76
C THR H 65 -58.40 -6.84 -0.37
N LYS H 66 -57.35 -6.18 -0.87
CA LYS H 66 -57.49 -5.24 -1.97
C LYS H 66 -58.04 -6.01 -3.15
N THR H 67 -57.69 -7.30 -3.19
CA THR H 67 -58.15 -8.18 -4.26
C THR H 67 -59.66 -8.10 -4.35
N LEU H 68 -60.33 -8.36 -3.24
CA LEU H 68 -61.78 -8.33 -3.17
C LEU H 68 -62.36 -7.06 -3.79
N LEU H 69 -61.95 -5.91 -3.27
CA LEU H 69 -62.43 -4.61 -3.78
C LEU H 69 -62.25 -4.56 -5.29
N ALA H 70 -61.10 -5.06 -5.76
CA ALA H 70 -60.79 -5.09 -7.20
C ALA H 70 -61.78 -6.04 -7.90
N LEU H 71 -62.22 -7.06 -7.17
CA LEU H 71 -63.17 -8.01 -7.71
C LEU H 71 -64.56 -7.36 -7.68
N GLU H 72 -64.97 -6.86 -6.52
CA GLU H 72 -66.26 -6.19 -6.41
C GLU H 72 -66.35 -5.10 -7.46
N ALA H 73 -65.20 -4.53 -7.83
CA ALA H 73 -65.14 -3.46 -8.81
C ALA H 73 -64.92 -3.95 -10.24
N GLY H 74 -64.73 -5.24 -10.41
CA GLY H 74 -64.51 -5.80 -11.75
C GLY H 74 -63.34 -5.27 -12.56
N ASP H 75 -62.25 -4.91 -11.91
CA ASP H 75 -61.06 -4.39 -12.60
C ASP H 75 -59.80 -4.83 -11.87
N VAL H 76 -59.28 -6.00 -12.25
CA VAL H 76 -58.08 -6.57 -11.64
C VAL H 76 -56.80 -6.36 -12.45
N SER H 77 -56.81 -5.35 -13.32
CA SER H 77 -55.67 -5.06 -14.18
C SER H 77 -54.44 -4.52 -13.44
N GLY H 78 -54.57 -4.36 -12.13
CA GLY H 78 -53.44 -3.84 -11.36
C GLY H 78 -52.95 -4.71 -10.21
N LEU H 79 -53.67 -5.79 -9.92
CA LEU H 79 -53.30 -6.67 -8.80
C LEU H 79 -51.92 -7.34 -8.97
N GLY H 80 -51.50 -7.53 -10.21
CA GLY H 80 -50.19 -8.14 -10.49
C GLY H 80 -49.10 -7.12 -10.21
N PHE H 81 -49.43 -5.85 -10.40
CA PHE H 81 -48.49 -4.78 -10.13
C PHE H 81 -48.45 -4.58 -8.61
N ASP H 82 -49.64 -4.56 -8.00
CA ASP H 82 -49.74 -4.39 -6.56
C ASP H 82 -48.84 -5.41 -5.84
N LEU H 83 -48.85 -6.64 -6.34
CA LEU H 83 -48.04 -7.72 -5.76
C LEU H 83 -46.55 -7.61 -6.08
N VAL H 84 -46.23 -7.59 -7.37
CA VAL H 84 -44.85 -7.49 -7.79
C VAL H 84 -44.16 -6.28 -7.19
N ASN H 85 -44.86 -5.15 -7.18
CA ASN H 85 -44.31 -3.90 -6.65
C ASN H 85 -44.10 -3.96 -5.16
N HIS H 86 -45.08 -4.49 -4.43
CA HIS H 86 -44.96 -4.60 -2.98
C HIS H 86 -43.72 -5.42 -2.66
N SER H 87 -43.57 -6.55 -3.35
CA SER H 87 -42.41 -7.42 -3.12
C SER H 87 -41.10 -6.72 -3.44
N VAL H 88 -41.04 -6.00 -4.56
CA VAL H 88 -39.84 -5.30 -4.95
C VAL H 88 -39.41 -4.32 -3.86
N ASN H 89 -40.37 -3.62 -3.27
CA ASN H 89 -40.06 -2.66 -2.22
C ASN H 89 -39.55 -3.31 -0.93
N ASP H 90 -39.87 -4.58 -0.72
CA ASP H 90 -39.40 -5.28 0.48
C ASP H 90 -37.93 -5.66 0.33
N LEU H 91 -37.54 -6.05 -0.88
CA LEU H 91 -36.16 -6.40 -1.15
C LEU H 91 -35.35 -5.11 -1.22
N LEU H 92 -35.95 -4.09 -1.83
CA LEU H 92 -35.31 -2.79 -1.93
C LEU H 92 -34.96 -2.37 -0.52
N ALA H 93 -35.84 -2.69 0.42
CA ALA H 93 -35.65 -2.36 1.83
C ALA H 93 -34.39 -3.00 2.40
N GLN H 94 -33.90 -4.04 1.74
CA GLN H 94 -32.69 -4.76 2.17
C GLN H 94 -31.49 -4.40 1.29
N GLY H 95 -31.72 -3.49 0.34
CA GLY H 95 -30.68 -3.05 -0.57
C GLY H 95 -30.43 -4.01 -1.73
N ALA H 96 -31.43 -4.83 -2.05
CA ALA H 96 -31.30 -5.83 -3.10
C ALA H 96 -32.07 -5.58 -4.40
N GLU H 97 -31.41 -5.88 -5.52
CA GLU H 97 -32.02 -5.75 -6.84
C GLU H 97 -32.74 -7.09 -7.06
N PRO H 98 -33.86 -7.09 -7.79
CA PRO H 98 -34.62 -8.32 -8.07
C PRO H 98 -33.96 -9.35 -9.00
N LEU H 99 -34.19 -10.63 -8.71
CA LEU H 99 -33.61 -11.72 -9.50
C LEU H 99 -34.69 -12.49 -10.29
N PHE H 100 -35.77 -12.88 -9.61
CA PHE H 100 -36.87 -13.59 -10.27
C PHE H 100 -38.11 -13.66 -9.38
N PHE H 101 -39.27 -13.81 -10.01
CA PHE H 101 -40.55 -13.85 -9.30
C PHE H 101 -41.35 -15.11 -9.65
N LEU H 102 -42.27 -15.50 -8.79
CA LEU H 102 -43.15 -16.65 -9.01
C LEU H 102 -44.28 -16.53 -8.01
N ASP H 103 -45.49 -16.86 -8.45
CA ASP H 103 -46.66 -16.72 -7.61
C ASP H 103 -47.46 -17.96 -7.21
N TYR H 104 -48.45 -17.70 -6.37
CA TYR H 104 -49.36 -18.70 -5.83
C TYR H 104 -50.75 -18.04 -5.75
N LEU H 105 -51.61 -18.33 -6.73
CA LEU H 105 -52.95 -17.77 -6.76
C LEU H 105 -54.00 -18.79 -6.29
N ALA H 106 -54.64 -18.53 -5.15
CA ALA H 106 -55.65 -19.46 -4.62
C ALA H 106 -57.06 -18.85 -4.61
N ALA H 107 -58.07 -19.71 -4.71
CA ALA H 107 -59.47 -19.26 -4.72
C ALA H 107 -60.46 -20.35 -4.27
N SER H 108 -61.75 -19.99 -4.25
CA SER H 108 -62.81 -20.93 -3.89
C SER H 108 -63.05 -21.68 -5.19
N HIS H 109 -62.96 -20.92 -6.28
CA HIS H 109 -63.12 -21.42 -7.62
C HIS H 109 -62.29 -20.53 -8.54
N LEU H 110 -61.40 -21.16 -9.31
CA LEU H 110 -60.52 -20.45 -10.21
C LEU H 110 -61.23 -20.00 -11.47
N ASP H 111 -62.14 -19.05 -11.31
CA ASP H 111 -62.88 -18.52 -12.44
C ASP H 111 -61.86 -18.29 -13.54
N GLU H 112 -62.00 -19.05 -14.61
CA GLU H 112 -61.08 -18.96 -15.74
C GLU H 112 -60.84 -17.53 -16.22
N GLY H 113 -61.88 -16.70 -16.18
CA GLY H 113 -61.77 -15.32 -16.62
C GLY H 113 -60.83 -14.46 -15.79
N VAL H 114 -61.02 -14.50 -14.47
CA VAL H 114 -60.17 -13.71 -13.57
C VAL H 114 -58.73 -14.22 -13.59
N LEU H 115 -58.59 -15.55 -13.64
CA LEU H 115 -57.27 -16.18 -13.67
C LEU H 115 -56.45 -15.62 -14.82
N ALA H 116 -56.99 -15.75 -16.03
CA ALA H 116 -56.29 -15.27 -17.21
C ALA H 116 -55.87 -13.81 -17.04
N ALA H 117 -56.78 -13.00 -16.51
CA ALA H 117 -56.54 -11.58 -16.31
C ALA H 117 -55.44 -11.32 -15.29
N LEU H 118 -55.45 -12.05 -14.19
CA LEU H 118 -54.44 -11.90 -13.14
C LEU H 118 -53.06 -12.28 -13.63
N LEU H 119 -52.98 -13.42 -14.32
CA LEU H 119 -51.72 -13.90 -14.87
C LEU H 119 -51.15 -12.81 -15.80
N ALA H 120 -52.01 -12.26 -16.64
CA ALA H 120 -51.61 -11.21 -17.58
C ALA H 120 -51.02 -10.01 -16.82
N SER H 121 -51.68 -9.61 -15.73
CA SER H 121 -51.22 -8.48 -14.93
C SER H 121 -49.86 -8.80 -14.26
N LEU H 122 -49.75 -9.98 -13.66
CA LEU H 122 -48.52 -10.39 -13.00
C LEU H 122 -47.42 -10.44 -14.04
N ALA H 123 -47.68 -11.15 -15.13
CA ALA H 123 -46.74 -11.27 -16.23
C ALA H 123 -46.26 -9.90 -16.71
N GLU H 124 -47.19 -9.00 -17.02
CA GLU H 124 -46.80 -7.66 -17.46
C GLU H 124 -46.12 -6.88 -16.34
N ALA H 125 -46.46 -7.20 -15.09
CA ALA H 125 -45.88 -6.54 -13.93
C ALA H 125 -44.37 -6.84 -13.79
N CYS H 126 -43.97 -8.06 -14.11
CA CYS H 126 -42.55 -8.43 -14.04
C CYS H 126 -41.83 -7.87 -15.25
N ARG H 127 -42.48 -7.98 -16.40
CA ARG H 127 -41.91 -7.48 -17.66
C ARG H 127 -41.55 -6.01 -17.49
N ALA H 128 -42.44 -5.26 -16.84
CA ALA H 128 -42.25 -3.83 -16.62
C ALA H 128 -41.02 -3.50 -15.79
N HIS H 129 -40.55 -4.45 -14.98
CA HIS H 129 -39.38 -4.25 -14.12
C HIS H 129 -38.16 -5.06 -14.56
N GLY H 130 -38.34 -5.87 -15.59
CA GLY H 130 -37.26 -6.71 -16.10
C GLY H 130 -37.01 -7.91 -15.21
N ILE H 131 -38.04 -8.30 -14.47
CA ILE H 131 -37.96 -9.42 -13.54
C ILE H 131 -38.47 -10.71 -14.16
N PRO H 132 -37.62 -11.75 -14.21
CA PRO H 132 -38.00 -13.05 -14.77
C PRO H 132 -39.15 -13.65 -13.98
N LEU H 133 -40.19 -14.11 -14.69
CA LEU H 133 -41.33 -14.72 -14.04
C LEU H 133 -41.28 -16.22 -14.29
N LEU H 134 -41.01 -16.98 -13.23
CA LEU H 134 -40.94 -18.43 -13.33
C LEU H 134 -42.34 -19.01 -13.11
N GLY H 135 -42.59 -20.18 -13.69
CA GLY H 135 -43.88 -20.82 -13.56
C GLY H 135 -44.46 -20.73 -12.15
N GLY H 136 -45.74 -20.39 -12.07
CA GLY H 136 -46.38 -20.25 -10.78
C GLY H 136 -47.21 -21.47 -10.40
N GLU H 137 -48.03 -21.29 -9.36
CA GLU H 137 -48.89 -22.35 -8.86
C GLU H 137 -50.26 -21.77 -8.57
N THR H 138 -51.29 -22.60 -8.72
CA THR H 138 -52.65 -22.14 -8.44
C THR H 138 -53.34 -23.13 -7.52
N ALA H 139 -54.49 -22.75 -7.01
CA ALA H 139 -55.23 -23.60 -6.10
C ALA H 139 -56.70 -23.23 -6.12
N GLU H 140 -57.56 -24.23 -5.95
CA GLU H 140 -59.01 -24.05 -5.93
C GLU H 140 -59.57 -24.87 -4.76
N MET H 141 -59.84 -24.22 -3.63
CA MET H 141 -60.37 -24.90 -2.45
C MET H 141 -61.59 -24.18 -1.87
N PRO H 142 -62.79 -24.53 -2.35
CA PRO H 142 -64.03 -23.91 -1.85
C PRO H 142 -64.24 -24.08 -0.35
N GLY H 143 -63.58 -25.09 0.23
CA GLY H 143 -63.73 -25.33 1.64
C GLY H 143 -62.92 -24.36 2.47
N VAL H 144 -61.91 -23.75 1.86
CA VAL H 144 -61.04 -22.79 2.56
C VAL H 144 -61.43 -21.34 2.28
N TYR H 145 -61.66 -21.02 1.00
CA TYR H 145 -62.01 -19.68 0.58
C TYR H 145 -63.51 -19.42 0.45
N ARG H 146 -63.91 -18.24 0.88
CA ARG H 146 -65.30 -17.84 0.80
C ARG H 146 -65.56 -17.72 -0.69
N GLU H 147 -66.82 -17.89 -1.07
CA GLU H 147 -67.22 -17.84 -2.46
C GLU H 147 -66.80 -16.56 -3.18
N GLY H 148 -66.19 -16.74 -4.35
CA GLY H 148 -65.74 -15.61 -5.14
C GLY H 148 -64.46 -14.94 -4.72
N ALA H 149 -63.86 -15.41 -3.62
CA ALA H 149 -62.62 -14.84 -3.08
C ALA H 149 -61.35 -15.46 -3.67
N TRP H 150 -60.24 -14.75 -3.53
CA TRP H 150 -58.92 -15.17 -4.01
C TRP H 150 -57.82 -14.67 -3.07
N ASP H 151 -56.73 -15.40 -2.99
CA ASP H 151 -55.58 -14.98 -2.20
C ASP H 151 -54.45 -14.99 -3.23
N ILE H 152 -54.00 -13.79 -3.60
CA ILE H 152 -52.95 -13.61 -4.59
C ILE H 152 -51.63 -13.36 -3.88
N ALA H 153 -50.70 -14.30 -3.99
CA ALA H 153 -49.43 -14.17 -3.31
C ALA H 153 -48.26 -14.54 -4.20
N GLY H 154 -47.06 -14.18 -3.77
CA GLY H 154 -45.88 -14.47 -4.55
C GLY H 154 -44.62 -14.25 -3.74
N THR H 155 -43.50 -14.67 -4.32
CA THR H 155 -42.20 -14.54 -3.69
C THR H 155 -41.22 -13.95 -4.69
N LEU H 156 -40.36 -13.05 -4.21
CA LEU H 156 -39.37 -12.43 -5.06
C LEU H 156 -38.02 -12.81 -4.47
N VAL H 157 -37.08 -13.19 -5.34
CA VAL H 157 -35.73 -13.53 -4.89
C VAL H 157 -34.82 -12.46 -5.50
N GLY H 158 -33.81 -12.05 -4.74
CA GLY H 158 -32.90 -11.03 -5.22
C GLY H 158 -31.49 -11.27 -4.74
N VAL H 159 -30.62 -10.29 -4.93
CA VAL H 159 -29.23 -10.42 -4.51
C VAL H 159 -28.68 -9.05 -4.12
N VAL H 160 -27.77 -9.05 -3.16
CA VAL H 160 -27.16 -7.82 -2.67
C VAL H 160 -25.72 -8.09 -2.22
N GLU H 161 -24.86 -7.09 -2.28
CA GLU H 161 -23.50 -7.28 -1.81
C GLU H 161 -23.69 -7.31 -0.31
N ARG H 162 -23.09 -8.29 0.36
CA ARG H 162 -23.27 -8.40 1.80
C ARG H 162 -23.04 -7.11 2.56
N SER H 163 -21.99 -6.37 2.21
CA SER H 163 -21.71 -5.12 2.92
C SER H 163 -22.51 -3.92 2.42
N ARG H 164 -23.39 -4.14 1.44
CA ARG H 164 -24.24 -3.08 0.90
C ARG H 164 -25.65 -3.32 1.39
N ILE H 165 -25.79 -4.28 2.30
CA ILE H 165 -27.09 -4.63 2.88
C ILE H 165 -27.57 -3.53 3.80
N LEU H 166 -28.83 -3.13 3.62
CA LEU H 166 -29.43 -2.09 4.44
C LEU H 166 -30.14 -2.68 5.65
N GLY H 167 -29.92 -2.07 6.81
CA GLY H 167 -30.54 -2.54 8.03
C GLY H 167 -30.25 -1.55 9.14
N PRO H 168 -30.87 -1.74 10.33
CA PRO H 168 -30.68 -0.87 11.49
C PRO H 168 -29.25 -0.67 12.00
N GLU H 169 -28.38 -1.64 11.72
CA GLU H 169 -26.99 -1.56 12.17
C GLU H 169 -26.22 -0.42 11.50
N ARG H 170 -26.58 -0.08 10.26
CA ARG H 170 -25.90 1.02 9.57
C ARG H 170 -26.49 2.36 10.03
N VAL H 171 -27.63 2.30 10.70
CA VAL H 171 -28.28 3.51 11.16
C VAL H 171 -27.39 4.27 12.13
N ARG H 172 -27.62 5.57 12.21
CA ARG H 172 -26.89 6.44 13.11
C ARG H 172 -27.84 7.52 13.63
N GLU H 173 -27.42 8.24 14.66
CA GLU H 173 -28.25 9.28 15.25
C GLU H 173 -28.07 10.57 14.45
N GLY H 174 -29.15 11.32 14.31
CA GLY H 174 -29.08 12.55 13.54
C GLY H 174 -29.24 12.22 12.08
N ASP H 175 -29.47 10.94 11.81
CA ASP H 175 -29.66 10.48 10.44
C ASP H 175 -30.97 11.09 9.95
N ALA H 176 -31.03 11.39 8.66
CA ALA H 176 -32.23 11.97 8.10
C ALA H 176 -33.23 10.90 7.66
N LEU H 177 -34.50 11.27 7.58
CA LEU H 177 -35.55 10.37 7.12
C LEU H 177 -36.10 10.96 5.84
N LEU H 178 -35.86 10.27 4.74
CA LEU H 178 -36.31 10.72 3.44
C LEU H 178 -37.41 9.78 2.97
N ALA H 179 -38.59 10.34 2.71
CA ALA H 179 -39.74 9.56 2.29
C ALA H 179 -40.02 9.66 0.79
N LEU H 180 -40.32 8.51 0.17
CA LEU H 180 -40.65 8.44 -1.25
C LEU H 180 -42.17 8.37 -1.27
N PRO H 181 -42.84 9.24 -2.07
CA PRO H 181 -44.31 9.27 -2.16
C PRO H 181 -45.02 7.99 -2.58
N SER H 182 -46.05 7.61 -1.84
CA SER H 182 -46.80 6.41 -2.16
C SER H 182 -47.77 6.70 -3.30
N SER H 183 -48.32 5.64 -3.87
CA SER H 183 -49.27 5.72 -4.98
C SER H 183 -50.64 5.98 -4.37
N GLY H 184 -50.76 5.67 -3.08
CA GLY H 184 -52.01 5.82 -2.36
C GLY H 184 -52.04 4.76 -1.27
N PRO H 185 -53.16 4.02 -1.11
CA PRO H 185 -53.33 2.97 -0.10
C PRO H 185 -52.38 1.77 -0.30
N HIS H 186 -51.92 1.61 -1.53
CA HIS H 186 -51.01 0.50 -1.86
C HIS H 186 -51.65 -0.86 -1.61
N THR H 187 -51.18 -1.61 -0.62
CA THR H 187 -51.75 -2.94 -0.37
C THR H 187 -52.01 -3.30 1.08
N ASN H 188 -52.31 -2.29 1.88
CA ASN H 188 -52.60 -2.49 3.30
C ASN H 188 -53.65 -1.48 3.74
N GLY H 189 -54.64 -1.98 4.47
CA GLY H 189 -55.70 -1.13 4.96
C GLY H 189 -56.98 -1.29 4.18
N TYR H 190 -57.08 -2.33 3.36
CA TYR H 190 -58.27 -2.52 2.58
C TYR H 190 -59.44 -3.15 3.33
N SER H 191 -59.16 -3.85 4.42
CA SER H 191 -60.24 -4.43 5.20
C SER H 191 -61.02 -3.24 5.76
N LEU H 192 -60.29 -2.17 6.04
CA LEU H 192 -60.86 -0.93 6.56
C LEU H 192 -61.48 -0.14 5.41
N ILE H 193 -60.80 -0.10 4.27
CA ILE H 193 -61.31 0.63 3.11
C ILE H 193 -62.62 0.05 2.59
N ARG H 194 -62.78 -1.26 2.64
CA ARG H 194 -63.99 -1.91 2.16
C ARG H 194 -65.23 -1.46 2.92
N LYS H 195 -65.14 -1.51 4.25
CA LYS H 195 -66.23 -1.14 5.14
C LYS H 195 -66.62 0.33 4.95
N VAL H 196 -65.62 1.16 4.71
CA VAL H 196 -65.82 2.58 4.52
C VAL H 196 -66.62 2.94 3.27
N VAL H 197 -66.09 2.60 2.09
CA VAL H 197 -66.77 2.89 0.83
C VAL H 197 -67.99 1.98 0.62
N ALA H 198 -68.39 1.28 1.68
CA ALA H 198 -69.55 0.41 1.63
C ALA H 198 -70.75 1.31 1.44
N GLY H 199 -71.60 0.97 0.47
CA GLY H 199 -72.76 1.80 0.20
C GLY H 199 -72.39 2.92 -0.73
N GLN H 200 -71.08 3.12 -0.91
CA GLN H 200 -70.58 4.17 -1.78
C GLN H 200 -70.54 3.71 -3.22
N ASP H 201 -70.54 4.67 -4.13
CA ASP H 201 -70.47 4.36 -5.56
C ASP H 201 -69.04 4.59 -5.99
N LEU H 202 -68.44 3.56 -6.58
CA LEU H 202 -67.05 3.63 -7.01
C LEU H 202 -66.82 4.40 -8.31
N SER H 203 -67.67 4.16 -9.30
CA SER H 203 -67.52 4.83 -10.58
C SER H 203 -67.64 6.34 -10.51
N ALA H 204 -68.44 6.82 -9.55
CA ALA H 204 -68.67 8.26 -9.36
C ALA H 204 -67.41 9.07 -9.12
N PRO H 205 -67.21 10.14 -9.92
CA PRO H 205 -66.05 11.04 -9.82
C PRO H 205 -66.09 11.93 -8.58
N VAL H 206 -65.15 11.73 -7.66
CA VAL H 206 -65.08 12.54 -6.45
C VAL H 206 -64.19 13.73 -6.74
N PRO H 207 -64.78 14.95 -6.73
CA PRO H 207 -64.09 16.22 -6.99
C PRO H 207 -62.72 16.40 -6.32
N GLU H 208 -62.66 16.13 -5.02
CA GLU H 208 -61.40 16.30 -4.31
C GLU H 208 -60.39 15.22 -4.66
N LEU H 209 -60.87 14.04 -5.07
CA LEU H 209 -59.97 12.96 -5.44
C LEU H 209 -59.54 13.11 -6.91
N GLY H 210 -60.15 14.08 -7.59
CA GLY H 210 -59.83 14.33 -8.99
C GLY H 210 -60.18 13.15 -9.87
N GLU H 211 -60.89 12.19 -9.29
CA GLU H 211 -61.28 10.99 -10.01
C GLU H 211 -62.24 10.20 -9.13
N SER H 212 -62.69 9.07 -9.65
CA SER H 212 -63.62 8.21 -8.91
C SER H 212 -62.89 7.42 -7.83
N LEU H 213 -63.65 6.81 -6.93
CA LEU H 213 -63.05 6.01 -5.86
C LEU H 213 -62.38 4.77 -6.48
N LYS H 214 -62.96 4.28 -7.58
CA LYS H 214 -62.43 3.10 -8.26
C LYS H 214 -60.99 3.33 -8.72
N GLU H 215 -60.69 4.54 -9.14
CA GLU H 215 -59.35 4.85 -9.62
C GLU H 215 -58.36 5.23 -8.52
N ALA H 216 -58.84 5.90 -7.48
CA ALA H 216 -57.98 6.31 -6.38
C ALA H 216 -57.61 5.13 -5.48
N LEU H 217 -58.49 4.13 -5.42
CA LEU H 217 -58.27 2.97 -4.57
C LEU H 217 -57.56 1.81 -5.26
N LEU H 218 -57.78 1.64 -6.56
CA LEU H 218 -57.16 0.54 -7.30
C LEU H 218 -55.88 0.90 -8.05
N ARG H 219 -55.36 2.11 -7.84
CA ARG H 219 -54.10 2.48 -8.46
C ARG H 219 -53.10 1.57 -7.77
N PRO H 220 -52.31 0.81 -8.54
CA PRO H 220 -51.31 -0.11 -7.99
C PRO H 220 -50.25 0.43 -7.04
N HIS H 221 -49.82 -0.44 -6.13
CA HIS H 221 -48.77 -0.15 -5.16
C HIS H 221 -47.60 0.35 -6.02
N ARG H 222 -46.90 1.40 -5.56
CA ARG H 222 -45.78 1.95 -6.32
C ARG H 222 -44.42 1.32 -6.00
N ALA H 223 -43.68 0.92 -7.03
CA ALA H 223 -42.36 0.33 -6.88
C ALA H 223 -41.29 1.40 -7.01
N TYR H 224 -40.37 1.43 -6.06
CA TYR H 224 -39.31 2.42 -6.08
C TYR H 224 -37.99 1.83 -6.57
N LEU H 225 -38.09 0.91 -7.52
CA LEU H 225 -36.93 0.23 -8.11
C LEU H 225 -36.12 1.24 -8.93
N LYS H 226 -36.83 2.16 -9.56
CA LYS H 226 -36.22 3.20 -10.38
C LYS H 226 -35.39 4.14 -9.50
N GLU H 227 -35.97 4.53 -8.37
CA GLU H 227 -35.33 5.44 -7.41
C GLU H 227 -34.02 4.90 -6.85
N PHE H 228 -34.01 3.62 -6.45
CA PHE H 228 -32.81 3.02 -5.89
C PHE H 228 -31.72 2.87 -6.95
N ARG H 229 -32.09 2.38 -8.12
CA ARG H 229 -31.12 2.20 -9.21
C ARG H 229 -30.59 3.54 -9.76
N LEU H 230 -30.89 4.61 -9.05
CA LEU H 230 -30.43 5.95 -9.41
C LEU H 230 -29.61 6.42 -8.22
N LEU H 231 -29.86 5.81 -7.07
CA LEU H 231 -29.16 6.15 -5.85
C LEU H 231 -27.89 5.31 -5.73
N TRP H 232 -27.97 4.04 -6.11
CA TRP H 232 -26.81 3.14 -6.04
C TRP H 232 -25.79 3.54 -7.09
N GLU H 233 -26.30 3.98 -8.24
CA GLU H 233 -25.47 4.39 -9.37
C GLU H 233 -24.77 5.73 -9.12
N ALA H 234 -25.42 6.62 -8.40
CA ALA H 234 -24.87 7.93 -8.09
C ALA H 234 -23.97 7.87 -6.87
N GLY H 235 -23.87 6.70 -6.27
CA GLY H 235 -23.03 6.54 -5.10
C GLY H 235 -23.55 7.15 -3.82
N VAL H 236 -24.87 7.36 -3.73
CA VAL H 236 -25.46 7.93 -2.53
C VAL H 236 -25.48 6.88 -1.39
N GLU H 237 -25.15 7.33 -0.19
CA GLU H 237 -25.09 6.47 0.99
C GLU H 237 -26.40 6.30 1.76
N LEU H 238 -26.90 5.07 1.78
CA LEU H 238 -28.13 4.73 2.50
C LEU H 238 -27.75 3.87 3.69
N HIS H 239 -28.48 4.01 4.80
CA HIS H 239 -28.20 3.21 5.99
C HIS H 239 -29.26 2.14 6.24
N ALA H 240 -30.50 2.49 5.96
CA ALA H 240 -31.63 1.60 6.12
C ALA H 240 -32.81 2.17 5.33
N ALA H 241 -33.82 1.35 5.05
CA ALA H 241 -34.97 1.81 4.30
C ALA H 241 -36.18 1.00 4.74
N ALA H 242 -37.21 1.68 5.20
CA ALA H 242 -38.42 0.99 5.64
C ALA H 242 -39.54 1.10 4.63
N HIS H 243 -40.11 -0.05 4.28
CA HIS H 243 -41.22 -0.12 3.34
C HIS H 243 -42.51 -0.04 4.16
N ILE H 244 -43.18 1.10 4.11
CA ILE H 244 -44.40 1.33 4.88
C ILE H 244 -45.58 0.50 4.41
N THR H 245 -45.71 -0.66 5.02
CA THR H 245 -46.79 -1.58 4.70
C THR H 245 -47.69 -1.76 5.92
N GLY H 246 -48.01 -3.02 6.23
CA GLY H 246 -48.87 -3.31 7.37
C GLY H 246 -48.44 -2.64 8.67
N GLY H 247 -49.38 -1.98 9.34
CA GLY H 247 -49.06 -1.29 10.58
C GLY H 247 -48.62 0.14 10.29
N GLY H 248 -48.32 0.41 9.03
CA GLY H 248 -47.92 1.75 8.62
C GLY H 248 -46.59 2.21 9.16
N LEU H 249 -46.48 3.51 9.44
CA LEU H 249 -45.27 4.12 9.94
C LEU H 249 -44.88 3.65 11.34
N PRO H 250 -45.83 3.65 12.28
CA PRO H 250 -45.49 3.21 13.64
C PRO H 250 -44.98 1.77 13.68
N GLU H 251 -45.44 0.95 12.75
CA GLU H 251 -45.03 -0.44 12.72
C GLU H 251 -43.77 -0.72 11.91
N ASN H 252 -43.65 -0.06 10.76
CA ASN H 252 -42.52 -0.26 9.85
C ASN H 252 -41.26 0.56 10.04
N LEU H 253 -41.38 1.86 10.22
CA LEU H 253 -40.17 2.66 10.37
C LEU H 253 -39.27 2.17 11.51
N PRO H 254 -39.86 1.83 12.67
CA PRO H 254 -39.03 1.36 13.78
C PRO H 254 -38.18 0.13 13.48
N ARG H 255 -38.65 -0.72 12.55
CA ARG H 255 -37.91 -1.93 12.20
C ARG H 255 -36.60 -1.66 11.48
N ALA H 256 -36.39 -0.40 11.10
CA ALA H 256 -35.16 0.00 10.41
C ALA H 256 -34.26 0.79 11.35
N LEU H 257 -34.72 0.93 12.59
CA LEU H 257 -33.99 1.68 13.61
C LEU H 257 -33.36 0.74 14.63
N PRO H 258 -32.17 1.11 15.14
CA PRO H 258 -31.45 0.32 16.13
C PRO H 258 -31.96 0.57 17.55
N PRO H 259 -31.62 -0.32 18.50
CA PRO H 259 -32.06 -0.17 19.89
C PRO H 259 -31.55 1.16 20.42
N GLY H 260 -32.45 1.96 20.99
CA GLY H 260 -32.06 3.23 21.52
C GLY H 260 -32.52 4.41 20.70
N LEU H 261 -32.54 4.26 19.37
CA LEU H 261 -32.96 5.35 18.50
C LEU H 261 -34.38 5.23 17.99
N GLY H 262 -35.03 6.38 17.86
CA GLY H 262 -36.39 6.43 17.38
C GLY H 262 -36.46 7.47 16.27
N ALA H 263 -37.67 7.81 15.84
CA ALA H 263 -37.82 8.79 14.78
C ALA H 263 -38.91 9.85 15.00
N GLU H 264 -38.55 11.11 14.73
CA GLU H 264 -39.48 12.24 14.83
C GLU H 264 -39.74 12.74 13.41
N VAL H 265 -41.00 12.70 12.99
CA VAL H 265 -41.40 13.14 11.66
C VAL H 265 -42.13 14.48 11.69
N ARG H 266 -41.75 15.39 10.80
CA ARG H 266 -42.37 16.71 10.69
C ARG H 266 -43.73 16.59 10.00
N ARG H 267 -44.79 17.03 10.69
CA ARG H 267 -46.14 16.98 10.11
C ARG H 267 -46.27 17.93 8.93
N GLY H 268 -46.84 17.45 7.83
CA GLY H 268 -47.01 18.30 6.67
C GLY H 268 -45.76 18.45 5.81
N SER H 269 -44.67 17.83 6.26
CA SER H 269 -43.39 17.89 5.54
C SER H 269 -43.42 17.11 4.23
N TRP H 270 -44.53 16.42 4.01
CA TRP H 270 -44.72 15.62 2.80
C TRP H 270 -46.19 15.69 2.41
N PRO H 271 -46.49 15.42 1.12
CA PRO H 271 -47.84 15.44 0.58
C PRO H 271 -48.62 14.17 0.89
N ILE H 272 -49.89 14.32 1.26
CA ILE H 272 -50.75 13.19 1.57
C ILE H 272 -51.82 13.04 0.50
N PRO H 273 -51.87 11.88 -0.17
CA PRO H 273 -52.87 11.65 -1.23
C PRO H 273 -54.28 11.91 -0.72
N PRO H 274 -55.03 12.79 -1.40
CA PRO H 274 -56.41 13.17 -1.03
C PRO H 274 -57.35 12.03 -0.63
N VAL H 275 -57.10 10.83 -1.13
CA VAL H 275 -57.97 9.70 -0.80
C VAL H 275 -57.93 9.34 0.69
N PHE H 276 -56.86 9.71 1.40
CA PHE H 276 -56.76 9.39 2.83
C PHE H 276 -57.65 10.26 3.71
N PRO H 277 -57.49 11.60 3.63
CA PRO H 277 -58.34 12.45 4.47
C PRO H 277 -59.81 12.30 4.10
N TYR H 278 -60.06 11.78 2.90
CA TYR H 278 -61.42 11.55 2.39
C TYR H 278 -62.00 10.35 3.14
N LEU H 279 -61.22 9.27 3.20
CA LEU H 279 -61.63 8.05 3.88
C LEU H 279 -61.78 8.30 5.38
N GLN H 280 -60.85 9.07 5.94
CA GLN H 280 -60.90 9.38 7.36
C GLN H 280 -62.21 10.09 7.66
N ARG H 281 -62.67 10.86 6.68
CA ARG H 281 -63.91 11.62 6.78
C ARG H 281 -65.10 10.71 6.51
N LEU H 282 -64.98 9.87 5.48
CA LEU H 282 -66.04 8.96 5.10
C LEU H 282 -66.32 7.91 6.19
N GLY H 283 -65.30 7.60 6.98
CA GLY H 283 -65.47 6.60 8.03
C GLY H 283 -65.30 7.11 9.44
N GLY H 284 -65.04 8.41 9.60
CA GLY H 284 -64.87 8.98 10.92
C GLY H 284 -63.74 8.28 11.64
N ILE H 285 -62.68 8.03 10.90
CA ILE H 285 -61.49 7.35 11.40
C ILE H 285 -60.56 8.28 12.18
N PRO H 286 -60.39 8.04 13.50
CA PRO H 286 -59.51 8.88 14.31
C PRO H 286 -58.07 8.92 13.81
N GLU H 287 -57.43 10.09 13.95
CA GLU H 287 -56.07 10.27 13.48
C GLU H 287 -55.13 9.10 13.74
N GLU H 288 -55.00 8.70 14.99
CA GLU H 288 -54.11 7.60 15.34
C GLU H 288 -54.33 6.35 14.51
N GLU H 289 -55.58 5.96 14.30
CA GLU H 289 -55.87 4.75 13.53
C GLU H 289 -55.43 4.87 12.08
N MET H 290 -55.64 6.03 11.49
CA MET H 290 -55.26 6.29 10.12
C MET H 290 -53.79 5.91 9.86
N TYR H 291 -52.91 6.38 10.75
CA TYR H 291 -51.47 6.11 10.66
C TYR H 291 -51.06 4.68 10.98
N ARG H 292 -51.82 4.03 11.85
CA ARG H 292 -51.53 2.65 12.23
C ARG H 292 -52.01 1.69 11.14
N VAL H 293 -52.71 2.23 10.15
CA VAL H 293 -53.26 1.40 9.06
C VAL H 293 -52.77 1.75 7.65
N PHE H 294 -52.69 3.05 7.34
CA PHE H 294 -52.30 3.50 6.00
C PHE H 294 -50.89 4.10 5.90
N ASN H 295 -50.35 4.11 4.67
CA ASN H 295 -49.02 4.66 4.46
C ASN H 295 -49.07 6.19 4.50
N MET H 296 -50.27 6.75 4.39
CA MET H 296 -50.48 8.19 4.44
C MET H 296 -49.56 9.04 3.58
N GLY H 297 -49.21 8.53 2.40
CA GLY H 297 -48.32 9.26 1.50
C GLY H 297 -46.88 8.77 1.50
N LEU H 298 -46.48 8.11 2.59
CA LEU H 298 -45.12 7.58 2.72
C LEU H 298 -45.08 6.14 2.21
N GLY H 299 -44.61 5.94 0.98
CA GLY H 299 -44.53 4.61 0.40
C GLY H 299 -43.35 3.87 0.99
N MET H 300 -42.25 4.61 1.18
CA MET H 300 -41.05 4.06 1.77
C MET H 300 -40.26 5.23 2.36
N VAL H 301 -39.60 5.00 3.49
CA VAL H 301 -38.81 6.04 4.11
C VAL H 301 -37.39 5.55 4.24
N LEU H 302 -36.49 6.17 3.48
CA LEU H 302 -35.08 5.81 3.48
C LEU H 302 -34.38 6.56 4.59
N VAL H 303 -33.46 5.87 5.26
CA VAL H 303 -32.69 6.47 6.33
C VAL H 303 -31.27 6.69 5.81
N LEU H 304 -30.81 7.93 5.85
CA LEU H 304 -29.48 8.30 5.36
C LEU H 304 -29.01 9.63 5.96
N PRO H 305 -27.69 9.91 5.87
CA PRO H 305 -27.12 11.15 6.40
C PRO H 305 -27.78 12.40 5.81
N GLN H 306 -27.82 13.48 6.58
CA GLN H 306 -28.42 14.73 6.10
C GLN H 306 -27.81 15.11 4.75
N GLU H 307 -26.48 15.08 4.68
CA GLU H 307 -25.78 15.41 3.45
C GLU H 307 -26.16 14.48 2.32
N ALA H 308 -26.32 13.19 2.62
CA ALA H 308 -26.69 12.20 1.62
C ALA H 308 -28.19 12.29 1.30
N ALA H 309 -28.94 12.91 2.21
CA ALA H 309 -30.37 13.09 2.02
C ALA H 309 -30.60 14.24 1.05
N GLU H 310 -29.88 15.34 1.25
CA GLU H 310 -30.00 16.51 0.39
C GLU H 310 -29.53 16.14 -1.02
N GLU H 311 -28.51 15.28 -1.07
CA GLU H 311 -27.93 14.83 -2.31
C GLU H 311 -28.87 13.89 -3.07
N ALA H 312 -29.72 13.19 -2.32
CA ALA H 312 -30.66 12.24 -2.90
C ALA H 312 -31.84 12.95 -3.58
N LEU H 313 -32.35 14.00 -2.95
CA LEU H 313 -33.48 14.73 -3.47
C LEU H 313 -33.21 15.37 -4.85
N LYS H 314 -31.94 15.54 -5.22
CA LYS H 314 -31.58 16.10 -6.51
C LYS H 314 -31.71 15.04 -7.60
N LEU H 315 -31.78 13.77 -7.19
CA LEU H 315 -31.89 12.67 -8.12
C LEU H 315 -33.25 11.99 -8.16
N VAL H 316 -33.97 12.00 -7.04
CA VAL H 316 -35.29 11.36 -6.96
C VAL H 316 -36.37 12.25 -6.33
N GLU H 317 -37.62 11.90 -6.55
CA GLU H 317 -38.74 12.63 -5.95
C GLU H 317 -38.94 12.09 -4.54
N GLY H 318 -38.57 12.89 -3.54
CA GLY H 318 -38.70 12.48 -2.17
C GLY H 318 -38.93 13.69 -1.29
N PHE H 319 -39.09 13.46 -0.01
CA PHE H 319 -39.35 14.55 0.92
C PHE H 319 -38.67 14.32 2.27
N LEU H 320 -37.83 15.26 2.69
CA LEU H 320 -37.19 15.15 3.98
C LEU H 320 -38.33 15.26 4.99
N VAL H 321 -38.75 14.12 5.50
CA VAL H 321 -39.87 14.07 6.43
C VAL H 321 -39.52 13.96 7.90
N GLY H 322 -38.24 13.80 8.22
CA GLY H 322 -37.89 13.67 9.61
C GLY H 322 -36.41 13.57 9.88
N ARG H 323 -36.09 13.03 11.06
CA ARG H 323 -34.72 12.89 11.47
C ARG H 323 -34.69 11.85 12.58
N VAL H 324 -33.60 11.10 12.63
CA VAL H 324 -33.44 10.06 13.63
C VAL H 324 -32.82 10.67 14.89
N VAL H 325 -33.32 10.26 16.04
CA VAL H 325 -32.86 10.77 17.32
C VAL H 325 -33.03 9.71 18.41
N PRO H 326 -32.43 9.94 19.59
CA PRO H 326 -32.54 8.98 20.70
C PRO H 326 -34.00 8.73 21.07
N GLY H 327 -34.23 7.65 21.79
CA GLY H 327 -35.59 7.30 22.20
C GLY H 327 -35.97 5.94 21.67
N GLU H 328 -37.09 5.87 20.96
CA GLU H 328 -37.57 4.61 20.39
C GLU H 328 -38.98 4.79 19.85
N GLY H 329 -39.25 4.18 18.71
CA GLY H 329 -40.56 4.29 18.12
C GLY H 329 -40.68 5.54 17.28
N VAL H 330 -41.86 5.80 16.74
CA VAL H 330 -42.06 6.97 15.92
C VAL H 330 -43.12 7.91 16.51
N ARG H 331 -42.93 9.21 16.29
CA ARG H 331 -43.87 10.22 16.78
C ARG H 331 -43.85 11.44 15.87
N LEU H 332 -45.04 11.95 15.54
CA LEU H 332 -45.17 13.12 14.68
C LEU H 332 -44.93 14.39 15.48
N VAL H 333 -44.09 15.27 14.96
CA VAL H 333 -43.77 16.51 15.66
C VAL H 333 -44.12 17.75 14.83
#